data_6QNE
#
_entry.id   6QNE
#
_cell.length_a   161.321
_cell.length_b   161.321
_cell.length_c   154.004
_cell.angle_alpha   90.00
_cell.angle_beta   90.00
_cell.angle_gamma   90.00
#
_symmetry.space_group_name_H-M   'I 4'
#
loop_
_entity.id
_entity.type
_entity.pdbx_description
1 polymer 'Sulfur oxygenase/reductase'
2 non-polymer 'FE (III) ION'
3 water water
#
_entity_poly.entity_id   1
_entity_poly.type   'polypeptide(L)'
_entity_poly.pdbx_seq_one_letter_code
;MPKPYVAINMAELKNEPKTFEMFASVGPKVCMVTARHPGFVGFQNHIQIGILPFGNRYGGAKMDMTKESSTVRVLQYTFW
KDWKDHEEMHRQNWSYLFRLCGSCASQMIWGPWEPIYEIIYANMPINTEMTDFTAVVGKKFAEGKPLDIPVISQPYGKRV
VAFAEHSVIPGKEKQFEDAIVRTLEMLKKAPGFLGAMVLKEIGVSGIGSMQFGAKGFHQVLENPGSLEPDPNNVMYSVPE
AKNTPQQYIVHVEWANTDALMFGMGRVLLYPELRQVHDEVLDTLVYGPYIRILNPMMEGTFWREYLNENAWRHPQFGG
;
_entity_poly.pdbx_strand_id   A,B,C,D,E,F
#
loop_
_chem_comp.id
_chem_comp.type
_chem_comp.name
_chem_comp.formula
FE non-polymer 'FE (III) ION' 'Fe 3'
#
# COMPACT_ATOMS: atom_id res chain seq x y z
N PRO A 2 14.22 31.81 19.76
CA PRO A 2 14.48 30.60 20.53
C PRO A 2 15.41 29.64 19.78
N LYS A 3 15.90 28.63 20.45
CA LYS A 3 16.72 27.62 19.79
C LYS A 3 15.86 26.67 18.96
N PRO A 4 16.10 26.59 17.65
CA PRO A 4 15.40 25.59 16.84
C PRO A 4 16.04 24.22 16.96
N TYR A 5 15.35 23.16 16.52
CA TYR A 5 15.98 21.87 16.36
C TYR A 5 16.62 21.82 14.98
N VAL A 6 17.56 20.90 14.81
CA VAL A 6 18.28 20.82 13.54
C VAL A 6 18.24 19.42 12.98
N ALA A 7 17.79 19.32 11.74
CA ALA A 7 17.95 18.07 10.99
C ALA A 7 19.12 18.23 10.03
N ILE A 8 20.03 17.25 9.98
CA ILE A 8 21.13 17.35 9.03
C ILE A 8 21.10 16.18 8.07
N ASN A 9 20.75 16.46 6.83
CA ASN A 9 20.72 15.42 5.82
C ASN A 9 22.13 15.23 5.24
N MET A 10 22.68 14.03 5.40
CA MET A 10 24.03 13.72 4.96
C MET A 10 24.05 12.73 3.81
N ALA A 11 24.92 12.98 2.83
CA ALA A 11 25.09 12.08 1.70
C ALA A 11 26.43 12.32 1.04
N GLU A 12 26.86 11.34 0.23
CA GLU A 12 28.09 11.38 -0.53
C GLU A 12 27.76 11.10 -1.98
N LEU A 13 28.25 11.96 -2.87
CA LEU A 13 27.92 11.86 -4.29
C LEU A 13 29.17 11.96 -5.13
N LYS A 14 29.08 11.56 -6.40
CA LYS A 14 30.21 11.69 -7.32
C LYS A 14 30.55 13.16 -7.50
N ASN A 15 31.86 13.46 -7.44
CA ASN A 15 32.36 14.81 -7.65
C ASN A 15 32.53 15.07 -9.14
N GLU A 16 31.45 15.49 -9.80
CA GLU A 16 31.51 15.79 -11.23
C GLU A 16 30.47 16.88 -11.55
N PRO A 17 30.58 17.51 -12.74
CA PRO A 17 29.64 18.58 -13.10
C PRO A 17 28.16 18.22 -12.97
N LYS A 18 27.78 17.01 -13.39
CA LYS A 18 26.39 16.59 -13.34
C LYS A 18 25.79 16.66 -11.93
N THR A 19 26.62 16.37 -10.92
CA THR A 19 26.19 16.44 -9.53
C THR A 19 25.83 17.88 -9.12
N PHE A 20 26.68 18.82 -9.49
CA PHE A 20 26.47 20.21 -9.11
C PHE A 20 25.34 20.83 -9.92
N GLU A 21 25.12 20.32 -11.12
CA GLU A 21 24.01 20.81 -11.92
C GLU A 21 22.69 20.45 -11.26
N MET A 22 22.56 19.24 -10.76
CA MET A 22 21.29 18.88 -10.14
C MET A 22 21.20 19.47 -8.74
N PHE A 23 22.34 19.83 -8.13
CA PHE A 23 22.29 20.66 -6.93
C PHE A 23 21.53 21.93 -7.27
N ALA A 24 21.81 22.47 -8.45
CA ALA A 24 21.22 23.74 -8.89
C ALA A 24 19.76 23.58 -9.26
N SER A 25 19.39 22.41 -9.75
CA SER A 25 18.01 22.16 -10.19
C SER A 25 17.13 21.67 -9.05
N VAL A 26 17.58 20.65 -8.36
CA VAL A 26 16.77 19.96 -7.35
C VAL A 26 16.83 20.65 -5.98
N GLY A 27 18.01 21.13 -5.61
CA GLY A 27 18.22 21.80 -4.33
C GLY A 27 17.19 22.88 -3.98
N PRO A 28 17.03 23.87 -4.86
CA PRO A 28 16.01 24.90 -4.61
C PRO A 28 14.60 24.30 -4.47
N LYS A 29 14.28 23.28 -5.25
CA LYS A 29 12.94 22.70 -5.17
C LYS A 29 12.64 22.08 -3.80
N VAL A 30 13.60 21.31 -3.30
CA VAL A 30 13.43 20.68 -2.00
C VAL A 30 13.23 21.73 -0.92
N CYS A 31 14.05 22.78 -0.94
CA CYS A 31 13.94 23.85 0.06
C CYS A 31 12.58 24.53 0.02
N MET A 32 12.05 24.74 -1.18
CA MET A 32 10.73 25.36 -1.33
C MET A 32 9.62 24.46 -0.77
N VAL A 33 9.77 23.14 -0.96
CA VAL A 33 8.79 22.23 -0.41
C VAL A 33 8.84 22.23 1.12
N THR A 34 10.04 22.22 1.70
CA THR A 34 10.14 22.21 3.15
C THR A 34 9.54 23.50 3.73
N ALA A 35 9.62 24.59 2.97
CA ALA A 35 9.09 25.88 3.43
C ALA A 35 7.56 25.94 3.42
N ARG A 36 6.92 24.86 2.98
CA ARG A 36 5.45 24.77 3.07
C ARG A 36 4.98 24.65 4.51
N HIS A 37 5.87 24.18 5.38
CA HIS A 37 5.52 23.93 6.78
C HIS A 37 5.83 25.14 7.67
N PRO A 38 4.86 25.55 8.51
CA PRO A 38 5.02 26.77 9.31
C PRO A 38 6.07 26.62 10.41
N GLY A 39 6.46 25.38 10.72
CA GLY A 39 7.49 25.15 11.70
C GLY A 39 8.91 25.24 11.13
N PHE A 40 9.00 25.39 9.81
CA PHE A 40 10.29 25.57 9.13
C PHE A 40 10.83 26.98 9.39
N VAL A 41 12.04 27.10 9.94
CA VAL A 41 12.57 28.44 10.19
C VAL A 41 13.84 28.72 9.38
N GLY A 42 14.23 27.81 8.50
CA GLY A 42 15.34 28.10 7.61
C GLY A 42 16.26 26.93 7.41
N PHE A 43 17.38 27.17 6.72
CA PHE A 43 18.28 26.09 6.34
C PHE A 43 19.67 26.64 6.06
N GLN A 44 20.64 25.73 6.09
CA GLN A 44 22.02 26.06 5.78
C GLN A 44 22.65 24.82 5.15
N ASN A 45 22.85 24.86 3.84
CA ASN A 45 23.36 23.67 3.14
C ASN A 45 24.84 23.78 2.84
N HIS A 46 25.59 22.71 3.13
CA HIS A 46 27.05 22.72 3.06
C HIS A 46 27.57 21.69 2.06
N ILE A 47 28.69 22.02 1.46
CA ILE A 47 29.50 21.02 0.77
C ILE A 47 30.78 20.90 1.55
N GLN A 48 31.22 19.67 1.81
CA GLN A 48 32.52 19.48 2.43
C GLN A 48 33.62 19.78 1.41
N ILE A 49 34.53 20.68 1.76
CA ILE A 49 35.62 20.99 0.84
C ILE A 49 36.91 20.33 1.25
N GLY A 50 36.97 19.87 2.51
CA GLY A 50 38.15 19.17 2.97
C GLY A 50 38.06 18.71 4.41
N ILE A 51 39.23 18.41 4.97
CA ILE A 51 39.38 17.84 6.30
C ILE A 51 40.54 18.53 6.98
N LEU A 52 40.38 18.88 8.25
CA LEU A 52 41.47 19.49 9.02
C LEU A 52 42.54 18.44 9.35
N PRO A 53 43.77 18.65 8.87
CA PRO A 53 44.79 17.60 9.01
C PRO A 53 45.44 17.45 10.39
N PHE A 54 45.28 18.43 11.29
CA PHE A 54 45.88 18.36 12.62
C PHE A 54 47.39 18.15 12.54
N GLY A 55 48.07 18.97 11.76
CA GLY A 55 49.49 18.76 11.52
C GLY A 55 49.64 17.70 10.46
N ASN A 56 50.04 16.49 10.85
CA ASN A 56 50.02 15.38 9.91
C ASN A 56 49.35 14.15 10.49
N ARG A 57 48.48 14.35 11.48
CA ARG A 57 47.65 13.26 12.01
C ARG A 57 46.82 12.65 10.87
N TYR A 58 46.20 13.51 10.07
CA TYR A 58 45.59 13.09 8.82
C TYR A 58 46.42 13.73 7.71
N GLY A 59 47.63 13.24 7.56
CA GLY A 59 48.59 13.83 6.64
C GLY A 59 48.22 13.72 5.17
N GLY A 60 47.26 12.85 4.87
CA GLY A 60 46.75 12.71 3.52
C GLY A 60 45.66 13.71 3.22
N ALA A 61 45.19 14.43 4.24
CA ALA A 61 44.10 15.38 4.03
C ALA A 61 44.63 16.81 3.87
N LYS A 62 43.79 17.68 3.33
CA LYS A 62 44.04 19.11 3.45
C LYS A 62 42.71 19.83 3.51
N MET A 63 42.76 21.10 3.86
CA MET A 63 41.52 21.82 4.12
C MET A 63 40.69 21.99 2.84
N ASP A 64 41.35 22.02 1.67
CA ASP A 64 40.61 22.04 0.42
C ASP A 64 41.08 20.93 -0.50
N MET A 65 40.29 19.88 -0.58
CA MET A 65 40.58 18.71 -1.39
C MET A 65 39.68 18.62 -2.63
N THR A 66 38.98 19.70 -2.95
CA THR A 66 37.96 19.67 -4.00
C THR A 66 38.50 19.36 -5.41
N LYS A 67 39.72 19.79 -5.70
CA LYS A 67 40.29 19.58 -7.04
C LYS A 67 40.73 18.14 -7.26
N GLU A 68 40.94 17.39 -6.18
CA GLU A 68 41.47 16.04 -6.31
C GLU A 68 40.45 14.97 -5.89
N SER A 69 39.45 15.34 -5.11
CA SER A 69 38.53 14.34 -4.59
C SER A 69 37.58 13.79 -5.65
N SER A 70 37.32 12.48 -5.58
CA SER A 70 36.39 11.84 -6.50
C SER A 70 34.93 11.92 -6.01
N THR A 71 34.74 12.37 -4.78
CA THR A 71 33.39 12.42 -4.22
C THR A 71 33.13 13.80 -3.61
N VAL A 72 31.86 14.10 -3.35
CA VAL A 72 31.51 15.32 -2.62
C VAL A 72 30.49 14.95 -1.55
N ARG A 73 30.75 15.38 -0.31
CA ARG A 73 29.83 15.11 0.78
C ARG A 73 29.00 16.36 1.05
N VAL A 74 27.69 16.19 1.19
CA VAL A 74 26.82 17.32 1.52
C VAL A 74 26.24 17.13 2.91
N LEU A 75 26.02 18.25 3.59
CA LEU A 75 25.43 18.29 4.91
C LEU A 75 24.43 19.42 4.89
N GLN A 76 23.17 19.05 4.79
CA GLN A 76 22.11 20.01 4.58
C GLN A 76 21.34 20.17 5.87
N TYR A 77 21.54 21.32 6.52
CA TYR A 77 20.87 21.64 7.77
C TYR A 77 19.49 22.22 7.50
N THR A 78 18.45 21.66 8.12
CA THR A 78 17.19 22.38 8.14
C THR A 78 16.81 22.63 9.58
N PHE A 79 16.26 23.81 9.84
CA PHE A 79 15.96 24.24 11.20
C PHE A 79 14.46 24.26 11.46
N TRP A 80 14.05 23.83 12.66
CA TRP A 80 12.65 23.58 12.97
C TRP A 80 12.28 24.09 14.35
N LYS A 81 11.09 24.68 14.48
CA LYS A 81 10.58 25.09 15.79
C LYS A 81 10.51 23.92 16.75
N ASP A 82 9.99 22.81 16.25
CA ASP A 82 9.85 21.56 16.99
C ASP A 82 10.39 20.47 16.06
N TRP A 83 11.16 19.51 16.57
CA TRP A 83 11.72 18.50 15.68
C TRP A 83 10.59 17.69 15.04
N LYS A 84 9.45 17.62 15.72
CA LYS A 84 8.29 16.93 15.18
C LYS A 84 7.74 17.60 13.91
N ASP A 85 8.01 18.90 13.77
CA ASP A 85 7.64 19.62 12.55
C ASP A 85 8.34 19.03 11.33
N HIS A 86 9.60 18.63 11.51
CA HIS A 86 10.37 18.02 10.43
C HIS A 86 9.71 16.73 10.00
N GLU A 87 9.31 15.92 10.97
CA GLU A 87 8.69 14.64 10.67
C GLU A 87 7.34 14.81 10.00
N GLU A 88 6.57 15.78 10.48
CA GLU A 88 5.27 16.09 9.90
C GLU A 88 5.41 16.60 8.47
N MET A 89 6.37 17.51 8.26
CA MET A 89 6.62 18.07 6.92
C MET A 89 6.91 16.97 5.91
N HIS A 90 7.78 16.04 6.29
CA HIS A 90 8.15 14.95 5.38
C HIS A 90 6.96 14.11 4.94
N ARG A 91 6.09 13.78 5.90
CA ARG A 91 4.94 12.94 5.62
C ARG A 91 3.88 13.69 4.82
N GLN A 92 3.62 14.95 5.18
CA GLN A 92 2.62 15.76 4.47
C GLN A 92 3.03 16.08 3.02
N ASN A 93 4.32 16.14 2.74
CA ASN A 93 4.79 16.53 1.42
C ASN A 93 5.59 15.42 0.76
N TRP A 94 5.28 14.19 1.17
CA TRP A 94 6.06 13.02 0.78
C TRP A 94 6.16 12.81 -0.74
N SER A 95 5.06 13.02 -1.45
CA SER A 95 5.05 12.75 -2.89
C SER A 95 6.06 13.63 -3.60
N TYR A 96 6.16 14.89 -3.17
CA TYR A 96 7.14 15.82 -3.75
C TYR A 96 8.56 15.45 -3.34
N LEU A 97 8.78 15.33 -2.04
CA LEU A 97 10.12 15.10 -1.51
C LEU A 97 10.76 13.82 -2.00
N PHE A 98 10.01 12.72 -1.95
CA PHE A 98 10.61 11.47 -2.40
C PHE A 98 10.99 11.53 -3.88
N ARG A 99 10.11 12.09 -4.70
CA ARG A 99 10.37 12.15 -6.13
C ARG A 99 11.52 13.10 -6.46
N LEU A 100 11.66 14.17 -5.67
CA LEU A 100 12.77 15.09 -5.83
C LEU A 100 14.10 14.44 -5.46
N CYS A 101 14.16 13.87 -4.26
CA CYS A 101 15.40 13.27 -3.76
C CYS A 101 15.75 12.04 -4.60
N GLY A 102 14.73 11.39 -5.14
CA GLY A 102 14.91 10.24 -6.00
C GLY A 102 15.71 10.56 -7.24
N SER A 103 15.62 11.81 -7.69
CA SER A 103 16.33 12.23 -8.91
C SER A 103 17.85 12.38 -8.70
N CYS A 104 18.30 12.25 -7.45
CA CYS A 104 19.73 12.32 -7.15
C CYS A 104 20.42 10.98 -7.30
N ALA A 105 19.61 9.93 -7.49
CA ALA A 105 20.06 8.55 -7.44
C ALA A 105 21.28 8.27 -8.30
N SER A 106 21.29 8.77 -9.54
CA SER A 106 22.36 8.48 -10.49
C SER A 106 23.73 8.95 -10.01
N GLN A 107 23.75 9.86 -9.03
CA GLN A 107 24.99 10.42 -8.51
C GLN A 107 25.37 9.93 -7.10
N MET A 108 24.45 9.20 -6.46
CA MET A 108 24.60 8.84 -5.05
C MET A 108 25.56 7.68 -4.80
N ILE A 109 26.39 7.82 -3.77
CA ILE A 109 27.28 6.74 -3.37
C ILE A 109 26.95 6.24 -1.97
N TRP A 110 26.53 7.15 -1.09
CA TRP A 110 26.15 6.82 0.28
C TRP A 110 25.10 7.84 0.77
N GLY A 111 24.17 7.39 1.62
CA GLY A 111 23.12 8.25 2.12
C GLY A 111 21.78 8.01 1.41
N PRO A 112 20.76 8.81 1.74
CA PRO A 112 20.84 9.90 2.73
C PRO A 112 20.76 9.37 4.15
N TRP A 113 21.34 10.11 5.07
CA TRP A 113 21.32 9.78 6.48
C TRP A 113 21.01 11.06 7.21
N GLU A 114 19.95 11.07 8.00
CA GLU A 114 19.50 12.34 8.57
C GLU A 114 19.26 12.32 10.08
N PRO A 115 20.33 12.45 10.86
CA PRO A 115 20.17 12.61 12.31
C PRO A 115 19.45 13.91 12.65
N ILE A 116 18.80 13.94 13.82
CA ILE A 116 18.15 15.14 14.33
C ILE A 116 18.88 15.57 15.60
N TYR A 117 19.02 16.88 15.80
CA TYR A 117 19.78 17.44 16.91
C TYR A 117 19.02 18.48 17.68
N GLU A 118 19.29 18.56 18.98
CA GLU A 118 18.94 19.73 19.76
C GLU A 118 20.18 20.60 19.88
N ILE A 119 19.96 21.92 19.91
CA ILE A 119 21.02 22.88 20.14
C ILE A 119 21.13 23.16 21.63
N ILE A 120 22.27 22.83 22.23
CA ILE A 120 22.43 23.02 23.67
C ILE A 120 23.26 24.27 23.97
N TYR A 121 23.84 24.85 22.94
CA TYR A 121 24.59 26.08 23.07
C TYR A 121 24.67 26.76 21.72
N ALA A 122 24.42 28.07 21.68
CA ALA A 122 24.55 28.78 20.43
C ALA A 122 25.02 30.21 20.65
N ASN A 123 26.08 30.57 19.94
CA ASN A 123 26.55 31.93 19.84
C ASN A 123 26.66 32.23 18.35
N MET A 124 25.53 32.51 17.70
CA MET A 124 25.52 32.62 16.24
C MET A 124 24.84 33.92 15.80
N PRO A 125 25.57 34.77 15.07
CA PRO A 125 25.01 36.06 14.66
C PRO A 125 24.12 35.94 13.42
N ILE A 126 23.33 36.96 13.15
CA ILE A 126 22.68 37.04 11.84
C ILE A 126 23.79 37.22 10.80
N ASN A 127 23.55 36.74 9.59
CA ASN A 127 24.46 36.98 8.48
C ASN A 127 24.26 38.38 7.92
N THR A 128 25.33 38.99 7.47
CA THR A 128 25.28 40.25 6.74
C THR A 128 26.31 40.24 5.62
N GLU A 129 25.98 40.90 4.51
CA GLU A 129 26.97 41.13 3.46
C GLU A 129 27.82 42.34 3.85
N MET A 130 28.97 42.50 3.22
CA MET A 130 29.84 43.64 3.50
C MET A 130 29.15 44.98 3.22
N THR A 131 28.09 44.96 2.42
CA THR A 131 27.35 46.17 2.09
C THR A 131 26.42 46.60 3.23
N ASP A 132 26.14 45.70 4.15
CA ASP A 132 25.09 45.94 5.14
C ASP A 132 25.58 46.66 6.40
N PHE A 133 26.87 46.58 6.69
CA PHE A 133 27.33 46.85 8.06
C PHE A 133 27.10 48.30 8.48
N THR A 134 27.14 49.21 7.52
CA THR A 134 26.91 50.62 7.81
C THR A 134 25.52 50.84 8.42
N ALA A 135 24.50 50.26 7.78
CA ALA A 135 23.12 50.38 8.24
C ALA A 135 22.90 49.67 9.56
N VAL A 136 23.57 48.53 9.74
CA VAL A 136 23.51 47.80 10.99
C VAL A 136 24.08 48.65 12.12
N VAL A 137 25.27 49.21 11.91
CA VAL A 137 25.89 50.09 12.90
C VAL A 137 24.99 51.28 13.24
N GLY A 138 24.46 51.95 12.21
CA GLY A 138 23.56 53.08 12.43
C GLY A 138 22.35 52.72 13.27
N LYS A 139 21.72 51.61 12.93
CA LYS A 139 20.51 51.17 13.61
C LYS A 139 20.81 50.81 15.07
N LYS A 140 21.90 50.07 15.29
CA LYS A 140 22.20 49.63 16.67
C LYS A 140 22.55 50.80 17.58
N PHE A 141 23.33 51.75 17.06
CA PHE A 141 23.64 52.95 17.86
C PHE A 141 22.41 53.81 18.06
N ALA A 142 21.54 53.90 17.06
CA ALA A 142 20.30 54.67 17.19
C ALA A 142 19.40 54.13 18.31
N GLU A 143 19.43 52.81 18.51
CA GLU A 143 18.62 52.16 19.53
C GLU A 143 19.34 52.07 20.88
N GLY A 144 20.55 52.60 20.95
CA GLY A 144 21.35 52.49 22.16
C GLY A 144 21.86 51.08 22.45
N LYS A 145 22.11 50.29 21.41
CA LYS A 145 22.59 48.92 21.63
C LYS A 145 23.84 48.54 20.84
N PRO A 146 24.95 49.25 21.08
CA PRO A 146 26.17 48.97 20.32
C PRO A 146 26.72 47.55 20.56
N LEU A 147 26.38 46.94 21.69
CA LEU A 147 26.81 45.56 21.96
C LEU A 147 26.09 44.56 21.07
N ASP A 148 25.01 44.97 20.41
CA ASP A 148 24.28 44.06 19.55
C ASP A 148 24.82 44.13 18.12
N ILE A 149 25.91 44.85 17.92
CA ILE A 149 26.54 44.88 16.61
C ILE A 149 27.36 43.61 16.40
N PRO A 150 26.98 42.77 15.41
CA PRO A 150 27.71 41.52 15.23
C PRO A 150 28.98 41.65 14.38
N VAL A 151 29.80 40.60 14.38
CA VAL A 151 30.84 40.47 13.37
C VAL A 151 30.14 40.37 12.02
N ILE A 152 30.90 40.55 10.94
CA ILE A 152 30.34 40.39 9.60
C ILE A 152 30.49 38.95 9.16
N SER A 153 29.39 38.20 9.21
CA SER A 153 29.37 36.80 8.79
C SER A 153 28.67 36.71 7.45
N GLN A 154 29.45 36.68 6.38
CA GLN A 154 28.92 36.79 5.02
C GLN A 154 28.27 35.49 4.55
N PRO A 155 27.07 35.59 3.99
CA PRO A 155 26.32 34.42 3.51
C PRO A 155 26.79 33.90 2.15
N TYR A 156 26.27 32.74 1.78
CA TYR A 156 26.37 32.20 0.42
C TYR A 156 27.83 31.94 0.02
N GLY A 157 28.51 31.09 0.78
CA GLY A 157 29.81 30.61 0.38
C GLY A 157 30.96 31.53 0.70
N LYS A 158 30.72 32.59 1.47
CA LYS A 158 31.77 33.58 1.68
C LYS A 158 32.35 33.55 3.10
N ARG A 159 32.29 32.37 3.71
CA ARG A 159 32.92 32.08 4.99
C ARG A 159 33.08 30.56 5.01
N VAL A 160 33.69 30.02 6.06
CA VAL A 160 33.88 28.57 6.12
C VAL A 160 33.46 28.03 7.50
N VAL A 161 33.17 26.72 7.55
CA VAL A 161 32.69 26.08 8.77
C VAL A 161 33.63 24.93 9.18
N ALA A 162 33.95 24.89 10.47
CA ALA A 162 34.59 23.73 11.06
C ALA A 162 33.49 22.89 11.68
N PHE A 163 33.34 21.68 11.16
CA PHE A 163 32.30 20.73 11.57
C PHE A 163 33.02 19.64 12.35
N ALA A 164 32.98 19.75 13.68
CA ALA A 164 33.79 18.88 14.54
C ALA A 164 32.95 17.77 15.16
N GLU A 165 33.21 16.52 14.74
CA GLU A 165 32.47 15.37 15.26
C GLU A 165 33.04 14.84 16.56
N HIS A 166 32.14 14.59 17.53
CA HIS A 166 32.50 14.03 18.84
C HIS A 166 31.49 12.93 19.23
N SER A 167 31.99 11.85 19.81
CA SER A 167 31.14 10.92 20.54
C SER A 167 31.70 10.80 21.96
N VAL A 168 30.81 10.72 22.94
CA VAL A 168 31.21 10.88 24.33
C VAL A 168 30.98 9.60 25.12
N ILE A 169 31.93 9.29 26.00
CA ILE A 169 31.85 8.15 26.90
C ILE A 169 30.58 8.23 27.73
N PRO A 170 29.77 7.15 27.73
CA PRO A 170 28.53 7.19 28.51
C PRO A 170 28.81 7.55 29.96
N GLY A 171 28.09 8.54 30.47
CA GLY A 171 28.33 9.01 31.80
C GLY A 171 29.15 10.29 31.87
N LYS A 172 29.78 10.69 30.76
CA LYS A 172 30.60 11.89 30.77
C LYS A 172 29.98 13.05 29.98
N GLU A 173 28.71 12.92 29.62
CA GLU A 173 28.03 13.95 28.84
C GLU A 173 28.02 15.32 29.54
N LYS A 174 27.77 15.32 30.85
CA LYS A 174 27.74 16.58 31.60
C LYS A 174 29.10 17.27 31.57
N GLN A 175 30.17 16.52 31.78
CA GLN A 175 31.51 17.10 31.70
C GLN A 175 31.77 17.61 30.29
N PHE A 176 31.42 16.83 29.26
CA PHE A 176 31.65 17.29 27.88
C PHE A 176 30.93 18.63 27.64
N GLU A 177 29.66 18.68 28.01
CA GLU A 177 28.85 19.85 27.71
C GLU A 177 29.33 21.07 28.49
N ASP A 178 29.70 20.89 29.76
CA ASP A 178 30.22 22.02 30.53
C ASP A 178 31.54 22.51 29.94
N ALA A 179 32.43 21.57 29.64
CA ALA A 179 33.76 21.92 29.15
C ALA A 179 33.72 22.52 27.73
N ILE A 180 32.83 22.03 26.86
CA ILE A 180 32.86 22.55 25.48
C ILE A 180 32.28 23.98 25.45
N VAL A 181 31.30 24.27 26.31
CA VAL A 181 30.77 25.62 26.36
C VAL A 181 31.81 26.60 26.89
N ARG A 182 32.52 26.21 27.95
CA ARG A 182 33.61 27.03 28.47
C ARG A 182 34.63 27.25 27.37
N THR A 183 34.92 26.21 26.61
CA THR A 183 35.86 26.30 25.49
C THR A 183 35.39 27.30 24.42
N LEU A 184 34.14 27.18 24.01
CA LEU A 184 33.64 28.04 22.94
C LEU A 184 33.52 29.50 23.40
N GLU A 185 33.25 29.69 24.68
CA GLU A 185 33.17 31.04 25.23
C GLU A 185 34.53 31.72 25.18
N MET A 186 35.60 30.94 25.33
CA MET A 186 36.95 31.48 25.23
C MET A 186 37.42 31.59 23.78
N LEU A 187 36.96 30.66 22.95
CA LEU A 187 37.40 30.59 21.58
C LEU A 187 36.96 31.83 20.77
N LYS A 188 35.91 32.52 21.23
CA LYS A 188 35.36 33.61 20.45
C LYS A 188 36.31 34.82 20.36
N LYS A 189 37.38 34.79 21.15
CA LYS A 189 38.44 35.81 21.09
C LYS A 189 39.35 35.68 19.86
N ALA A 190 39.35 34.51 19.22
CA ALA A 190 40.22 34.30 18.05
C ALA A 190 39.77 35.19 16.90
N PRO A 191 40.75 35.74 16.15
CA PRO A 191 40.43 36.55 14.97
C PRO A 191 39.62 35.77 13.95
N GLY A 192 38.60 36.40 13.39
CA GLY A 192 37.82 35.79 12.33
C GLY A 192 36.82 34.77 12.83
N PHE A 193 36.63 34.70 14.15
CA PHE A 193 35.60 33.84 14.73
C PHE A 193 34.23 34.42 14.38
N LEU A 194 33.36 33.61 13.77
CA LEU A 194 32.07 34.12 13.31
C LEU A 194 30.90 33.49 14.06
N GLY A 195 31.18 32.65 15.06
CA GLY A 195 30.12 32.04 15.83
C GLY A 195 30.28 30.54 16.04
N ALA A 196 29.58 29.99 17.02
CA ALA A 196 29.65 28.57 17.29
C ALA A 196 28.33 28.04 17.86
N MET A 197 28.06 26.76 17.62
CA MET A 197 26.95 26.13 18.31
C MET A 197 27.29 24.67 18.55
N VAL A 198 26.66 24.10 19.58
CA VAL A 198 26.84 22.70 19.91
C VAL A 198 25.54 21.95 19.68
N LEU A 199 25.61 20.93 18.84
CA LEU A 199 24.47 20.10 18.48
C LEU A 199 24.57 18.76 19.17
N LYS A 200 23.47 18.35 19.78
CA LYS A 200 23.40 17.08 20.50
C LYS A 200 22.35 16.18 19.87
N GLU A 201 22.75 15.00 19.39
CA GLU A 201 21.81 14.15 18.67
C GLU A 201 20.68 13.68 19.59
N ILE A 202 19.45 13.76 19.10
CA ILE A 202 18.29 13.25 19.85
C ILE A 202 17.68 12.04 19.15
N GLY A 203 18.15 11.76 17.94
CA GLY A 203 17.64 10.64 17.19
C GLY A 203 17.94 10.74 15.72
N VAL A 204 17.26 9.91 14.94
CA VAL A 204 17.43 9.85 13.48
C VAL A 204 16.08 9.76 12.79
N SER A 205 15.91 10.55 11.73
CA SER A 205 14.70 10.49 10.92
C SER A 205 14.75 9.33 9.91
N GLY A 206 13.98 8.27 10.18
CA GLY A 206 13.91 7.13 9.27
C GLY A 206 13.44 7.54 7.89
N ILE A 207 12.39 8.35 7.85
CA ILE A 207 11.82 8.72 6.56
C ILE A 207 12.82 9.57 5.77
N GLY A 208 13.52 10.47 6.47
CA GLY A 208 14.52 11.32 5.82
C GLY A 208 15.76 10.53 5.40
N SER A 209 15.95 9.36 5.97
CA SER A 209 17.11 8.51 5.65
C SER A 209 16.73 7.40 4.69
N MET A 210 15.50 7.43 4.19
CA MET A 210 14.98 6.35 3.33
C MET A 210 15.17 4.98 3.99
N GLN A 211 14.97 4.93 5.30
CA GLN A 211 15.07 3.69 6.06
C GLN A 211 13.69 3.19 6.47
N PHE A 212 13.18 2.26 5.68
CA PHE A 212 11.85 1.73 5.91
C PHE A 212 11.94 0.27 6.38
N GLY A 213 10.78 -0.33 6.66
CA GLY A 213 10.72 -1.76 6.82
C GLY A 213 10.86 -2.43 5.46
N ALA A 214 10.62 -3.73 5.41
CA ALA A 214 10.73 -4.51 4.18
C ALA A 214 9.91 -3.93 3.03
N LYS A 215 8.67 -3.53 3.31
CA LYS A 215 7.79 -3.04 2.25
C LYS A 215 8.35 -1.79 1.56
N GLY A 216 8.72 -0.78 2.36
CA GLY A 216 9.28 0.46 1.81
C GLY A 216 10.62 0.27 1.15
N PHE A 217 11.44 -0.61 1.72
CA PHE A 217 12.74 -0.94 1.16
C PHE A 217 12.59 -1.44 -0.29
N HIS A 218 11.71 -2.41 -0.50
CA HIS A 218 11.49 -2.90 -1.88
C HIS A 218 10.95 -1.81 -2.80
N GLN A 219 10.06 -0.95 -2.26
CA GLN A 219 9.51 0.15 -3.05
C GLN A 219 10.60 1.15 -3.45
N VAL A 220 11.54 1.40 -2.55
CA VAL A 220 12.65 2.29 -2.86
C VAL A 220 13.52 1.71 -4.00
N LEU A 221 13.91 0.45 -3.85
CA LEU A 221 14.77 -0.21 -4.83
C LEU A 221 14.08 -0.36 -6.18
N GLU A 222 12.78 -0.61 -6.18
CA GLU A 222 12.05 -0.93 -7.40
C GLU A 222 11.48 0.31 -8.09
N ASN A 223 11.65 1.46 -7.44
CA ASN A 223 11.00 2.69 -7.89
C ASN A 223 11.47 3.19 -9.26
N PRO A 224 10.52 3.42 -10.18
CA PRO A 224 10.88 4.03 -11.47
C PRO A 224 11.16 5.53 -11.32
N GLY A 225 10.79 6.11 -10.18
CA GLY A 225 11.04 7.51 -9.94
C GLY A 225 9.79 8.28 -9.53
N SER A 226 8.63 7.77 -9.91
CA SER A 226 7.38 8.49 -9.71
C SER A 226 6.40 7.76 -8.80
N LEU A 227 6.89 6.79 -8.04
CA LEU A 227 6.05 6.02 -7.13
C LEU A 227 6.65 5.98 -5.73
N GLU A 228 6.12 6.78 -4.81
CA GLU A 228 6.67 6.88 -3.47
C GLU A 228 6.43 5.62 -2.65
N PRO A 229 7.41 5.26 -1.82
CA PRO A 229 7.23 4.20 -0.83
C PRO A 229 6.19 4.60 0.21
N ASP A 230 5.64 3.60 0.90
CA ASP A 230 4.70 3.86 1.99
C ASP A 230 5.38 4.59 3.15
N PRO A 231 5.01 5.87 3.38
CA PRO A 231 5.63 6.67 4.44
C PRO A 231 5.27 6.18 5.85
N ASN A 232 4.22 5.37 5.96
CA ASN A 232 3.83 4.81 7.25
C ASN A 232 4.66 3.55 7.55
N ASN A 233 5.52 3.14 6.63
CA ASN A 233 6.33 1.94 6.82
C ASN A 233 7.70 2.21 7.49
N VAL A 234 7.88 3.39 8.06
CA VAL A 234 9.05 3.63 8.89
C VAL A 234 8.84 2.90 10.23
N MET A 235 9.81 2.09 10.63
CA MET A 235 9.60 1.16 11.76
C MET A 235 10.06 1.68 13.12
N TYR A 236 10.72 2.84 13.13
CA TYR A 236 11.18 3.41 14.38
C TYR A 236 10.94 4.93 14.46
N SER A 237 10.71 5.41 15.68
CA SER A 237 10.54 6.83 15.93
C SER A 237 11.92 7.47 15.98
N VAL A 238 11.98 8.79 15.90
CA VAL A 238 13.25 9.48 15.91
C VAL A 238 14.09 9.12 17.14
N PRO A 239 13.53 9.25 18.36
CA PRO A 239 14.36 8.94 19.54
C PRO A 239 14.81 7.48 19.65
N GLU A 240 14.07 6.55 19.06
CA GLU A 240 14.46 5.14 19.11
C GLU A 240 15.82 4.88 18.46
N ALA A 241 16.21 5.76 17.55
CA ALA A 241 17.47 5.59 16.83
C ALA A 241 18.61 6.41 17.43
N LYS A 242 18.35 7.14 18.53
CA LYS A 242 19.40 7.97 19.11
C LYS A 242 20.59 7.13 19.53
N ASN A 243 21.79 7.55 19.15
CA ASN A 243 22.97 6.75 19.42
C ASN A 243 23.51 6.89 20.83
N THR A 244 23.95 5.75 21.38
CA THR A 244 24.84 5.70 22.54
C THR A 244 26.06 4.89 22.14
N PRO A 245 27.28 5.44 22.30
CA PRO A 245 27.71 6.74 22.82
C PRO A 245 27.03 7.96 22.17
N GLN A 246 26.73 8.94 23.01
CA GLN A 246 26.11 10.19 22.61
C GLN A 246 26.98 10.92 21.58
N GLN A 247 26.36 11.33 20.48
CA GLN A 247 27.05 12.07 19.43
C GLN A 247 26.76 13.57 19.54
N TYR A 248 27.79 14.36 19.29
CA TYR A 248 27.66 15.81 19.23
C TYR A 248 28.32 16.36 17.99
N ILE A 249 27.84 17.49 17.52
CA ILE A 249 28.57 18.27 16.55
C ILE A 249 28.97 19.60 17.18
N VAL A 250 30.25 19.94 17.12
CA VAL A 250 30.68 21.28 17.47
C VAL A 250 30.89 22.04 16.15
N HIS A 251 30.02 23.01 15.91
CA HIS A 251 29.91 23.73 14.64
C HIS A 251 30.47 25.12 14.84
N VAL A 252 31.61 25.41 14.23
CA VAL A 252 32.26 26.71 14.42
C VAL A 252 32.54 27.39 13.08
N GLU A 253 32.16 28.65 12.96
CA GLU A 253 32.28 29.37 11.70
C GLU A 253 33.43 30.39 11.74
N TRP A 254 34.07 30.55 10.59
CA TRP A 254 35.32 31.32 10.49
C TRP A 254 35.39 32.15 9.21
N ALA A 255 36.12 33.26 9.27
CA ALA A 255 36.23 34.17 8.13
C ALA A 255 36.87 33.51 6.91
N ASN A 256 37.79 32.58 7.15
CA ASN A 256 38.56 31.94 6.08
C ASN A 256 39.27 30.72 6.64
N THR A 257 39.87 29.89 5.78
CA THR A 257 40.46 28.63 6.26
C THR A 257 41.73 28.81 7.12
N ASP A 258 42.47 29.88 6.92
CA ASP A 258 43.57 30.18 7.84
C ASP A 258 43.05 30.51 9.24
N ALA A 259 42.05 31.37 9.30
CA ALA A 259 41.46 31.74 10.59
C ALA A 259 40.90 30.49 11.29
N LEU A 260 40.32 29.58 10.51
CA LEU A 260 39.84 28.30 11.02
C LEU A 260 40.96 27.44 11.61
N MET A 261 42.01 27.20 10.81
CA MET A 261 43.12 26.36 11.24
C MET A 261 43.78 26.88 12.52
N PHE A 262 44.15 28.15 12.53
CA PHE A 262 44.85 28.69 13.67
C PHE A 262 43.90 29.06 14.79
N GLY A 263 42.66 29.39 14.45
CA GLY A 263 41.63 29.69 15.43
C GLY A 263 41.20 28.44 16.21
N MET A 264 40.80 27.40 15.51
CA MET A 264 40.53 26.13 16.18
C MET A 264 41.79 25.68 16.92
N GLY A 265 42.95 25.94 16.33
CA GLY A 265 44.23 25.59 16.93
C GLY A 265 44.48 26.29 18.27
N ARG A 266 43.73 27.36 18.54
CA ARG A 266 43.88 28.09 19.80
C ARG A 266 43.64 27.16 21.00
N VAL A 267 42.81 26.12 20.83
CA VAL A 267 42.54 25.20 21.93
C VAL A 267 43.73 24.29 22.19
N LEU A 268 44.71 24.29 21.28
CA LEU A 268 45.95 23.54 21.49
C LEU A 268 47.14 24.44 21.82
N LEU A 269 47.09 25.70 21.35
CA LEU A 269 48.26 26.56 21.34
C LEU A 269 48.29 27.60 22.46
N TYR A 270 47.13 27.91 23.00
CA TYR A 270 47.02 28.89 24.07
C TYR A 270 46.87 28.15 25.41
N PRO A 271 47.93 28.17 26.25
CA PRO A 271 47.93 27.32 27.45
C PRO A 271 46.67 27.40 28.30
N GLU A 272 46.15 28.60 28.56
CA GLU A 272 44.95 28.75 29.37
C GLU A 272 43.76 28.02 28.75
N LEU A 273 43.58 28.16 27.44
CA LEU A 273 42.48 27.49 26.75
C LEU A 273 42.73 25.99 26.60
N ARG A 274 44.00 25.60 26.41
CA ARG A 274 44.35 24.17 26.28
C ARG A 274 43.92 23.38 27.54
N GLN A 275 44.12 23.99 28.70
CA GLN A 275 43.75 23.36 29.96
C GLN A 275 42.24 23.14 30.03
N VAL A 276 41.47 24.12 29.54
CA VAL A 276 40.01 23.97 29.53
C VAL A 276 39.57 22.91 28.54
N HIS A 277 40.11 22.97 27.34
CA HIS A 277 39.71 22.05 26.28
C HIS A 277 40.17 20.62 26.55
N ASP A 278 41.22 20.46 27.34
CA ASP A 278 41.66 19.12 27.74
C ASP A 278 40.52 18.38 28.47
N GLU A 279 39.68 19.13 29.18
CA GLU A 279 38.54 18.51 29.85
C GLU A 279 37.54 17.94 28.84
N VAL A 280 37.44 18.55 27.66
CA VAL A 280 36.61 17.97 26.60
C VAL A 280 37.22 16.66 26.12
N LEU A 281 38.51 16.71 25.84
CA LEU A 281 39.20 15.56 25.26
C LEU A 281 39.13 14.31 26.15
N ASP A 282 39.12 14.51 27.47
CA ASP A 282 39.07 13.38 28.39
C ASP A 282 37.75 12.62 28.31
N THR A 283 36.73 13.20 27.69
CA THR A 283 35.40 12.58 27.69
C THR A 283 35.10 11.74 26.43
N LEU A 284 36.03 11.72 25.48
CA LEU A 284 35.67 11.26 24.12
C LEU A 284 35.87 9.76 23.88
N VAL A 285 34.90 9.17 23.18
CA VAL A 285 35.06 7.86 22.56
C VAL A 285 35.65 8.04 21.18
N TYR A 286 35.10 9.02 20.46
CA TYR A 286 35.54 9.33 19.11
C TYR A 286 35.73 10.84 18.92
N GLY A 287 36.74 11.20 18.13
CA GLY A 287 36.94 12.60 17.75
C GLY A 287 38.02 13.27 18.57
N PRO A 288 38.24 14.58 18.32
CA PRO A 288 37.51 15.38 17.34
C PRO A 288 37.92 15.06 15.91
N TYR A 289 36.95 14.87 15.03
CA TYR A 289 37.24 14.75 13.60
C TYR A 289 36.57 15.95 12.93
N ILE A 290 37.37 16.74 12.23
CA ILE A 290 36.89 18.05 11.77
C ILE A 290 36.83 18.15 10.25
N ARG A 291 35.60 18.25 9.74
CA ARG A 291 35.36 18.47 8.33
C ARG A 291 35.31 19.97 8.06
N ILE A 292 35.88 20.36 6.93
CA ILE A 292 35.85 21.76 6.50
C ILE A 292 34.69 21.92 5.52
N LEU A 293 33.73 22.80 5.86
CA LEU A 293 32.51 22.95 5.07
C LEU A 293 32.36 24.33 4.46
N ASN A 294 31.79 24.37 3.27
CA ASN A 294 31.39 25.61 2.62
C ASN A 294 29.86 25.73 2.66
N PRO A 295 29.34 26.73 3.40
CA PRO A 295 27.90 26.96 3.44
C PRO A 295 27.46 27.72 2.19
N MET A 296 27.04 27.02 1.16
CA MET A 296 26.79 27.69 -0.11
C MET A 296 25.36 28.18 -0.23
N MET A 297 24.41 27.26 -0.04
CA MET A 297 23.01 27.62 -0.19
C MET A 297 22.38 27.73 1.19
N GLU A 298 21.77 28.85 1.52
CA GLU A 298 21.20 28.97 2.87
C GLU A 298 20.03 29.93 2.95
N GLY A 299 19.18 29.70 3.95
CA GLY A 299 18.08 30.59 4.30
C GLY A 299 18.46 31.24 5.61
N THR A 300 19.05 32.42 5.50
CA THR A 300 19.78 33.03 6.62
C THR A 300 18.84 33.44 7.77
N PHE A 301 17.55 33.47 7.47
CA PHE A 301 16.56 33.89 8.47
C PHE A 301 16.44 32.91 9.64
N TRP A 302 17.06 31.72 9.55
CA TRP A 302 17.06 30.82 10.70
C TRP A 302 17.75 31.50 11.90
N ARG A 303 18.73 32.35 11.63
CA ARG A 303 19.42 33.06 12.70
C ARG A 303 18.57 34.19 13.29
N GLU A 304 17.62 34.70 12.51
CA GLU A 304 16.66 35.69 13.02
C GLU A 304 15.72 35.02 14.02
N TYR A 305 15.31 33.79 13.72
CA TYR A 305 14.50 33.02 14.67
C TYR A 305 15.31 32.74 15.94
N LEU A 306 16.55 32.30 15.75
CA LEU A 306 17.46 32.02 16.87
C LEU A 306 17.65 33.20 17.80
N ASN A 307 17.91 34.37 17.21
CA ASN A 307 18.30 35.53 18.02
C ASN A 307 17.09 36.40 18.37
N GLU A 308 15.93 35.95 17.90
CA GLU A 308 14.62 36.56 18.13
C GLU A 308 14.63 38.10 18.03
N PRO B 2 -10.14 -16.61 22.71
CA PRO B 2 -9.61 -16.68 21.35
C PRO B 2 -10.64 -16.29 20.30
N LYS B 3 -10.22 -16.10 19.05
CA LYS B 3 -11.17 -15.81 17.98
C LYS B 3 -11.91 -17.08 17.56
N PRO B 4 -13.26 -17.06 17.64
CA PRO B 4 -14.06 -18.19 17.14
C PRO B 4 -14.26 -18.10 15.62
N TYR B 5 -14.73 -19.18 15.01
CA TYR B 5 -15.22 -19.11 13.65
C TYR B 5 -16.68 -18.67 13.67
N VAL B 6 -17.15 -18.15 12.55
CA VAL B 6 -18.52 -17.66 12.46
C VAL B 6 -19.27 -18.28 11.28
N ALA B 7 -20.41 -18.90 11.57
CA ALA B 7 -21.33 -19.29 10.50
C ALA B 7 -22.44 -18.25 10.45
N ILE B 8 -22.77 -17.78 9.25
CA ILE B 8 -23.87 -16.82 9.15
C ILE B 8 -24.97 -17.39 8.28
N ASN B 9 -26.08 -17.76 8.92
CA ASN B 9 -27.23 -18.27 8.21
C ASN B 9 -28.07 -17.12 7.69
N MET B 10 -28.23 -17.06 6.37
CA MET B 10 -28.94 -15.97 5.71
C MET B 10 -30.23 -16.45 5.05
N ALA B 11 -31.29 -15.66 5.18
CA ALA B 11 -32.55 -15.98 4.52
C ALA B 11 -33.39 -14.74 4.36
N GLU B 12 -34.34 -14.81 3.44
CA GLU B 12 -35.28 -13.71 3.20
C GLU B 12 -36.68 -14.29 3.33
N LEU B 13 -37.52 -13.64 4.13
CA LEU B 13 -38.85 -14.12 4.42
C LEU B 13 -39.87 -13.01 4.26
N LYS B 14 -41.14 -13.37 4.19
CA LYS B 14 -42.22 -12.38 4.13
C LYS B 14 -42.24 -11.49 5.37
N ASN B 15 -42.38 -10.20 5.17
CA ASN B 15 -42.49 -9.25 6.28
C ASN B 15 -43.92 -9.16 6.78
N GLU B 16 -44.31 -10.09 7.65
CA GLU B 16 -45.67 -10.10 8.20
C GLU B 16 -45.64 -10.69 9.61
N PRO B 17 -46.70 -10.47 10.40
CA PRO B 17 -46.73 -10.98 11.78
C PRO B 17 -46.43 -12.48 11.93
N LYS B 18 -46.96 -13.32 11.05
CA LYS B 18 -46.76 -14.76 11.15
C LYS B 18 -45.27 -15.13 11.15
N THR B 19 -44.47 -14.38 10.40
CA THR B 19 -43.02 -14.59 10.35
C THR B 19 -42.35 -14.31 11.70
N PHE B 20 -42.73 -13.20 12.33
CA PHE B 20 -42.10 -12.81 13.59
C PHE B 20 -42.56 -13.71 14.72
N GLU B 21 -43.78 -14.24 14.58
CA GLU B 21 -44.30 -15.19 15.54
C GLU B 21 -43.49 -16.47 15.46
N MET B 22 -43.15 -16.92 14.26
CA MET B 22 -42.41 -18.16 14.20
C MET B 22 -40.94 -17.91 14.55
N PHE B 23 -40.47 -16.67 14.40
CA PHE B 23 -39.17 -16.28 14.97
C PHE B 23 -39.14 -16.55 16.48
N ALA B 24 -40.24 -16.21 17.15
CA ALA B 24 -40.33 -16.30 18.61
C ALA B 24 -40.49 -17.74 19.09
N SER B 25 -41.11 -18.58 18.27
CA SER B 25 -41.33 -19.98 18.63
C SER B 25 -40.15 -20.85 18.25
N VAL B 26 -39.71 -20.73 16.99
CA VAL B 26 -38.71 -21.62 16.44
C VAL B 26 -37.28 -21.19 16.76
N GLY B 27 -37.02 -19.89 16.71
CA GLY B 27 -35.70 -19.35 16.99
C GLY B 27 -35.03 -19.86 18.26
N PRO B 28 -35.71 -19.73 19.41
CA PRO B 28 -35.13 -20.25 20.66
C PRO B 28 -34.82 -21.74 20.57
N LYS B 29 -35.68 -22.51 19.90
CA LYS B 29 -35.50 -23.95 19.76
C LYS B 29 -34.21 -24.29 19.01
N VAL B 30 -34.01 -23.60 17.89
CA VAL B 30 -32.81 -23.80 17.08
C VAL B 30 -31.55 -23.51 17.90
N CYS B 31 -31.56 -22.39 18.62
CA CYS B 31 -30.42 -22.00 19.45
C CYS B 31 -30.14 -22.99 20.56
N MET B 32 -31.20 -23.53 21.15
CA MET B 32 -31.02 -24.51 22.21
C MET B 32 -30.40 -25.80 21.68
N VAL B 33 -30.79 -26.20 20.47
CA VAL B 33 -30.21 -27.39 19.84
C VAL B 33 -28.73 -27.17 19.52
N THR B 34 -28.40 -26.01 18.97
CA THR B 34 -27.00 -25.75 18.64
C THR B 34 -26.11 -25.76 19.88
N ALA B 35 -26.69 -25.39 21.03
CA ALA B 35 -25.94 -25.35 22.29
C ALA B 35 -25.67 -26.75 22.85
N ARG B 36 -26.14 -27.79 22.18
CA ARG B 36 -25.81 -29.15 22.60
C ARG B 36 -24.33 -29.49 22.36
N HIS B 37 -23.70 -28.78 21.44
CA HIS B 37 -22.32 -29.05 21.06
C HIS B 37 -21.34 -28.20 21.87
N PRO B 38 -20.29 -28.83 22.42
CA PRO B 38 -19.36 -28.14 23.32
C PRO B 38 -18.46 -27.12 22.60
N GLY B 39 -18.42 -27.16 21.27
CA GLY B 39 -17.66 -26.17 20.52
C GLY B 39 -18.48 -24.91 20.26
N PHE B 40 -19.76 -24.94 20.62
CA PHE B 40 -20.64 -23.77 20.47
C PHE B 40 -20.28 -22.72 21.51
N VAL B 41 -19.95 -21.52 21.08
CA VAL B 41 -19.62 -20.49 22.09
C VAL B 41 -20.57 -19.30 22.07
N GLY B 42 -21.63 -19.36 21.29
CA GLY B 42 -22.63 -18.31 21.34
C GLY B 42 -23.20 -17.92 19.99
N PHE B 43 -24.03 -16.88 19.98
CA PHE B 43 -24.73 -16.52 18.76
C PHE B 43 -25.17 -15.06 18.81
N GLN B 44 -25.45 -14.51 17.64
CA GLN B 44 -25.96 -13.16 17.53
C GLN B 44 -26.86 -13.11 16.30
N ASN B 45 -28.16 -13.04 16.51
CA ASN B 45 -29.10 -13.10 15.39
C ASN B 45 -29.61 -11.73 15.03
N HIS B 46 -29.60 -11.43 13.74
CA HIS B 46 -29.95 -10.10 13.26
C HIS B 46 -31.14 -10.12 12.33
N ILE B 47 -31.90 -9.04 12.36
CA ILE B 47 -32.85 -8.73 11.32
C ILE B 47 -32.32 -7.50 10.60
N GLN B 48 -32.34 -7.53 9.28
CA GLN B 48 -32.00 -6.31 8.52
C GLN B 48 -33.14 -5.31 8.63
N ILE B 49 -32.83 -4.08 9.05
CA ILE B 49 -33.89 -3.09 9.14
C ILE B 49 -33.86 -2.11 7.97
N GLY B 50 -32.72 -2.05 7.28
CA GLY B 50 -32.59 -1.18 6.12
C GLY B 50 -31.23 -1.26 5.47
N ILE B 51 -30.92 -0.26 4.66
CA ILE B 51 -29.72 -0.20 3.82
C ILE B 51 -29.15 1.23 3.89
N LEU B 52 -27.83 1.35 4.02
CA LEU B 52 -27.20 2.67 4.03
C LEU B 52 -27.23 3.30 2.64
N PRO B 53 -27.91 4.45 2.52
CA PRO B 53 -28.12 5.03 1.19
C PRO B 53 -26.90 5.72 0.56
N PHE B 54 -25.87 6.05 1.33
CA PHE B 54 -24.68 6.72 0.78
C PHE B 54 -25.06 8.00 0.06
N GLY B 55 -25.81 8.86 0.72
CA GLY B 55 -26.34 10.05 0.07
C GLY B 55 -27.57 9.66 -0.73
N ASN B 56 -27.44 9.63 -2.06
CA ASN B 56 -28.53 9.05 -2.85
C ASN B 56 -28.02 8.05 -3.87
N ARG B 57 -26.86 7.46 -3.58
CA ARG B 57 -26.34 6.33 -4.37
C ARG B 57 -27.37 5.21 -4.40
N TYR B 58 -27.94 4.88 -3.24
CA TYR B 58 -29.11 4.03 -3.18
C TYR B 58 -30.26 4.89 -2.68
N GLY B 59 -30.72 5.80 -3.53
CA GLY B 59 -31.71 6.80 -3.15
C GLY B 59 -33.08 6.24 -2.83
N GLY B 60 -33.31 4.98 -3.21
CA GLY B 60 -34.55 4.30 -2.87
C GLY B 60 -34.50 3.64 -1.50
N ALA B 61 -33.32 3.60 -0.89
CA ALA B 61 -33.16 2.94 0.40
C ALA B 61 -33.20 3.93 1.56
N LYS B 62 -33.41 3.42 2.76
CA LYS B 62 -33.14 4.20 3.96
C LYS B 62 -32.73 3.27 5.09
N MET B 63 -32.22 3.83 6.18
CA MET B 63 -31.65 2.99 7.23
C MET B 63 -32.71 2.14 7.93
N ASP B 64 -33.95 2.63 7.95
CA ASP B 64 -35.05 1.85 8.51
C ASP B 64 -36.19 1.76 7.49
N MET B 65 -36.28 0.61 6.83
CA MET B 65 -37.29 0.37 5.80
C MET B 65 -38.35 -0.62 6.26
N THR B 66 -38.40 -0.89 7.56
CA THR B 66 -39.25 -1.95 8.09
C THR B 66 -40.75 -1.68 7.89
N LYS B 67 -41.15 -0.41 7.91
CA LYS B 67 -42.58 -0.11 7.79
C LYS B 67 -43.09 -0.25 6.36
N GLU B 68 -42.19 -0.27 5.38
CA GLU B 68 -42.62 -0.32 3.99
C GLU B 68 -42.20 -1.62 3.27
N SER B 69 -41.20 -2.32 3.80
CA SER B 69 -40.67 -3.49 3.08
C SER B 69 -41.61 -4.69 3.14
N SER B 70 -41.71 -5.41 2.02
CA SER B 70 -42.54 -6.61 1.97
C SER B 70 -41.80 -7.84 2.45
N THR B 71 -40.49 -7.72 2.63
CA THR B 71 -39.69 -8.86 3.06
C THR B 71 -38.83 -8.50 4.26
N VAL B 72 -38.33 -9.52 4.95
CA VAL B 72 -37.37 -9.35 6.02
C VAL B 72 -36.22 -10.33 5.85
N ARG B 73 -35.00 -9.80 5.93
CA ARG B 73 -33.81 -10.62 5.81
C ARG B 73 -33.22 -10.87 7.20
N VAL B 74 -32.88 -12.13 7.47
CA VAL B 74 -32.25 -12.47 8.73
C VAL B 74 -30.81 -12.90 8.47
N LEU B 75 -29.94 -12.59 9.44
CA LEU B 75 -28.54 -12.97 9.39
C LEU B 75 -28.19 -13.48 10.78
N GLN B 76 -28.11 -14.81 10.88
CA GLN B 76 -27.97 -15.46 12.16
C GLN B 76 -26.54 -15.95 12.33
N TYR B 77 -25.78 -15.28 13.20
CA TYR B 77 -24.40 -15.65 13.46
C TYR B 77 -24.34 -16.74 14.52
N THR B 78 -23.64 -17.82 14.24
CA THR B 78 -23.30 -18.73 15.32
C THR B 78 -21.78 -18.80 15.41
N PHE B 79 -21.27 -18.87 16.64
CA PHE B 79 -19.83 -18.82 16.87
C PHE B 79 -19.29 -20.17 17.36
N TRP B 80 -18.12 -20.57 16.85
CA TRP B 80 -17.60 -21.91 17.05
C TRP B 80 -16.11 -21.88 17.36
N LYS B 81 -15.68 -22.71 18.31
CA LYS B 81 -14.24 -22.84 18.60
C LYS B 81 -13.47 -23.25 17.34
N ASP B 82 -14.02 -24.22 16.62
CA ASP B 82 -13.46 -24.71 15.38
C ASP B 82 -14.63 -24.78 14.40
N TRP B 83 -14.43 -24.36 13.15
CA TRP B 83 -15.56 -24.34 12.20
C TRP B 83 -16.10 -25.76 11.96
N LYS B 84 -15.26 -26.77 12.15
CA LYS B 84 -15.72 -28.15 11.99
C LYS B 84 -16.77 -28.53 13.04
N ASP B 85 -16.75 -27.84 14.18
CA ASP B 85 -17.78 -28.05 15.22
C ASP B 85 -19.18 -27.76 14.69
N HIS B 86 -19.30 -26.72 13.87
CA HIS B 86 -20.59 -26.35 13.28
C HIS B 86 -21.12 -27.49 12.43
N GLU B 87 -20.25 -28.03 11.60
CA GLU B 87 -20.61 -29.11 10.68
C GLU B 87 -21.01 -30.35 11.45
N GLU B 88 -20.25 -30.65 12.50
CA GLU B 88 -20.53 -31.80 13.35
C GLU B 88 -21.86 -31.63 14.08
N MET B 89 -22.10 -30.44 14.62
CA MET B 89 -23.35 -30.13 15.33
C MET B 89 -24.55 -30.36 14.44
N HIS B 90 -24.49 -29.84 13.21
CA HIS B 90 -25.58 -30.02 12.26
C HIS B 90 -25.88 -31.50 12.01
N ARG B 91 -24.85 -32.30 11.82
CA ARG B 91 -25.05 -33.72 11.50
C ARG B 91 -25.52 -34.52 12.73
N GLN B 92 -24.96 -34.24 13.89
CA GLN B 92 -25.36 -34.92 15.12
C GLN B 92 -26.79 -34.59 15.55
N ASN B 93 -27.27 -33.40 15.18
CA ASN B 93 -28.58 -32.93 15.60
C ASN B 93 -29.51 -32.70 14.43
N TRP B 94 -29.24 -33.41 13.34
CA TRP B 94 -29.94 -33.19 12.08
C TRP B 94 -31.45 -33.37 12.19
N SER B 95 -31.90 -34.38 12.93
CA SER B 95 -33.33 -34.65 13.00
C SER B 95 -34.08 -33.45 13.58
N TYR B 96 -33.49 -32.83 14.60
CA TYR B 96 -34.10 -31.64 15.19
C TYR B 96 -33.98 -30.42 14.29
N LEU B 97 -32.76 -30.10 13.86
CA LEU B 97 -32.52 -28.88 13.09
C LEU B 97 -33.32 -28.83 11.81
N PHE B 98 -33.33 -29.93 11.04
CA PHE B 98 -34.05 -29.90 9.78
C PHE B 98 -35.54 -29.68 9.99
N ARG B 99 -36.12 -30.35 10.98
CA ARG B 99 -37.54 -30.23 11.21
C ARG B 99 -37.91 -28.85 11.75
N LEU B 100 -37.03 -28.27 12.56
CA LEU B 100 -37.24 -26.93 13.09
C LEU B 100 -37.19 -25.92 11.96
N CYS B 101 -36.10 -25.97 11.19
CA CYS B 101 -35.86 -25.03 10.10
C CYS B 101 -36.88 -25.22 8.99
N GLY B 102 -37.35 -26.46 8.83
CA GLY B 102 -38.36 -26.78 7.85
C GLY B 102 -39.70 -26.08 8.08
N SER B 103 -40.01 -25.81 9.34
CA SER B 103 -41.29 -25.18 9.68
C SER B 103 -41.35 -23.71 9.28
N CYS B 104 -40.22 -23.18 8.81
CA CYS B 104 -40.14 -21.80 8.35
C CYS B 104 -40.58 -21.69 6.90
N ALA B 105 -40.75 -22.85 6.25
CA ALA B 105 -40.97 -22.94 4.81
C ALA B 105 -42.07 -22.01 4.31
N SER B 106 -43.19 -21.97 5.02
CA SER B 106 -44.35 -21.18 4.60
C SER B 106 -44.05 -19.68 4.46
N GLN B 107 -42.98 -19.20 5.08
CA GLN B 107 -42.65 -17.77 5.04
C GLN B 107 -41.42 -17.45 4.18
N MET B 108 -40.73 -18.49 3.70
CA MET B 108 -39.44 -18.33 3.02
C MET B 108 -39.55 -17.86 1.57
N ILE B 109 -38.67 -16.95 1.19
CA ILE B 109 -38.61 -16.50 -0.20
C ILE B 109 -37.27 -16.87 -0.85
N TRP B 110 -36.21 -16.82 -0.04
CA TRP B 110 -34.85 -17.17 -0.46
C TRP B 110 -34.06 -17.67 0.74
N GLY B 111 -33.13 -18.60 0.51
CA GLY B 111 -32.32 -19.15 1.58
C GLY B 111 -32.81 -20.53 1.97
N PRO B 112 -32.19 -21.16 2.98
CA PRO B 112 -31.06 -20.59 3.74
C PRO B 112 -29.76 -20.70 2.99
N TRP B 113 -28.84 -19.79 3.28
CA TRP B 113 -27.53 -19.80 2.68
C TRP B 113 -26.54 -19.54 3.82
N GLU B 114 -25.60 -20.46 4.05
CA GLU B 114 -24.76 -20.31 5.24
C GLU B 114 -23.25 -20.37 5.02
N PRO B 115 -22.67 -19.23 4.63
CA PRO B 115 -21.20 -19.13 4.53
C PRO B 115 -20.53 -19.26 5.90
N ILE B 116 -19.28 -19.71 5.88
CA ILE B 116 -18.49 -19.83 7.09
C ILE B 116 -17.33 -18.86 7.01
N TYR B 117 -16.98 -18.24 8.13
CA TYR B 117 -15.94 -17.22 8.12
C TYR B 117 -14.89 -17.45 9.20
N GLU B 118 -13.67 -17.01 8.93
CA GLU B 118 -12.68 -16.81 9.95
C GLU B 118 -12.66 -15.32 10.33
N ILE B 119 -12.42 -15.05 11.60
CA ILE B 119 -12.26 -13.67 12.06
C ILE B 119 -10.79 -13.26 11.97
N ILE B 120 -10.47 -12.28 11.13
CA ILE B 120 -9.08 -11.88 10.96
C ILE B 120 -8.73 -10.62 11.74
N TYR B 121 -9.76 -9.96 12.29
CA TYR B 121 -9.57 -8.79 13.13
C TYR B 121 -10.79 -8.64 14.03
N ALA B 122 -10.57 -8.38 15.32
CA ALA B 122 -11.71 -8.17 16.22
C ALA B 122 -11.37 -7.18 17.31
N ASN B 123 -12.21 -6.16 17.41
CA ASN B 123 -12.19 -5.24 18.52
C ASN B 123 -13.63 -5.16 19.01
N MET B 124 -14.03 -6.15 19.78
CA MET B 124 -15.43 -6.30 20.18
C MET B 124 -15.52 -6.50 21.68
N PRO B 125 -16.25 -5.60 22.37
CA PRO B 125 -16.36 -5.67 23.85
C PRO B 125 -17.41 -6.67 24.30
N ILE B 126 -17.38 -7.04 25.58
CA ILE B 126 -18.50 -7.75 26.15
C ILE B 126 -19.71 -6.81 26.10
N ASN B 127 -20.92 -7.36 26.01
CA ASN B 127 -22.13 -6.55 26.13
C ASN B 127 -22.42 -6.26 27.59
N THR B 128 -22.98 -5.09 27.87
CA THR B 128 -23.48 -4.78 29.20
C THR B 128 -24.77 -3.97 29.10
N GLU B 129 -25.68 -4.16 30.05
CA GLU B 129 -26.83 -3.28 30.15
C GLU B 129 -26.43 -2.00 30.91
N MET B 130 -27.24 -0.95 30.79
CA MET B 130 -26.98 0.32 31.49
C MET B 130 -26.95 0.12 33.00
N THR B 131 -27.55 -0.97 33.47
CA THR B 131 -27.56 -1.26 34.90
C THR B 131 -26.23 -1.81 35.38
N ASP B 132 -25.42 -2.30 34.46
CA ASP B 132 -24.20 -3.04 34.81
C ASP B 132 -22.97 -2.20 35.04
N PHE B 133 -22.91 -1.00 34.46
CA PHE B 133 -21.60 -0.34 34.29
C PHE B 133 -20.92 0.04 35.60
N THR B 134 -21.72 0.30 36.64
CA THR B 134 -21.17 0.64 37.94
C THR B 134 -20.31 -0.49 38.47
N ALA B 135 -20.83 -1.73 38.41
CA ALA B 135 -20.08 -2.90 38.89
C ALA B 135 -18.87 -3.20 38.01
N VAL B 136 -19.00 -2.98 36.70
CA VAL B 136 -17.85 -3.17 35.81
C VAL B 136 -16.73 -2.19 36.15
N VAL B 137 -17.07 -0.92 36.29
CA VAL B 137 -16.09 0.10 36.64
C VAL B 137 -15.39 -0.22 37.95
N GLY B 138 -16.19 -0.56 38.97
CA GLY B 138 -15.65 -0.93 40.26
C GLY B 138 -14.65 -2.06 40.18
N LYS B 139 -15.00 -3.11 39.44
CA LYS B 139 -14.15 -4.29 39.31
C LYS B 139 -12.84 -3.97 38.59
N LYS B 140 -12.91 -3.20 37.51
CA LYS B 140 -11.73 -2.87 36.73
C LYS B 140 -10.75 -2.00 37.51
N PHE B 141 -11.28 -1.04 38.28
CA PHE B 141 -10.40 -0.24 39.12
C PHE B 141 -9.80 -1.07 40.24
N ALA B 142 -10.59 -2.00 40.79
CA ALA B 142 -10.09 -2.89 41.82
C ALA B 142 -8.92 -3.74 41.31
N GLU B 143 -8.99 -4.10 40.04
CA GLU B 143 -7.96 -4.93 39.41
C GLU B 143 -6.80 -4.09 38.88
N GLY B 144 -6.88 -2.78 39.04
CA GLY B 144 -5.84 -1.89 38.53
C GLY B 144 -5.79 -1.86 37.01
N LYS B 145 -6.94 -2.07 36.37
CA LYS B 145 -7.00 -2.09 34.90
C LYS B 145 -8.09 -1.18 34.33
N PRO B 146 -8.03 0.13 34.61
CA PRO B 146 -9.10 1.00 34.10
C PRO B 146 -9.16 1.07 32.57
N LEU B 147 -8.07 0.72 31.88
CA LEU B 147 -8.09 0.70 30.40
C LEU B 147 -8.96 -0.43 29.84
N ASP B 148 -9.29 -1.41 30.67
CA ASP B 148 -10.13 -2.50 30.23
C ASP B 148 -11.61 -2.20 30.47
N ILE B 149 -11.94 -0.96 30.86
CA ILE B 149 -13.35 -0.58 30.96
C ILE B 149 -13.88 -0.31 29.55
N PRO B 150 -14.85 -1.12 29.10
CA PRO B 150 -15.35 -0.94 27.73
C PRO B 150 -16.40 0.13 27.63
N VAL B 151 -16.74 0.48 26.39
CA VAL B 151 -17.97 1.21 26.14
C VAL B 151 -19.15 0.37 26.56
N ILE B 152 -20.31 1.00 26.70
CA ILE B 152 -21.54 0.29 27.02
C ILE B 152 -22.22 -0.16 25.72
N SER B 153 -22.07 -1.45 25.43
CA SER B 153 -22.67 -2.06 24.25
C SER B 153 -23.86 -2.87 24.67
N GLN B 154 -25.05 -2.30 24.54
CA GLN B 154 -26.27 -2.90 25.10
C GLN B 154 -26.80 -4.05 24.26
N PRO B 155 -27.12 -5.17 24.91
CA PRO B 155 -27.63 -6.37 24.22
C PRO B 155 -29.12 -6.26 23.83
N TYR B 156 -29.58 -7.20 23.00
CA TYR B 156 -31.01 -7.45 22.72
C TYR B 156 -31.71 -6.27 22.06
N GLY B 157 -31.21 -5.87 20.91
CA GLY B 157 -31.92 -4.90 20.10
C GLY B 157 -31.68 -3.45 20.48
N LYS B 158 -30.74 -3.20 21.39
CA LYS B 158 -30.56 -1.84 21.90
C LYS B 158 -29.28 -1.19 21.36
N ARG B 159 -28.88 -1.62 20.16
CA ARG B 159 -27.79 -0.99 19.41
C ARG B 159 -28.01 -1.39 17.95
N VAL B 160 -27.15 -0.92 17.04
CA VAL B 160 -27.32 -1.25 15.62
C VAL B 160 -25.98 -1.70 15.00
N VAL B 161 -26.08 -2.44 13.90
CA VAL B 161 -24.90 -3.01 13.24
C VAL B 161 -24.85 -2.54 11.78
N ALA B 162 -23.66 -2.12 11.35
CA ALA B 162 -23.38 -1.92 9.93
C ALA B 162 -22.71 -3.17 9.38
N PHE B 163 -23.37 -3.79 8.41
CA PHE B 163 -22.93 -5.05 7.82
C PHE B 163 -22.42 -4.72 6.44
N ALA B 164 -21.11 -4.55 6.29
CA ALA B 164 -20.55 -4.06 5.04
C ALA B 164 -19.96 -5.18 4.22
N GLU B 165 -20.59 -5.44 3.08
CA GLU B 165 -20.15 -6.49 2.18
C GLU B 165 -19.05 -6.02 1.24
N HIS B 166 -17.99 -6.83 1.12
CA HIS B 166 -16.87 -6.54 0.21
C HIS B 166 -16.46 -7.82 -0.53
N SER B 167 -16.16 -7.71 -1.83
CA SER B 167 -15.40 -8.77 -2.50
C SER B 167 -14.15 -8.15 -3.10
N VAL B 168 -13.04 -8.87 -3.06
CA VAL B 168 -11.75 -8.28 -3.36
C VAL B 168 -11.11 -8.88 -4.61
N ILE B 169 -10.47 -8.02 -5.41
CA ILE B 169 -9.73 -8.44 -6.58
C ILE B 169 -8.67 -9.49 -6.22
N PRO B 170 -8.65 -10.64 -6.94
CA PRO B 170 -7.64 -11.66 -6.63
C PRO B 170 -6.21 -11.09 -6.65
N GLY B 171 -5.45 -11.34 -5.59
CA GLY B 171 -4.12 -10.78 -5.49
C GLY B 171 -4.03 -9.52 -4.66
N LYS B 172 -5.18 -8.93 -4.32
CA LYS B 172 -5.19 -7.70 -3.54
C LYS B 172 -5.69 -7.94 -2.12
N GLU B 173 -5.81 -9.21 -1.73
CA GLU B 173 -6.32 -9.54 -0.40
C GLU B 173 -5.45 -8.95 0.71
N LYS B 174 -4.14 -9.05 0.58
CA LYS B 174 -3.24 -8.52 1.60
C LYS B 174 -3.41 -7.00 1.76
N GLN B 175 -3.51 -6.29 0.64
CA GLN B 175 -3.74 -4.86 0.70
C GLN B 175 -5.08 -4.54 1.35
N PHE B 176 -6.12 -5.29 1.00
CA PHE B 176 -7.43 -5.05 1.63
C PHE B 176 -7.33 -5.23 3.13
N GLU B 177 -6.76 -6.35 3.57
CA GLU B 177 -6.73 -6.68 4.98
C GLU B 177 -5.90 -5.69 5.79
N ASP B 178 -4.74 -5.29 5.27
CA ASP B 178 -3.92 -4.29 5.98
C ASP B 178 -4.68 -2.96 6.08
N ALA B 179 -5.25 -2.51 4.98
CA ALA B 179 -5.91 -1.20 4.95
C ALA B 179 -7.20 -1.18 5.79
N ILE B 180 -7.95 -2.28 5.80
CA ILE B 180 -9.23 -2.24 6.53
C ILE B 180 -8.98 -2.24 8.04
N VAL B 181 -7.93 -2.93 8.47
CA VAL B 181 -7.57 -2.94 9.89
C VAL B 181 -7.10 -1.56 10.31
N ARG B 182 -6.26 -0.91 9.50
CA ARG B 182 -5.85 0.48 9.76
C ARG B 182 -7.07 1.37 9.85
N THR B 183 -8.01 1.17 8.93
CA THR B 183 -9.25 1.95 8.92
C THR B 183 -10.04 1.79 10.21
N LEU B 184 -10.25 0.55 10.63
CA LEU B 184 -11.06 0.28 11.82
C LEU B 184 -10.39 0.76 13.10
N GLU B 185 -9.06 0.73 13.13
CA GLU B 185 -8.32 1.21 14.28
C GLU B 185 -8.49 2.73 14.42
N MET B 186 -8.64 3.43 13.30
CA MET B 186 -8.89 4.87 13.34
C MET B 186 -10.36 5.16 13.58
N LEU B 187 -11.23 4.27 13.09
CA LEU B 187 -12.66 4.46 13.15
C LEU B 187 -13.18 4.42 14.59
N LYS B 188 -12.42 3.78 15.49
CA LYS B 188 -12.93 3.60 16.85
C LYS B 188 -13.00 4.93 17.62
N LYS B 189 -12.45 5.99 17.04
CA LYS B 189 -12.55 7.32 17.62
C LYS B 189 -13.93 7.95 17.46
N ALA B 190 -14.72 7.44 16.53
CA ALA B 190 -16.04 8.02 16.26
C ALA B 190 -16.96 7.83 17.48
N PRO B 191 -17.76 8.84 17.80
CA PRO B 191 -18.73 8.75 18.90
C PRO B 191 -19.70 7.58 18.69
N GLY B 192 -19.96 6.81 19.74
CA GLY B 192 -20.97 5.75 19.65
C GLY B 192 -20.48 4.49 18.97
N PHE B 193 -19.18 4.43 18.70
CA PHE B 193 -18.56 3.22 18.16
C PHE B 193 -18.55 2.12 19.23
N LEU B 194 -19.09 0.95 18.91
CA LEU B 194 -19.22 -0.10 19.91
C LEU B 194 -18.38 -1.32 19.59
N GLY B 195 -17.59 -1.26 18.52
CA GLY B 195 -16.76 -2.39 18.17
C GLY B 195 -16.82 -2.75 16.70
N ALA B 196 -15.82 -3.49 16.24
CA ALA B 196 -15.78 -3.92 14.84
C ALA B 196 -15.01 -5.22 14.72
N MET B 197 -15.36 -6.00 13.71
CA MET B 197 -14.57 -7.18 13.38
C MET B 197 -14.62 -7.41 11.87
N VAL B 198 -13.59 -8.06 11.35
CA VAL B 198 -13.53 -8.36 9.92
C VAL B 198 -13.62 -9.87 9.73
N LEU B 199 -14.60 -10.29 8.94
CA LEU B 199 -14.86 -11.70 8.69
C LEU B 199 -14.39 -12.05 7.29
N LYS B 200 -13.65 -13.14 7.17
CA LYS B 200 -13.14 -13.59 5.88
C LYS B 200 -13.73 -14.96 5.57
N GLU B 201 -14.46 -15.06 4.47
CA GLU B 201 -15.13 -16.30 4.13
C GLU B 201 -14.12 -17.42 3.89
N ILE B 202 -14.36 -18.57 4.49
CA ILE B 202 -13.51 -19.74 4.28
C ILE B 202 -14.25 -20.85 3.53
N GLY B 203 -15.54 -20.68 3.36
CA GLY B 203 -16.34 -21.67 2.66
C GLY B 203 -17.83 -21.53 2.90
N VAL B 204 -18.57 -22.57 2.53
CA VAL B 204 -20.02 -22.58 2.71
C VAL B 204 -20.48 -23.93 3.27
N SER B 205 -21.37 -23.91 4.25
CA SER B 205 -21.96 -25.13 4.77
C SER B 205 -23.10 -25.61 3.87
N GLY B 206 -22.87 -26.68 3.11
CA GLY B 206 -23.91 -27.25 2.28
C GLY B 206 -25.11 -27.66 3.10
N ILE B 207 -24.85 -28.33 4.22
CA ILE B 207 -25.95 -28.84 5.03
C ILE B 207 -26.75 -27.67 5.64
N GLY B 208 -26.05 -26.60 6.06
CA GLY B 208 -26.73 -25.44 6.62
C GLY B 208 -27.49 -24.67 5.55
N SER B 209 -27.13 -24.89 4.29
CA SER B 209 -27.77 -24.20 3.19
C SER B 209 -28.81 -25.08 2.50
N MET B 210 -29.03 -26.28 3.05
CA MET B 210 -29.91 -27.25 2.43
C MET B 210 -29.53 -27.50 0.95
N GLN B 211 -28.23 -27.55 0.70
CA GLN B 211 -27.72 -27.82 -0.64
C GLN B 211 -27.16 -29.22 -0.67
N PHE B 212 -27.97 -30.16 -1.17
CA PHE B 212 -27.63 -31.56 -1.24
C PHE B 212 -27.39 -31.99 -2.69
N GLY B 213 -27.03 -33.25 -2.88
CA GLY B 213 -27.07 -33.85 -4.20
C GLY B 213 -28.53 -34.09 -4.61
N ALA B 214 -28.73 -34.82 -5.70
CA ALA B 214 -30.08 -35.09 -6.19
C ALA B 214 -30.98 -35.73 -5.15
N LYS B 215 -30.46 -36.72 -4.43
CA LYS B 215 -31.24 -37.46 -3.45
C LYS B 215 -31.81 -36.52 -2.36
N GLY B 216 -30.94 -35.73 -1.75
CA GLY B 216 -31.35 -34.81 -0.71
C GLY B 216 -32.27 -33.71 -1.21
N PHE B 217 -32.01 -33.24 -2.43
CA PHE B 217 -32.85 -32.22 -3.07
C PHE B 217 -34.30 -32.69 -3.18
N HIS B 218 -34.50 -33.89 -3.69
CA HIS B 218 -35.87 -34.43 -3.78
C HIS B 218 -36.50 -34.63 -2.39
N GLN B 219 -35.71 -35.07 -1.41
CA GLN B 219 -36.22 -35.24 -0.04
C GLN B 219 -36.66 -33.91 0.57
N VAL B 220 -35.91 -32.85 0.33
CA VAL B 220 -36.28 -31.52 0.82
C VAL B 220 -37.60 -31.09 0.21
N LEU B 221 -37.70 -31.19 -1.12
CA LEU B 221 -38.91 -30.76 -1.84
C LEU B 221 -40.14 -31.58 -1.49
N GLU B 222 -39.95 -32.88 -1.24
CA GLU B 222 -41.06 -33.79 -1.02
C GLU B 222 -41.46 -33.91 0.45
N ASN B 223 -40.68 -33.27 1.32
CA ASN B 223 -40.84 -33.46 2.76
C ASN B 223 -42.17 -32.98 3.32
N PRO B 224 -42.88 -33.85 4.04
CA PRO B 224 -44.10 -33.41 4.74
C PRO B 224 -43.78 -32.57 5.97
N GLY B 225 -42.53 -32.56 6.38
CA GLY B 225 -42.12 -31.75 7.52
C GLY B 225 -41.37 -32.54 8.58
N SER B 226 -41.59 -33.85 8.60
CA SER B 226 -41.06 -34.68 9.67
C SER B 226 -40.12 -35.79 9.18
N LEU B 227 -39.58 -35.63 7.97
CA LEU B 227 -38.67 -36.61 7.41
C LEU B 227 -37.39 -35.96 6.87
N GLU B 228 -36.29 -36.07 7.60
CA GLU B 228 -35.05 -35.41 7.20
C GLU B 228 -34.45 -36.01 5.94
N PRO B 229 -33.86 -35.16 5.10
CA PRO B 229 -33.03 -35.61 3.98
C PRO B 229 -31.80 -36.31 4.51
N ASP B 230 -31.17 -37.12 3.67
CA ASP B 230 -29.91 -37.75 4.01
C ASP B 230 -28.82 -36.71 4.21
N PRO B 231 -28.36 -36.54 5.47
CA PRO B 231 -27.35 -35.51 5.74
C PRO B 231 -26.00 -35.86 5.12
N ASN B 232 -25.83 -37.11 4.73
CA ASN B 232 -24.59 -37.56 4.09
C ASN B 232 -24.58 -37.28 2.59
N ASN B 233 -25.67 -36.72 2.07
CA ASN B 233 -25.79 -36.44 0.64
C ASN B 233 -25.30 -35.04 0.25
N VAL B 234 -24.60 -34.38 1.16
CA VAL B 234 -23.94 -33.13 0.81
C VAL B 234 -22.70 -33.46 -0.02
N MET B 235 -22.59 -32.82 -1.18
CA MET B 235 -21.61 -33.23 -2.20
C MET B 235 -20.29 -32.44 -2.17
N TYR B 236 -20.22 -31.42 -1.33
CA TYR B 236 -18.99 -30.63 -1.24
C TYR B 236 -18.64 -30.30 0.19
N SER B 237 -17.34 -30.17 0.46
CA SER B 237 -16.87 -29.75 1.77
C SER B 237 -16.98 -28.23 1.90
N VAL B 238 -16.85 -27.73 3.12
CA VAL B 238 -16.94 -26.29 3.33
C VAL B 238 -15.92 -25.49 2.49
N PRO B 239 -14.62 -25.85 2.54
CA PRO B 239 -13.69 -25.03 1.74
C PRO B 239 -13.92 -25.11 0.22
N GLU B 240 -14.51 -26.20 -0.28
CA GLU B 240 -14.73 -26.34 -1.72
C GLU B 240 -15.63 -25.27 -2.31
N ALA B 241 -16.47 -24.67 -1.46
CA ALA B 241 -17.43 -23.69 -1.92
C ALA B 241 -16.95 -22.26 -1.67
N LYS B 242 -15.75 -22.12 -1.12
CA LYS B 242 -15.21 -20.79 -0.83
C LYS B 242 -15.10 -19.98 -2.11
N ASN B 243 -15.58 -18.74 -2.05
CA ASN B 243 -15.61 -17.92 -3.25
C ASN B 243 -14.31 -17.22 -3.61
N THR B 244 -14.03 -17.19 -4.91
CA THR B 244 -13.07 -16.24 -5.48
C THR B 244 -13.84 -15.48 -6.55
N PRO B 245 -13.81 -14.13 -6.53
CA PRO B 245 -13.17 -13.17 -5.64
C PRO B 245 -13.49 -13.40 -4.15
N GLN B 246 -12.46 -13.22 -3.32
CA GLN B 246 -12.58 -13.39 -1.88
C GLN B 246 -13.61 -12.45 -1.27
N GLN B 247 -14.51 -13.00 -0.46
CA GLN B 247 -15.53 -12.20 0.21
C GLN B 247 -15.17 -11.91 1.67
N TYR B 248 -15.46 -10.68 2.09
CA TYR B 248 -15.28 -10.24 3.48
C TYR B 248 -16.56 -9.57 3.95
N ILE B 249 -16.81 -9.64 5.26
CA ILE B 249 -17.77 -8.78 5.92
C ILE B 249 -17.01 -7.88 6.89
N VAL B 250 -17.23 -6.58 6.77
CA VAL B 250 -16.77 -5.65 7.80
C VAL B 250 -17.98 -5.31 8.67
N HIS B 251 -17.93 -5.78 9.92
CA HIS B 251 -19.06 -5.73 10.86
C HIS B 251 -18.76 -4.67 11.94
N VAL B 252 -19.53 -3.57 11.93
CA VAL B 252 -19.25 -2.46 12.85
C VAL B 252 -20.50 -2.13 13.66
N GLU B 253 -20.34 -2.03 14.97
CA GLU B 253 -21.51 -1.81 15.82
C GLU B 253 -21.52 -0.37 16.33
N TRP B 254 -22.72 0.17 16.48
CA TRP B 254 -22.94 1.59 16.77
C TRP B 254 -24.06 1.79 17.77
N ALA B 255 -23.98 2.89 18.52
CA ALA B 255 -24.98 3.23 19.53
C ALA B 255 -26.38 3.43 18.95
N ASN B 256 -26.46 3.96 17.73
CA ASN B 256 -27.73 4.27 17.11
C ASN B 256 -27.49 4.54 15.63
N THR B 257 -28.55 4.68 14.84
CA THR B 257 -28.36 4.79 13.40
C THR B 257 -27.72 6.12 12.97
N ASP B 258 -27.90 7.19 13.73
CA ASP B 258 -27.19 8.43 13.43
C ASP B 258 -25.69 8.25 13.64
N ALA B 259 -25.34 7.66 14.77
CA ALA B 259 -23.93 7.39 15.05
C ALA B 259 -23.35 6.47 13.98
N LEU B 260 -24.15 5.51 13.50
CA LEU B 260 -23.72 4.64 12.40
C LEU B 260 -23.48 5.46 11.13
N MET B 261 -24.46 6.24 10.71
CA MET B 261 -24.34 6.98 9.46
C MET B 261 -23.14 7.92 9.45
N PHE B 262 -23.00 8.75 10.48
CA PHE B 262 -21.92 9.72 10.49
C PHE B 262 -20.60 9.10 10.92
N GLY B 263 -20.67 8.03 11.72
CA GLY B 263 -19.48 7.31 12.12
C GLY B 263 -18.85 6.54 10.96
N MET B 264 -19.63 5.73 10.26
CA MET B 264 -19.12 5.09 9.05
C MET B 264 -18.67 6.17 8.06
N GLY B 265 -19.40 7.28 8.04
CA GLY B 265 -19.10 8.40 7.17
C GLY B 265 -17.74 9.04 7.40
N ARG B 266 -17.17 8.79 8.58
CA ARG B 266 -15.85 9.32 8.94
C ARG B 266 -14.79 8.87 7.94
N VAL B 267 -14.98 7.71 7.32
CA VAL B 267 -14.01 7.23 6.34
C VAL B 267 -14.09 8.04 5.06
N LEU B 268 -15.15 8.83 4.91
CA LEU B 268 -15.30 9.72 3.77
C LEU B 268 -15.07 11.19 4.12
N LEU B 269 -15.33 11.54 5.37
CA LEU B 269 -15.42 12.95 5.77
C LEU B 269 -14.18 13.49 6.47
N TYR B 270 -13.39 12.60 7.05
CA TYR B 270 -12.16 12.97 7.74
C TYR B 270 -10.97 12.68 6.82
N PRO B 271 -10.32 13.73 6.28
CA PRO B 271 -9.31 13.51 5.23
C PRO B 271 -8.24 12.49 5.58
N GLU B 272 -7.73 12.51 6.81
CA GLU B 272 -6.68 11.56 7.21
C GLU B 272 -7.18 10.12 7.09
N LEU B 273 -8.40 9.87 7.55
CA LEU B 273 -8.98 8.53 7.47
C LEU B 273 -9.41 8.20 6.04
N ARG B 274 -9.89 9.21 5.32
CA ARG B 274 -10.28 9.01 3.93
C ARG B 274 -9.12 8.50 3.07
N GLN B 275 -7.92 9.02 3.33
CA GLN B 275 -6.72 8.60 2.60
C GLN B 275 -6.39 7.12 2.86
N VAL B 276 -6.54 6.70 4.11
CA VAL B 276 -6.32 5.30 4.48
C VAL B 276 -7.38 4.36 3.89
N HIS B 277 -8.64 4.75 3.99
CA HIS B 277 -9.73 3.90 3.49
C HIS B 277 -9.73 3.83 1.97
N ASP B 278 -9.16 4.84 1.32
CA ASP B 278 -9.03 4.81 -0.15
C ASP B 278 -8.22 3.58 -0.61
N GLU B 279 -7.30 3.13 0.23
CA GLU B 279 -6.54 1.92 -0.07
C GLU B 279 -7.45 0.68 -0.05
N VAL B 280 -8.49 0.70 0.80
CA VAL B 280 -9.46 -0.40 0.78
C VAL B 280 -10.25 -0.41 -0.55
N LEU B 281 -10.75 0.76 -0.93
CA LEU B 281 -11.59 0.92 -2.11
C LEU B 281 -10.88 0.49 -3.40
N ASP B 282 -9.57 0.72 -3.46
CA ASP B 282 -8.83 0.36 -4.67
C ASP B 282 -8.76 -1.16 -4.89
N THR B 283 -9.09 -1.96 -3.87
CA THR B 283 -8.98 -3.43 -3.99
C THR B 283 -10.28 -4.16 -4.33
N LEU B 284 -11.38 -3.42 -4.48
CA LEU B 284 -12.70 -4.06 -4.50
C LEU B 284 -13.21 -4.44 -5.88
N VAL B 285 -13.78 -5.63 -5.97
CA VAL B 285 -14.61 -6.05 -7.09
C VAL B 285 -16.05 -5.62 -6.82
N TYR B 286 -16.50 -5.86 -5.61
CA TYR B 286 -17.86 -5.50 -5.22
C TYR B 286 -17.88 -4.78 -3.89
N GLY B 287 -18.75 -3.79 -3.75
CA GLY B 287 -18.93 -3.10 -2.47
C GLY B 287 -18.22 -1.78 -2.40
N PRO B 288 -18.28 -1.12 -1.23
CA PRO B 288 -18.99 -1.60 -0.03
C PRO B 288 -20.52 -1.50 -0.16
N TYR B 289 -21.23 -2.56 0.18
CA TYR B 289 -22.67 -2.50 0.29
C TYR B 289 -23.04 -2.73 1.75
N ILE B 290 -23.76 -1.77 2.36
CA ILE B 290 -23.92 -1.78 3.80
C ILE B 290 -25.36 -1.96 4.23
N ARG B 291 -25.62 -3.11 4.85
CA ARG B 291 -26.93 -3.43 5.39
C ARG B 291 -26.97 -2.93 6.83
N ILE B 292 -28.14 -2.40 7.23
CA ILE B 292 -28.32 -1.94 8.61
C ILE B 292 -29.06 -3.05 9.37
N LEU B 293 -28.42 -3.59 10.41
CA LEU B 293 -28.94 -4.75 11.13
C LEU B 293 -29.26 -4.43 12.58
N ASN B 294 -30.30 -5.08 13.07
CA ASN B 294 -30.66 -5.04 14.49
C ASN B 294 -30.34 -6.38 15.16
N PRO B 295 -29.39 -6.39 16.08
CA PRO B 295 -29.04 -7.63 16.80
C PRO B 295 -30.05 -7.91 17.90
N MET B 296 -31.09 -8.67 17.60
CA MET B 296 -32.19 -8.80 18.56
C MET B 296 -32.01 -9.95 19.53
N MET B 297 -31.82 -11.16 19.00
CA MET B 297 -31.65 -12.33 19.84
C MET B 297 -30.19 -12.70 19.86
N GLU B 298 -29.60 -12.84 21.04
CA GLU B 298 -28.17 -13.16 21.09
C GLU B 298 -27.76 -13.88 22.36
N GLY B 299 -26.68 -14.65 22.23
CA GLY B 299 -26.03 -15.29 23.36
C GLY B 299 -24.73 -14.54 23.56
N THR B 300 -24.76 -13.59 24.48
CA THR B 300 -23.71 -12.57 24.56
C THR B 300 -22.36 -13.13 24.99
N PHE B 301 -22.38 -14.34 25.54
CA PHE B 301 -21.18 -14.97 26.07
C PHE B 301 -20.17 -15.32 24.96
N TRP B 302 -20.54 -15.18 23.69
CA TRP B 302 -19.54 -15.38 22.63
C TRP B 302 -18.40 -14.36 22.76
N ARG B 303 -18.71 -13.16 23.26
CA ARG B 303 -17.70 -12.12 23.44
C ARG B 303 -16.79 -12.40 24.62
N GLU B 304 -17.28 -13.18 25.58
CA GLU B 304 -16.48 -13.61 26.72
C GLU B 304 -15.44 -14.63 26.23
N TYR B 305 -15.85 -15.51 25.33
CA TYR B 305 -14.89 -16.44 24.72
C TYR B 305 -13.86 -15.67 23.92
N LEU B 306 -14.32 -14.73 23.11
CA LEU B 306 -13.46 -13.89 22.30
C LEU B 306 -12.40 -13.17 23.12
N ASN B 307 -12.81 -12.56 24.23
CA ASN B 307 -11.92 -11.69 24.98
C ASN B 307 -11.17 -12.38 26.12
N GLU B 308 -11.33 -13.69 26.29
CA GLU B 308 -10.55 -14.37 27.32
C GLU B 308 -9.15 -14.71 26.83
N PRO C 2 9.57 -29.21 -11.08
CA PRO C 2 8.72 -29.39 -12.26
C PRO C 2 9.13 -28.47 -13.41
N LYS C 3 8.58 -28.70 -14.59
CA LYS C 3 8.83 -27.83 -15.72
C LYS C 3 8.03 -26.56 -15.56
N PRO C 4 8.71 -25.40 -15.52
CA PRO C 4 8.01 -24.11 -15.50
C PRO C 4 7.59 -23.71 -16.91
N TYR C 5 6.73 -22.71 -17.02
CA TYR C 5 6.49 -22.06 -18.28
C TYR C 5 7.51 -20.95 -18.45
N VAL C 6 7.71 -20.53 -19.69
CA VAL C 6 8.71 -19.52 -19.99
C VAL C 6 8.09 -18.36 -20.78
N ALA C 7 8.27 -17.15 -20.28
CA ALA C 7 7.99 -15.95 -21.06
C ALA C 7 9.31 -15.43 -21.58
N ILE C 8 9.39 -15.10 -22.86
CA ILE C 8 10.61 -14.52 -23.40
C ILE C 8 10.34 -13.14 -23.96
N ASN C 9 10.83 -12.12 -23.26
CA ASN C 9 10.71 -10.75 -23.70
C ASN C 9 11.82 -10.38 -24.69
N MET C 10 11.44 -10.03 -25.92
CA MET C 10 12.40 -9.76 -26.98
C MET C 10 12.35 -8.29 -27.36
N ALA C 11 13.52 -7.71 -27.61
CA ALA C 11 13.60 -6.33 -28.05
C ALA C 11 14.92 -6.08 -28.75
N GLU C 12 14.95 -5.02 -29.55
CA GLU C 12 16.14 -4.59 -30.26
C GLU C 12 16.39 -3.14 -29.89
N LEU C 13 17.62 -2.85 -29.49
CA LEU C 13 17.99 -1.51 -29.03
C LEU C 13 19.30 -1.04 -29.67
N LYS C 14 19.59 0.26 -29.57
CA LYS C 14 20.86 0.79 -30.07
C LYS C 14 22.05 0.17 -29.32
N ASN C 15 23.06 -0.24 -30.09
CA ASN C 15 24.27 -0.80 -29.49
C ASN C 15 25.24 0.30 -29.08
N GLU C 16 25.03 0.85 -27.88
CA GLU C 16 25.88 1.92 -27.37
C GLU C 16 25.94 1.88 -25.84
N PRO C 17 26.94 2.55 -25.24
CA PRO C 17 27.08 2.52 -23.78
C PRO C 17 25.81 2.88 -23.01
N LYS C 18 25.07 3.90 -23.44
CA LYS C 18 23.86 4.31 -22.75
C LYS C 18 22.84 3.17 -22.61
N THR C 19 22.80 2.30 -23.61
CA THR C 19 21.90 1.15 -23.59
C THR C 19 22.28 0.20 -22.45
N PHE C 20 23.58 -0.08 -22.33
CA PHE C 20 24.05 -1.01 -21.32
C PHE C 20 24.01 -0.39 -19.93
N GLU C 21 24.13 0.93 -19.88
CA GLU C 21 24.03 1.63 -18.61
C GLU C 21 22.62 1.49 -18.06
N MET C 22 21.61 1.64 -18.91
CA MET C 22 20.27 1.53 -18.37
C MET C 22 19.88 0.05 -18.18
N PHE C 23 20.56 -0.87 -18.88
CA PHE C 23 20.45 -2.29 -18.56
C PHE C 23 20.83 -2.53 -17.09
N ALA C 24 21.90 -1.87 -16.66
CA ALA C 24 22.43 -2.06 -15.32
C ALA C 24 21.57 -1.39 -14.25
N SER C 25 20.89 -0.31 -14.63
CA SER C 25 20.06 0.44 -13.70
C SER C 25 18.64 -0.10 -13.60
N VAL C 26 18.01 -0.28 -14.76
CA VAL C 26 16.60 -0.65 -14.84
C VAL C 26 16.40 -2.17 -14.76
N GLY C 27 17.30 -2.92 -15.40
CA GLY C 27 17.23 -4.38 -15.41
C GLY C 27 16.99 -5.02 -14.05
N PRO C 28 17.83 -4.73 -13.06
CA PRO C 28 17.60 -5.27 -11.70
C PRO C 28 16.23 -4.89 -11.12
N LYS C 29 15.77 -3.67 -11.40
CA LYS C 29 14.48 -3.21 -10.87
C LYS C 29 13.32 -4.05 -11.38
N VAL C 30 13.29 -4.28 -12.68
CA VAL C 30 12.26 -5.10 -13.29
C VAL C 30 12.25 -6.49 -12.66
N CYS C 31 13.43 -7.08 -12.52
CA CYS C 31 13.55 -8.42 -11.93
C CYS C 31 13.03 -8.45 -10.49
N MET C 32 13.32 -7.41 -9.73
CA MET C 32 12.83 -7.36 -8.34
C MET C 32 11.31 -7.27 -8.29
N VAL C 33 10.73 -6.52 -9.22
CA VAL C 33 9.28 -6.40 -9.29
C VAL C 33 8.65 -7.74 -9.68
N THR C 34 9.21 -8.43 -10.67
CA THR C 34 8.61 -9.70 -11.07
C THR C 34 8.68 -10.71 -9.92
N ALA C 35 9.70 -10.58 -9.07
CA ALA C 35 9.87 -11.50 -7.94
C ALA C 35 8.85 -11.26 -6.84
N ARG C 36 7.98 -10.26 -7.01
CA ARG C 36 6.89 -10.04 -6.05
C ARG C 36 5.85 -11.14 -6.13
N HIS C 37 5.78 -11.83 -7.27
CA HIS C 37 4.75 -12.85 -7.48
C HIS C 37 5.26 -14.24 -7.08
N PRO C 38 4.47 -14.98 -6.29
CA PRO C 38 4.96 -16.25 -5.74
C PRO C 38 5.10 -17.34 -6.81
N GLY C 39 4.56 -17.10 -8.00
CA GLY C 39 4.71 -18.05 -9.09
C GLY C 39 5.99 -17.86 -9.88
N PHE C 40 6.72 -16.78 -9.58
CA PHE C 40 8.01 -16.51 -10.22
C PHE C 40 9.07 -17.49 -9.73
N VAL C 41 9.70 -18.22 -10.64
CA VAL C 41 10.73 -19.14 -10.18
C VAL C 41 12.12 -18.80 -10.71
N GLY C 42 12.23 -17.67 -11.40
CA GLY C 42 13.57 -17.23 -11.82
C GLY C 42 13.62 -16.67 -13.22
N PHE C 43 14.83 -16.41 -13.69
CA PHE C 43 15.00 -15.75 -14.98
C PHE C 43 16.39 -16.00 -15.57
N GLN C 44 16.50 -15.77 -16.87
CA GLN C 44 17.77 -15.89 -17.57
C GLN C 44 17.75 -14.87 -18.71
N ASN C 45 18.49 -13.78 -18.54
CA ASN C 45 18.43 -12.69 -19.52
C ASN C 45 19.63 -12.75 -20.43
N HIS C 46 19.37 -12.66 -21.72
CA HIS C 46 20.40 -12.82 -22.74
C HIS C 46 20.58 -11.58 -23.59
N ILE C 47 21.81 -11.41 -24.03
CA ILE C 47 22.11 -10.51 -25.12
C ILE C 47 22.58 -11.36 -26.29
N GLN C 48 22.07 -11.08 -27.48
CA GLN C 48 22.59 -11.76 -28.67
C GLN C 48 23.95 -11.22 -29.03
N ILE C 49 24.95 -12.10 -29.16
CA ILE C 49 26.26 -11.60 -29.52
C ILE C 49 26.53 -11.83 -31.01
N GLY C 50 25.77 -12.72 -31.64
CA GLY C 50 25.95 -12.97 -33.04
C GLY C 50 24.98 -13.99 -33.59
N ILE C 51 25.32 -14.54 -34.75
CA ILE C 51 24.47 -15.46 -35.51
C ILE C 51 25.37 -16.59 -36.00
N LEU C 52 24.90 -17.83 -35.92
CA LEU C 52 25.66 -18.95 -36.46
C LEU C 52 25.62 -18.91 -37.99
N PRO C 53 26.78 -18.77 -38.64
CA PRO C 53 26.78 -18.58 -40.11
C PRO C 53 26.49 -19.83 -40.94
N PHE C 54 26.56 -21.03 -40.37
CA PHE C 54 26.30 -22.27 -41.14
C PHE C 54 27.22 -22.40 -42.35
N GLY C 55 28.52 -22.26 -42.13
CA GLY C 55 29.47 -22.22 -43.23
C GLY C 55 29.46 -20.82 -43.81
N ASN C 56 28.89 -20.65 -44.99
CA ASN C 56 28.67 -19.31 -45.52
C ASN C 56 27.24 -19.10 -46.00
N ARG C 57 26.31 -19.88 -45.46
CA ARG C 57 24.88 -19.68 -45.69
C ARG C 57 24.48 -18.27 -45.25
N TYR C 58 24.92 -17.89 -44.07
CA TYR C 58 24.83 -16.48 -43.63
C TYR C 58 26.24 -15.95 -43.55
N GLY C 59 26.85 -15.77 -44.72
CA GLY C 59 28.26 -15.40 -44.80
C GLY C 59 28.57 -14.01 -44.28
N GLY C 60 27.55 -13.18 -44.12
CA GLY C 60 27.75 -11.86 -43.56
C GLY C 60 27.72 -11.88 -42.03
N ALA C 61 27.36 -13.02 -41.47
CA ALA C 61 27.25 -13.15 -40.02
C ALA C 61 28.48 -13.78 -39.40
N LYS C 62 28.66 -13.58 -38.10
CA LYS C 62 29.61 -14.41 -37.37
C LYS C 62 29.12 -14.57 -35.94
N MET C 63 29.73 -15.48 -35.21
CA MET C 63 29.21 -15.83 -33.89
C MET C 63 29.34 -14.67 -32.92
N ASP C 64 30.32 -13.80 -33.13
CA ASP C 64 30.41 -12.59 -32.30
C ASP C 64 30.47 -11.33 -33.18
N MET C 65 29.34 -10.63 -33.27
CA MET C 65 29.23 -9.42 -34.09
C MET C 65 29.13 -8.14 -33.24
N THR C 66 29.45 -8.26 -31.94
CA THR C 66 29.22 -7.16 -31.01
C THR C 66 30.05 -5.92 -31.29
N LYS C 67 31.26 -6.09 -31.81
CA LYS C 67 32.12 -4.95 -32.06
C LYS C 67 31.70 -4.18 -33.31
N GLU C 68 30.89 -4.81 -34.15
CA GLU C 68 30.54 -4.21 -35.42
C GLU C 68 29.06 -3.82 -35.52
N SER C 69 28.20 -4.44 -34.72
CA SER C 69 26.76 -4.25 -34.85
C SER C 69 26.27 -2.90 -34.33
N SER C 70 25.30 -2.32 -35.03
CA SER C 70 24.72 -1.05 -34.62
C SER C 70 23.58 -1.25 -33.61
N THR C 71 23.14 -2.49 -33.45
CA THR C 71 22.05 -2.79 -32.54
C THR C 71 22.38 -3.95 -31.61
N VAL C 72 21.61 -4.09 -30.53
CA VAL C 72 21.73 -5.25 -29.67
C VAL C 72 20.35 -5.81 -29.37
N ARG C 73 20.19 -7.12 -29.53
CA ARG C 73 18.94 -7.79 -29.26
C ARG C 73 18.97 -8.46 -27.90
N VAL C 74 17.91 -8.27 -27.11
CA VAL C 74 17.80 -8.91 -25.80
C VAL C 74 16.68 -9.94 -25.84
N LEU C 75 16.89 -10.99 -25.07
CA LEU C 75 15.92 -12.06 -24.93
C LEU C 75 15.91 -12.42 -23.46
N GLN C 76 14.88 -11.96 -22.80
CA GLN C 76 14.83 -12.07 -21.35
C GLN C 76 13.84 -13.14 -20.95
N TYR C 77 14.36 -14.27 -20.46
CA TYR C 77 13.50 -15.38 -20.05
C TYR C 77 13.04 -15.16 -18.63
N THR C 78 11.73 -15.26 -18.37
CA THR C 78 11.24 -15.38 -17.00
C THR C 78 10.50 -16.69 -16.88
N PHE C 79 10.69 -17.37 -15.76
CA PHE C 79 10.12 -18.71 -15.57
C PHE C 79 9.01 -18.68 -14.53
N TRP C 80 7.94 -19.43 -14.80
CA TRP C 80 6.69 -19.33 -14.04
C TRP C 80 6.12 -20.70 -13.74
N LYS C 81 5.61 -20.89 -12.52
CA LYS C 81 4.96 -22.14 -12.17
C LYS C 81 3.78 -22.41 -13.10
N ASP C 82 2.99 -21.36 -13.36
CA ASP C 82 1.86 -21.43 -14.28
C ASP C 82 1.97 -20.20 -15.19
N TRP C 83 1.72 -20.34 -16.50
CA TRP C 83 1.91 -19.17 -17.38
C TRP C 83 0.96 -18.03 -16.99
N LYS C 84 -0.17 -18.37 -16.37
CA LYS C 84 -1.09 -17.33 -15.94
C LYS C 84 -0.47 -16.44 -14.85
N ASP C 85 0.50 -16.97 -14.10
CA ASP C 85 1.20 -16.18 -13.10
C ASP C 85 1.89 -14.98 -13.74
N HIS C 86 2.44 -15.19 -14.93
CA HIS C 86 3.13 -14.13 -15.65
C HIS C 86 2.17 -12.99 -15.96
N GLU C 87 0.98 -13.35 -16.44
CA GLU C 87 -0.04 -12.37 -16.80
C GLU C 87 -0.53 -11.63 -15.58
N GLU C 88 -0.73 -12.39 -14.51
CA GLU C 88 -1.18 -11.87 -13.25
C GLU C 88 -0.17 -10.88 -12.67
N MET C 89 1.11 -11.26 -12.70
CA MET C 89 2.19 -10.41 -12.20
C MET C 89 2.22 -9.07 -12.94
N HIS C 90 2.14 -9.10 -14.26
CA HIS C 90 2.14 -7.87 -15.05
C HIS C 90 0.99 -6.93 -14.65
N ARG C 91 -0.20 -7.49 -14.48
CA ARG C 91 -1.35 -6.65 -14.17
C ARG C 91 -1.31 -6.14 -12.74
N GLN C 92 -0.92 -7.00 -11.80
CA GLN C 92 -0.85 -6.62 -10.39
C GLN C 92 0.24 -5.58 -10.11
N ASN C 93 1.28 -5.57 -10.94
CA ASN C 93 2.42 -4.67 -10.71
C ASN C 93 2.63 -3.70 -11.87
N TRP C 94 1.56 -3.42 -12.59
CA TRP C 94 1.62 -2.66 -13.83
C TRP C 94 2.21 -1.26 -13.68
N SER C 95 1.87 -0.56 -12.59
CA SER C 95 2.34 0.82 -12.43
C SER C 95 3.87 0.86 -12.40
N TYR C 96 4.50 -0.10 -11.71
CA TYR C 96 5.96 -0.19 -11.66
C TYR C 96 6.56 -0.64 -12.99
N LEU C 97 6.08 -1.77 -13.51
CA LEU C 97 6.66 -2.36 -14.73
C LEU C 97 6.61 -1.45 -15.93
N PHE C 98 5.45 -0.87 -16.20
CA PHE C 98 5.35 -0.01 -17.38
C PHE C 98 6.25 1.22 -17.26
N ARG C 99 6.31 1.83 -16.08
CA ARG C 99 7.15 3.00 -15.92
C ARG C 99 8.64 2.62 -16.00
N LEU C 100 8.97 1.43 -15.51
CA LEU C 100 10.34 0.93 -15.60
C LEU C 100 10.72 0.64 -17.06
N CYS C 101 9.89 -0.15 -17.73
CA CYS C 101 10.17 -0.52 -19.13
C CYS C 101 10.10 0.69 -20.03
N GLY C 102 9.26 1.65 -19.67
CA GLY C 102 9.11 2.88 -20.39
C GLY C 102 10.37 3.72 -20.47
N SER C 103 11.24 3.59 -19.48
CA SER C 103 12.48 4.37 -19.45
C SER C 103 13.50 3.87 -20.48
N CYS C 104 13.19 2.75 -21.13
CA CYS C 104 14.05 2.18 -22.17
C CYS C 104 13.79 2.80 -23.53
N ALA C 105 12.71 3.59 -23.60
CA ALA C 105 12.18 4.12 -24.85
C ALA C 105 13.22 4.77 -25.75
N SER C 106 14.07 5.59 -25.16
CA SER C 106 15.06 6.35 -25.93
C SER C 106 16.04 5.46 -26.72
N GLN C 107 16.16 4.19 -26.35
CA GLN C 107 17.12 3.29 -26.99
C GLN C 107 16.46 2.23 -27.86
N MET C 108 15.13 2.17 -27.83
CA MET C 108 14.39 1.09 -28.46
C MET C 108 14.24 1.26 -29.98
N ILE C 109 14.45 0.18 -30.72
CA ILE C 109 14.25 0.19 -32.17
C ILE C 109 13.09 -0.74 -32.56
N TRP C 110 12.96 -1.85 -31.83
CA TRP C 110 11.88 -2.81 -32.07
C TRP C 110 11.54 -3.54 -30.77
N GLY C 111 10.26 -3.87 -30.59
CA GLY C 111 9.81 -4.57 -29.39
C GLY C 111 9.12 -3.62 -28.41
N PRO C 112 8.77 -4.13 -27.22
CA PRO C 112 8.98 -5.52 -26.80
C PRO C 112 7.98 -6.48 -27.42
N TRP C 113 8.39 -7.73 -27.54
CA TRP C 113 7.53 -8.78 -28.06
C TRP C 113 7.72 -9.97 -27.14
N GLU C 114 6.64 -10.46 -26.52
CA GLU C 114 6.85 -11.46 -25.47
C GLU C 114 6.00 -12.71 -25.64
N PRO C 115 6.46 -13.65 -26.48
CA PRO C 115 5.80 -14.95 -26.59
C PRO C 115 5.89 -15.74 -25.30
N ILE C 116 4.96 -16.65 -25.10
CA ILE C 116 4.96 -17.53 -23.94
C ILE C 116 5.12 -18.97 -24.42
N TYR C 117 5.88 -19.77 -23.67
CA TYR C 117 6.21 -21.12 -24.10
C TYR C 117 5.97 -22.15 -23.01
N GLU C 118 5.61 -23.37 -23.41
CA GLU C 118 5.69 -24.53 -22.54
C GLU C 118 6.98 -25.29 -22.85
N ILE C 119 7.60 -25.88 -21.84
CA ILE C 119 8.79 -26.71 -22.04
C ILE C 119 8.36 -28.15 -22.28
N ILE C 120 8.69 -28.69 -23.45
CA ILE C 120 8.26 -30.06 -23.74
C ILE C 120 9.40 -31.04 -23.56
N TYR C 121 10.62 -30.52 -23.38
CA TYR C 121 11.77 -31.35 -23.10
C TYR C 121 12.80 -30.49 -22.38
N ALA C 122 13.40 -31.04 -21.33
CA ALA C 122 14.45 -30.31 -20.62
C ALA C 122 15.49 -31.26 -20.08
N ASN C 123 16.74 -30.96 -20.42
CA ASN C 123 17.90 -31.60 -19.84
C ASN C 123 18.82 -30.47 -19.44
N MET C 124 18.53 -29.85 -18.30
CA MET C 124 19.22 -28.62 -17.90
C MET C 124 19.69 -28.74 -16.45
N PRO C 125 21.00 -28.63 -16.21
CA PRO C 125 21.57 -28.77 -14.86
C PRO C 125 21.46 -27.50 -14.06
N ILE C 126 21.63 -27.59 -12.74
CA ILE C 126 21.83 -26.36 -11.96
C ILE C 126 23.14 -25.70 -12.40
N ASN C 127 23.23 -24.39 -12.27
CA ASN C 127 24.49 -23.71 -12.54
C ASN C 127 25.45 -23.89 -11.38
N THR C 128 26.74 -23.96 -11.68
CA THR C 128 27.76 -23.92 -10.65
C THR C 128 28.97 -23.11 -11.13
N GLU C 129 29.60 -22.41 -10.20
CA GLU C 129 30.86 -21.76 -10.50
C GLU C 129 31.97 -22.78 -10.38
N MET C 130 33.15 -22.48 -10.94
CA MET C 130 34.29 -23.39 -10.84
C MET C 130 34.72 -23.63 -9.39
N THR C 131 34.30 -22.74 -8.51
CA THR C 131 34.61 -22.85 -7.09
C THR C 131 33.73 -23.90 -6.37
N ASP C 132 32.61 -24.25 -6.99
CA ASP C 132 31.59 -25.06 -6.31
C ASP C 132 31.76 -26.56 -6.45
N PHE C 133 32.48 -27.02 -7.48
CA PHE C 133 32.35 -28.41 -7.92
C PHE C 133 32.87 -29.42 -6.90
N THR C 134 33.84 -29.01 -6.10
CA THR C 134 34.39 -29.90 -5.10
C THR C 134 33.30 -30.31 -4.11
N ALA C 135 32.55 -29.32 -3.63
CA ALA C 135 31.47 -29.57 -2.67
C ALA C 135 30.32 -30.33 -3.33
N VAL C 136 30.05 -30.03 -4.59
CA VAL C 136 29.00 -30.74 -5.30
C VAL C 136 29.35 -32.23 -5.42
N VAL C 137 30.57 -32.51 -5.86
CA VAL C 137 31.04 -33.89 -5.97
C VAL C 137 30.97 -34.58 -4.61
N GLY C 138 31.48 -33.94 -3.58
CA GLY C 138 31.44 -34.50 -2.23
C GLY C 138 30.03 -34.87 -1.80
N LYS C 139 29.08 -33.97 -2.04
CA LYS C 139 27.70 -34.16 -1.65
C LYS C 139 27.03 -35.32 -2.38
N LYS C 140 27.24 -35.42 -3.69
CA LYS C 140 26.61 -36.48 -4.48
C LYS C 140 27.16 -37.87 -4.12
N PHE C 141 28.46 -37.96 -3.88
CA PHE C 141 29.04 -39.24 -3.46
C PHE C 141 28.55 -39.63 -2.06
N ALA C 142 28.42 -38.64 -1.20
CA ALA C 142 27.90 -38.88 0.15
C ALA C 142 26.49 -39.43 0.08
N GLU C 143 25.72 -38.96 -0.90
CA GLU C 143 24.33 -39.38 -1.02
C GLU C 143 24.23 -40.66 -1.84
N GLY C 144 25.37 -41.15 -2.31
CA GLY C 144 25.42 -42.32 -3.16
C GLY C 144 24.82 -42.11 -4.54
N LYS C 145 24.91 -40.90 -5.07
CA LYS C 145 24.34 -40.61 -6.39
C LYS C 145 25.34 -39.93 -7.34
N PRO C 146 26.46 -40.60 -7.64
CA PRO C 146 27.48 -39.98 -8.49
C PRO C 146 27.00 -39.70 -9.91
N LEU C 147 25.94 -40.38 -10.35
CA LEU C 147 25.37 -40.10 -11.66
C LEU C 147 24.66 -38.75 -11.72
N ASP C 148 24.36 -38.18 -10.56
CA ASP C 148 23.68 -36.91 -10.52
C ASP C 148 24.68 -35.76 -10.44
N ILE C 149 25.96 -36.06 -10.60
CA ILE C 149 26.96 -34.99 -10.69
C ILE C 149 26.89 -34.38 -12.09
N PRO C 150 26.56 -33.07 -12.17
CA PRO C 150 26.39 -32.41 -13.47
C PRO C 150 27.70 -31.92 -14.07
N VAL C 151 27.63 -31.53 -15.35
CA VAL C 151 28.69 -30.72 -15.93
C VAL C 151 28.78 -29.39 -15.19
N ILE C 152 29.88 -28.66 -15.35
CA ILE C 152 30.01 -27.34 -14.74
C ILE C 152 29.45 -26.30 -15.70
N SER C 153 28.26 -25.82 -15.40
CA SER C 153 27.61 -24.82 -16.24
C SER C 153 27.67 -23.48 -15.53
N GLN C 154 28.65 -22.66 -15.91
CA GLN C 154 28.95 -21.43 -15.17
C GLN C 154 27.96 -20.31 -15.45
N PRO C 155 27.47 -19.67 -14.39
CA PRO C 155 26.49 -18.59 -14.52
C PRO C 155 27.13 -17.26 -14.89
N TYR C 156 26.28 -16.29 -15.24
CA TYR C 156 26.67 -14.88 -15.36
C TYR C 156 27.69 -14.63 -16.47
N GLY C 157 27.32 -14.98 -17.69
CA GLY C 157 28.11 -14.65 -18.86
C GLY C 157 29.27 -15.58 -19.15
N LYS C 158 29.38 -16.69 -18.44
CA LYS C 158 30.58 -17.54 -18.60
C LYS C 158 30.28 -18.83 -19.35
N ARG C 159 29.27 -18.78 -20.22
CA ARG C 159 28.95 -19.85 -21.14
C ARG C 159 28.16 -19.21 -22.29
N VAL C 160 27.78 -19.99 -23.30
CA VAL C 160 27.04 -19.41 -24.42
C VAL C 160 25.85 -20.31 -24.76
N VAL C 161 24.85 -19.72 -25.42
CA VAL C 161 23.61 -20.38 -25.77
C VAL C 161 23.38 -20.35 -27.28
N ALA C 162 22.99 -21.50 -27.83
CA ALA C 162 22.46 -21.57 -29.18
C ALA C 162 20.94 -21.49 -29.11
N PHE C 163 20.40 -20.46 -29.74
CA PHE C 163 18.98 -20.17 -29.71
C PHE C 163 18.47 -20.51 -31.11
N ALA C 164 17.92 -21.70 -31.28
CA ALA C 164 17.58 -22.18 -32.61
C ALA C 164 16.08 -22.04 -32.90
N GLU C 165 15.73 -21.15 -33.82
CA GLU C 165 14.34 -20.92 -34.17
C GLU C 165 13.85 -21.92 -35.21
N HIS C 166 12.67 -22.50 -34.96
CA HIS C 166 12.00 -23.44 -35.86
C HIS C 166 10.52 -23.11 -35.97
N SER C 167 9.97 -23.17 -37.17
CA SER C 167 8.52 -23.24 -37.30
C SER C 167 8.20 -24.48 -38.11
N VAL C 168 7.12 -25.16 -37.73
CA VAL C 168 6.84 -26.50 -38.22
C VAL C 168 5.56 -26.55 -39.07
N ILE C 169 5.61 -27.33 -40.14
CA ILE C 169 4.44 -27.57 -40.98
C ILE C 169 3.26 -28.12 -40.20
N PRO C 170 2.08 -27.51 -40.32
CA PRO C 170 0.90 -28.01 -39.61
C PRO C 170 0.65 -29.49 -39.92
N GLY C 171 0.51 -30.30 -38.87
CA GLY C 171 0.36 -31.73 -39.02
C GLY C 171 1.66 -32.51 -38.80
N LYS C 172 2.78 -31.81 -38.72
CA LYS C 172 4.08 -32.47 -38.54
C LYS C 172 4.67 -32.20 -37.14
N GLU C 173 3.88 -31.62 -36.24
CA GLU C 173 4.37 -31.30 -34.90
C GLU C 173 4.85 -32.54 -34.13
N LYS C 174 4.12 -33.65 -34.23
CA LYS C 174 4.51 -34.88 -33.56
C LYS C 174 5.85 -35.41 -34.06
N GLN C 175 6.04 -35.42 -35.38
CA GLN C 175 7.32 -35.85 -35.95
C GLN C 175 8.45 -34.93 -35.50
N PHE C 176 8.21 -33.61 -35.51
CA PHE C 176 9.25 -32.68 -35.07
C PHE C 176 9.64 -32.96 -33.62
N GLU C 177 8.62 -33.08 -32.76
CA GLU C 177 8.88 -33.22 -31.34
C GLU C 177 9.59 -34.54 -31.03
N ASP C 178 9.15 -35.63 -31.66
CA ASP C 178 9.83 -36.90 -31.45
C ASP C 178 11.28 -36.85 -31.93
N ALA C 179 11.50 -36.32 -33.13
CA ALA C 179 12.83 -36.31 -33.70
C ALA C 179 13.80 -35.36 -32.97
N ILE C 180 13.30 -34.22 -32.50
CA ILE C 180 14.19 -33.25 -31.88
C ILE C 180 14.64 -33.76 -30.51
N VAL C 181 13.78 -34.49 -29.82
CA VAL C 181 14.16 -35.08 -28.54
C VAL C 181 15.22 -36.17 -28.74
N ARG C 182 15.02 -37.05 -29.73
CA ARG C 182 16.04 -38.06 -30.08
C ARG C 182 17.36 -37.39 -30.42
N THR C 183 17.27 -36.30 -31.18
CA THR C 183 18.45 -35.53 -31.56
C THR C 183 19.20 -35.00 -30.35
N LEU C 184 18.48 -34.35 -29.42
CA LEU C 184 19.12 -33.74 -28.27
C LEU C 184 19.67 -34.79 -27.30
N GLU C 185 19.04 -35.96 -27.26
CA GLU C 185 19.50 -37.05 -26.41
C GLU C 185 20.85 -37.56 -26.88
N MET C 186 21.07 -37.51 -28.20
CA MET C 186 22.35 -37.91 -28.78
C MET C 186 23.36 -36.76 -28.74
N LEU C 187 22.84 -35.54 -28.86
CA LEU C 187 23.70 -34.37 -28.92
C LEU C 187 24.47 -34.17 -27.63
N LYS C 188 23.96 -34.72 -26.54
CA LYS C 188 24.57 -34.46 -25.24
C LYS C 188 25.95 -35.11 -25.12
N LYS C 189 26.31 -35.95 -26.09
CA LYS C 189 27.65 -36.56 -26.13
C LYS C 189 28.75 -35.59 -26.57
N ALA C 190 28.37 -34.48 -27.20
CA ALA C 190 29.35 -33.51 -27.70
C ALA C 190 30.10 -32.87 -26.55
N PRO C 191 31.41 -32.67 -26.74
CA PRO C 191 32.23 -31.99 -25.72
C PRO C 191 31.68 -30.60 -25.42
N GLY C 192 31.60 -30.23 -24.14
CA GLY C 192 31.20 -28.89 -23.77
C GLY C 192 29.70 -28.62 -23.83
N PHE C 193 28.92 -29.68 -24.03
CA PHE C 193 27.46 -29.60 -23.97
C PHE C 193 27.01 -29.35 -22.53
N LEU C 194 26.23 -28.29 -22.33
CA LEU C 194 25.86 -27.90 -20.96
C LEU C 194 24.36 -28.02 -20.70
N GLY C 195 23.62 -28.57 -21.65
CA GLY C 195 22.20 -28.76 -21.45
C GLY C 195 21.38 -28.28 -22.64
N ALA C 196 20.14 -28.76 -22.71
CA ALA C 196 19.22 -28.35 -23.77
C ALA C 196 17.77 -28.41 -23.32
N MET C 197 16.95 -27.54 -23.92
CA MET C 197 15.52 -27.63 -23.74
C MET C 197 14.80 -27.18 -24.99
N VAL C 198 13.58 -27.70 -25.14
CA VAL C 198 12.74 -27.35 -26.26
C VAL C 198 11.52 -26.59 -25.77
N LEU C 199 11.35 -25.39 -26.31
CA LEU C 199 10.25 -24.52 -25.95
C LEU C 199 9.21 -24.53 -27.06
N LYS C 200 7.95 -24.70 -26.69
CA LYS C 200 6.86 -24.74 -27.65
C LYS C 200 5.93 -23.57 -27.35
N GLU C 201 5.74 -22.70 -28.33
CA GLU C 201 4.95 -21.50 -28.09
C GLU C 201 3.50 -21.85 -27.78
N ILE C 202 2.94 -21.24 -26.74
CA ILE C 202 1.53 -21.46 -26.41
C ILE C 202 0.71 -20.19 -26.64
N GLY C 203 1.40 -19.09 -26.89
CA GLY C 203 0.73 -17.83 -27.14
C GLY C 203 1.63 -16.64 -26.97
N VAL C 204 1.03 -15.46 -26.87
CA VAL C 204 1.77 -14.22 -26.73
C VAL C 204 1.12 -13.33 -25.68
N SER C 205 1.94 -12.74 -24.81
CA SER C 205 1.46 -11.78 -23.82
C SER C 205 1.27 -10.40 -24.45
N GLY C 206 0.01 -10.00 -24.65
CA GLY C 206 -0.29 -8.68 -25.16
C GLY C 206 0.26 -7.59 -24.26
N ILE C 207 0.08 -7.75 -22.95
CA ILE C 207 0.51 -6.73 -22.01
C ILE C 207 2.03 -6.65 -21.98
N GLY C 208 2.72 -7.80 -22.04
CA GLY C 208 4.17 -7.79 -22.06
C GLY C 208 4.72 -7.26 -23.37
N SER C 209 3.88 -7.28 -24.41
CA SER C 209 4.30 -6.78 -25.73
C SER C 209 3.81 -5.35 -25.98
N MET C 210 3.21 -4.73 -24.95
CA MET C 210 2.64 -3.39 -25.11
C MET C 210 1.68 -3.33 -26.32
N GLN C 211 0.93 -4.40 -26.50
CA GLN C 211 -0.03 -4.49 -27.57
C GLN C 211 -1.43 -4.37 -26.98
N PHE C 212 -1.97 -3.16 -27.03
CA PHE C 212 -3.29 -2.87 -26.48
C PHE C 212 -4.27 -2.63 -27.62
N GLY C 213 -5.53 -2.38 -27.27
CA GLY C 213 -6.48 -1.84 -28.22
C GLY C 213 -6.17 -0.38 -28.48
N ALA C 214 -7.09 0.30 -29.17
CA ALA C 214 -6.94 1.70 -29.54
C ALA C 214 -6.63 2.61 -28.34
N LYS C 215 -7.36 2.42 -27.25
CA LYS C 215 -7.17 3.26 -26.09
C LYS C 215 -5.75 3.18 -25.55
N GLY C 216 -5.29 1.96 -25.31
CA GLY C 216 -3.97 1.75 -24.74
C GLY C 216 -2.87 2.21 -25.67
N PHE C 217 -3.08 2.01 -26.97
CA PHE C 217 -2.12 2.43 -27.98
C PHE C 217 -1.85 3.92 -27.86
N HIS C 218 -2.91 4.72 -27.82
CA HIS C 218 -2.75 6.17 -27.67
C HIS C 218 -2.08 6.55 -26.34
N GLN C 219 -2.43 5.84 -25.26
CA GLN C 219 -1.82 6.09 -23.96
C GLN C 219 -0.32 5.79 -24.01
N VAL C 220 0.04 4.72 -24.70
CA VAL C 220 1.46 4.41 -24.86
C VAL C 220 2.19 5.54 -25.60
N LEU C 221 1.66 5.94 -26.74
CA LEU C 221 2.29 6.94 -27.57
C LEU C 221 2.34 8.30 -26.87
N GLU C 222 1.31 8.60 -26.09
CA GLU C 222 1.20 9.94 -25.50
C GLU C 222 1.85 10.04 -24.11
N ASN C 223 2.34 8.92 -23.60
CA ASN C 223 2.86 8.87 -22.23
C ASN C 223 4.09 9.75 -21.98
N PRO C 224 4.00 10.66 -20.99
CA PRO C 224 5.17 11.44 -20.56
C PRO C 224 6.16 10.60 -19.76
N GLY C 225 5.75 9.40 -19.37
CA GLY C 225 6.63 8.49 -18.64
C GLY C 225 6.03 7.98 -17.35
N SER C 226 5.08 8.71 -16.78
CA SER C 226 4.54 8.36 -15.47
C SER C 226 3.04 8.04 -15.49
N LEU C 227 2.50 7.75 -16.67
CA LEU C 227 1.08 7.42 -16.76
C LEU C 227 0.86 6.11 -17.55
N GLU C 228 0.57 5.03 -16.83
CA GLU C 228 0.41 3.72 -17.46
C GLU C 228 -0.85 3.65 -18.31
N PRO C 229 -0.75 2.94 -19.43
CA PRO C 229 -1.96 2.60 -20.18
C PRO C 229 -2.85 1.69 -19.35
N ASP C 230 -4.14 1.64 -19.69
CA ASP C 230 -5.07 0.72 -19.06
C ASP C 230 -4.67 -0.72 -19.35
N PRO C 231 -4.20 -1.44 -18.33
CA PRO C 231 -3.73 -2.82 -18.58
C PRO C 231 -4.87 -3.75 -18.97
N ASN C 232 -6.11 -3.32 -18.74
CA ASN C 232 -7.27 -4.11 -19.11
C ASN C 232 -7.68 -3.90 -20.57
N ASN C 233 -6.95 -3.04 -21.28
CA ASN C 233 -7.25 -2.77 -22.67
C ASN C 233 -6.52 -3.71 -23.62
N VAL C 234 -5.94 -4.78 -23.09
CA VAL C 234 -5.40 -5.83 -23.97
C VAL C 234 -6.58 -6.61 -24.56
N MET C 235 -6.59 -6.74 -25.89
CA MET C 235 -7.77 -7.25 -26.60
C MET C 235 -7.71 -8.76 -26.85
N TYR C 236 -6.60 -9.40 -26.51
CA TYR C 236 -6.52 -10.83 -26.75
C TYR C 236 -5.88 -11.59 -25.60
N SER C 237 -6.32 -12.83 -25.40
CA SER C 237 -5.71 -13.68 -24.37
C SER C 237 -4.43 -14.27 -24.93
N VAL C 238 -3.59 -14.81 -24.05
CA VAL C 238 -2.32 -15.39 -24.50
C VAL C 238 -2.52 -16.45 -25.62
N PRO C 239 -3.41 -17.46 -25.43
CA PRO C 239 -3.57 -18.49 -26.48
C PRO C 239 -4.13 -17.98 -27.81
N GLU C 240 -4.91 -16.90 -27.79
CA GLU C 240 -5.47 -16.36 -29.03
C GLU C 240 -4.40 -15.92 -30.00
N ALA C 241 -3.22 -15.60 -29.50
CA ALA C 241 -2.13 -15.12 -30.35
C ALA C 241 -1.13 -16.22 -30.74
N LYS C 242 -1.41 -17.45 -30.33
CA LYS C 242 -0.49 -18.55 -30.66
C LYS C 242 -0.37 -18.72 -32.16
N ASN C 243 0.85 -18.81 -32.66
CA ASN C 243 1.05 -18.91 -34.09
C ASN C 243 0.84 -20.29 -34.66
N THR C 244 0.24 -20.34 -35.86
CA THR C 244 0.31 -21.48 -36.75
C THR C 244 0.86 -20.95 -38.07
N PRO C 245 1.94 -21.54 -38.61
CA PRO C 245 2.74 -22.67 -38.13
C PRO C 245 3.25 -22.58 -36.70
N GLN C 246 3.22 -23.73 -36.03
CA GLN C 246 3.71 -23.85 -34.68
C GLN C 246 5.18 -23.44 -34.58
N GLN C 247 5.48 -22.56 -33.63
CA GLN C 247 6.85 -22.12 -33.41
C GLN C 247 7.49 -22.85 -32.24
N TYR C 248 8.77 -23.20 -32.41
CA TYR C 248 9.56 -23.79 -31.33
C TYR C 248 10.88 -23.07 -31.17
N ILE C 249 11.42 -23.10 -29.95
CA ILE C 249 12.80 -22.73 -29.72
C ILE C 249 13.56 -23.97 -29.25
N VAL C 250 14.66 -24.27 -29.93
CA VAL C 250 15.57 -25.27 -29.41
C VAL C 250 16.77 -24.56 -28.78
N HIS C 251 16.84 -24.65 -27.46
CA HIS C 251 17.77 -23.90 -26.64
C HIS C 251 18.87 -24.82 -26.13
N VAL C 252 20.09 -24.64 -26.62
CA VAL C 252 21.21 -25.50 -26.25
C VAL C 252 22.38 -24.68 -25.69
N GLU C 253 22.92 -25.11 -24.56
CA GLU C 253 23.98 -24.35 -23.90
C GLU C 253 25.34 -25.02 -24.08
N TRP C 254 26.38 -24.20 -24.20
CA TRP C 254 27.71 -24.69 -24.56
C TRP C 254 28.80 -23.98 -23.77
N ALA C 255 29.91 -24.68 -23.53
CA ALA C 255 31.02 -24.14 -22.78
C ALA C 255 31.63 -22.90 -23.42
N ASN C 256 31.60 -22.84 -24.75
CA ASN C 256 32.21 -21.73 -25.48
C ASN C 256 31.72 -21.77 -26.94
N THR C 257 32.04 -20.76 -27.73
CA THR C 257 31.49 -20.68 -29.08
C THR C 257 32.07 -21.74 -30.03
N ASP C 258 33.31 -22.19 -29.81
CA ASP C 258 33.83 -23.30 -30.62
C ASP C 258 33.05 -24.57 -30.33
N ALA C 259 32.84 -24.88 -29.05
CA ALA C 259 32.07 -26.06 -28.66
C ALA C 259 30.65 -25.98 -29.23
N LEU C 260 30.09 -24.77 -29.24
CA LEU C 260 28.78 -24.55 -29.84
C LEU C 260 28.81 -24.87 -31.33
N MET C 261 29.75 -24.25 -32.04
CA MET C 261 29.79 -24.40 -33.49
C MET C 261 29.96 -25.87 -33.90
N PHE C 262 30.96 -26.54 -33.35
CA PHE C 262 31.23 -27.92 -33.74
C PHE C 262 30.30 -28.91 -33.07
N GLY C 263 29.81 -28.55 -31.90
CA GLY C 263 28.84 -29.39 -31.20
C GLY C 263 27.48 -29.41 -31.87
N MET C 264 26.91 -28.23 -32.14
CA MET C 264 25.67 -28.17 -32.92
C MET C 264 25.94 -28.82 -34.29
N GLY C 265 27.16 -28.62 -34.79
CA GLY C 265 27.56 -29.20 -36.08
C GLY C 265 27.52 -30.73 -36.12
N ARG C 266 27.52 -31.34 -34.94
CA ARG C 266 27.47 -32.80 -34.83
C ARG C 266 26.25 -33.40 -35.53
N VAL C 267 25.14 -32.64 -35.60
CA VAL C 267 23.94 -33.12 -36.26
C VAL C 267 24.11 -33.11 -37.79
N LEU C 268 25.19 -32.50 -38.27
CA LEU C 268 25.53 -32.51 -39.69
C LEU C 268 26.71 -33.42 -40.00
N LEU C 269 27.61 -33.60 -39.02
CA LEU C 269 28.92 -34.22 -39.27
C LEU C 269 29.02 -35.68 -38.82
N TYR C 270 28.16 -36.10 -37.89
CA TYR C 270 28.15 -37.45 -37.38
C TYR C 270 27.03 -38.23 -38.07
N PRO C 271 27.37 -39.17 -38.97
CA PRO C 271 26.34 -39.79 -39.82
C PRO C 271 25.11 -40.32 -39.08
N GLU C 272 25.32 -41.00 -37.95
CA GLU C 272 24.21 -41.57 -37.20
C GLU C 272 23.26 -40.47 -36.71
N LEU C 273 23.83 -39.39 -36.19
CA LEU C 273 23.01 -38.28 -35.69
C LEU C 273 22.41 -37.48 -36.85
N ARG C 274 23.15 -37.38 -37.95
CA ARG C 274 22.64 -36.69 -39.12
C ARG C 274 21.33 -37.32 -39.63
N GLN C 275 21.26 -38.66 -39.59
CA GLN C 275 20.06 -39.36 -40.04
C GLN C 275 18.86 -39.03 -39.14
N VAL C 276 19.12 -38.98 -37.84
CA VAL C 276 18.06 -38.66 -36.88
C VAL C 276 17.60 -37.22 -37.06
N HIS C 277 18.55 -36.30 -37.15
CA HIS C 277 18.22 -34.91 -37.26
C HIS C 277 17.57 -34.57 -38.60
N ASP C 278 17.84 -35.36 -39.64
CA ASP C 278 17.18 -35.16 -40.92
C ASP C 278 15.66 -35.23 -40.77
N GLU C 279 15.19 -36.03 -39.82
CA GLU C 279 13.75 -36.12 -39.57
C GLU C 279 13.19 -34.81 -39.01
N VAL C 280 14.00 -34.05 -38.28
CA VAL C 280 13.60 -32.71 -37.84
C VAL C 280 13.46 -31.77 -39.05
N LEU C 281 14.49 -31.75 -39.89
CA LEU C 281 14.56 -30.84 -41.02
C LEU C 281 13.38 -31.00 -41.96
N ASP C 282 12.91 -32.23 -42.10
CA ASP C 282 11.81 -32.53 -43.02
C ASP C 282 10.48 -31.90 -42.59
N THR C 283 10.38 -31.45 -41.34
CA THR C 283 9.13 -30.93 -40.83
C THR C 283 9.01 -29.40 -40.88
N LEU C 284 10.06 -28.71 -41.31
CA LEU C 284 10.17 -27.28 -41.06
C LEU C 284 9.55 -26.39 -42.15
N VAL C 285 8.85 -25.34 -41.70
CA VAL C 285 8.48 -24.23 -42.55
C VAL C 285 9.61 -23.19 -42.56
N TYR C 286 10.10 -22.91 -41.35
CA TYR C 286 11.17 -21.95 -41.20
C TYR C 286 12.26 -22.50 -40.28
N GLY C 287 13.52 -22.19 -40.61
CA GLY C 287 14.64 -22.53 -39.77
C GLY C 287 15.39 -23.75 -40.25
N PRO C 288 16.40 -24.20 -39.47
CA PRO C 288 16.81 -23.58 -38.19
C PRO C 288 17.58 -22.26 -38.38
N TYR C 289 17.21 -21.22 -37.64
CA TYR C 289 17.99 -19.99 -37.61
C TYR C 289 18.54 -19.88 -36.20
N ILE C 290 19.86 -19.76 -36.09
CA ILE C 290 20.47 -19.91 -34.78
C ILE C 290 21.18 -18.64 -34.34
N ARG C 291 20.62 -18.04 -33.30
CA ARG C 291 21.21 -16.88 -32.66
C ARG C 291 22.17 -17.34 -31.57
N ILE C 292 23.28 -16.63 -31.45
CA ILE C 292 24.29 -16.91 -30.42
C ILE C 292 24.04 -15.96 -29.26
N LEU C 293 23.74 -16.50 -28.07
CA LEU C 293 23.35 -15.65 -26.93
C LEU C 293 24.31 -15.71 -25.78
N ASN C 294 24.45 -14.59 -25.09
CA ASN C 294 25.19 -14.56 -23.83
C ASN C 294 24.23 -14.36 -22.64
N PRO C 295 24.12 -15.37 -21.77
CA PRO C 295 23.29 -15.27 -20.55
C PRO C 295 24.00 -14.49 -19.47
N MET C 296 23.78 -13.20 -19.42
CA MET C 296 24.57 -12.34 -18.55
C MET C 296 23.94 -12.22 -17.17
N MET C 297 22.68 -11.81 -17.13
CA MET C 297 21.97 -11.64 -15.87
C MET C 297 20.98 -12.78 -15.70
N GLU C 298 21.04 -13.47 -14.57
CA GLU C 298 20.12 -14.60 -14.37
C GLU C 298 19.85 -14.91 -12.89
N GLY C 299 18.69 -15.49 -12.66
CA GLY C 299 18.29 -16.00 -11.35
C GLY C 299 18.36 -17.50 -11.47
N THR C 300 19.49 -18.07 -11.04
CA THR C 300 19.85 -19.44 -11.38
C THR C 300 18.93 -20.47 -10.72
N PHE C 301 18.18 -20.01 -9.73
CA PHE C 301 17.31 -20.90 -8.96
C PHE C 301 16.16 -21.45 -9.80
N TRP C 302 15.94 -20.93 -11.00
CA TRP C 302 14.91 -21.53 -11.86
C TRP C 302 15.24 -23.00 -12.18
N ARG C 303 16.53 -23.33 -12.24
CA ARG C 303 16.96 -24.70 -12.51
C ARG C 303 16.79 -25.60 -11.27
N GLU C 304 16.78 -24.99 -10.09
CA GLU C 304 16.51 -25.74 -8.88
C GLU C 304 15.03 -26.14 -8.89
N TYR C 305 14.16 -25.23 -9.32
CA TYR C 305 12.74 -25.56 -9.44
C TYR C 305 12.57 -26.65 -10.49
N LEU C 306 13.25 -26.49 -11.62
CA LEU C 306 13.17 -27.47 -12.71
C LEU C 306 13.53 -28.88 -12.26
N ASN C 307 14.66 -28.99 -11.55
CA ASN C 307 15.22 -30.30 -11.22
C ASN C 307 14.80 -30.78 -9.83
N GLU C 308 14.03 -29.94 -9.13
CA GLU C 308 13.48 -30.25 -7.82
C GLU C 308 14.57 -30.57 -6.78
N PRO D 2 36.98 -23.20 17.35
CA PRO D 2 35.94 -22.38 17.98
C PRO D 2 35.83 -21.03 17.31
N LYS D 3 34.77 -20.29 17.62
CA LYS D 3 34.63 -18.96 17.05
C LYS D 3 35.61 -18.00 17.73
N PRO D 4 36.47 -17.35 16.94
CA PRO D 4 37.33 -16.30 17.51
C PRO D 4 36.58 -14.98 17.63
N TYR D 5 37.13 -14.03 18.37
CA TYR D 5 36.65 -12.65 18.28
C TYR D 5 37.33 -11.94 17.13
N VAL D 6 36.73 -10.85 16.65
CA VAL D 6 37.26 -10.13 15.50
C VAL D 6 37.44 -8.64 15.80
N ALA D 7 38.65 -8.15 15.59
CA ALA D 7 38.90 -6.71 15.60
C ALA D 7 39.00 -6.25 14.16
N ILE D 8 38.30 -5.18 13.80
CA ILE D 8 38.41 -4.66 12.44
C ILE D 8 38.94 -3.24 12.46
N ASN D 9 40.20 -3.10 12.06
CA ASN D 9 40.81 -1.79 11.97
C ASN D 9 40.46 -1.15 10.63
N MET D 10 39.78 -0.01 10.71
CA MET D 10 39.27 0.70 9.54
C MET D 10 39.97 2.04 9.35
N ALA D 11 40.29 2.38 8.11
CA ALA D 11 40.93 3.66 7.80
C ALA D 11 40.68 4.05 6.35
N GLU D 12 40.83 5.33 6.06
CA GLU D 12 40.70 5.84 4.69
C GLU D 12 41.97 6.58 4.36
N LEU D 13 42.57 6.25 3.21
CA LEU D 13 43.84 6.81 2.80
C LEU D 13 43.80 7.28 1.35
N LYS D 14 44.79 8.09 0.96
CA LYS D 14 44.89 8.53 -0.43
C LYS D 14 45.08 7.34 -1.36
N ASN D 15 44.33 7.34 -2.46
CA ASN D 15 44.46 6.28 -3.47
C ASN D 15 45.58 6.61 -4.42
N GLU D 16 46.81 6.26 -4.04
CA GLU D 16 47.98 6.51 -4.88
C GLU D 16 49.03 5.44 -4.61
N PRO D 17 50.01 5.29 -5.54
CA PRO D 17 51.03 4.25 -5.38
C PRO D 17 51.76 4.26 -4.04
N LYS D 18 52.09 5.45 -3.54
CA LYS D 18 52.80 5.58 -2.28
C LYS D 18 52.07 4.88 -1.12
N THR D 19 50.75 4.94 -1.15
CA THR D 19 49.95 4.27 -0.13
C THR D 19 50.12 2.77 -0.20
N PHE D 20 50.07 2.22 -1.41
CA PHE D 20 50.17 0.77 -1.59
C PHE D 20 51.60 0.33 -1.34
N GLU D 21 52.56 1.22 -1.56
CA GLU D 21 53.95 0.91 -1.28
C GLU D 21 54.15 0.73 0.23
N MET D 22 53.54 1.59 1.03
CA MET D 22 53.74 1.42 2.47
C MET D 22 52.86 0.29 3.01
N PHE D 23 51.78 -0.06 2.29
CA PHE D 23 51.06 -1.28 2.61
C PHE D 23 52.01 -2.48 2.57
N ALA D 24 52.88 -2.49 1.57
CA ALA D 24 53.79 -3.61 1.35
C ALA D 24 54.97 -3.63 2.33
N SER D 25 55.40 -2.46 2.79
CA SER D 25 56.53 -2.37 3.69
C SER D 25 56.09 -2.52 5.15
N VAL D 26 55.09 -1.74 5.54
CA VAL D 26 54.67 -1.65 6.92
C VAL D 26 53.69 -2.75 7.32
N GLY D 27 52.76 -3.08 6.41
CA GLY D 27 51.75 -4.10 6.67
C GLY D 27 52.26 -5.41 7.25
N PRO D 28 53.24 -6.06 6.58
CA PRO D 28 53.81 -7.30 7.12
C PRO D 28 54.38 -7.10 8.52
N LYS D 29 55.00 -5.95 8.76
CA LYS D 29 55.61 -5.68 10.07
C LYS D 29 54.58 -5.69 11.17
N VAL D 30 53.47 -5.01 10.94
CA VAL D 30 52.39 -4.97 11.91
C VAL D 30 51.86 -6.37 12.21
N CYS D 31 51.64 -7.16 11.16
CA CYS D 31 51.15 -8.53 11.30
C CYS D 31 52.12 -9.41 12.10
N MET D 32 53.42 -9.22 11.86
CA MET D 32 54.44 -9.99 12.59
C MET D 32 54.44 -9.64 14.07
N VAL D 33 54.20 -8.38 14.39
CA VAL D 33 54.12 -7.94 15.78
C VAL D 33 52.88 -8.52 16.47
N THR D 34 51.74 -8.47 15.78
CA THR D 34 50.51 -8.99 16.37
C THR D 34 50.63 -10.48 16.66
N ALA D 35 51.41 -11.17 15.83
CA ALA D 35 51.61 -12.61 15.99
C ALA D 35 52.51 -12.96 17.17
N ARG D 36 53.02 -11.96 17.89
CA ARG D 36 53.79 -12.22 19.13
C ARG D 36 52.90 -12.79 20.23
N HIS D 37 51.60 -12.51 20.16
CA HIS D 37 50.66 -12.90 21.20
C HIS D 37 50.03 -14.25 20.92
N PRO D 38 50.01 -15.14 21.93
CA PRO D 38 49.51 -16.50 21.70
C PRO D 38 48.01 -16.61 21.42
N GLY D 39 47.26 -15.54 21.70
CA GLY D 39 45.84 -15.51 21.41
C GLY D 39 45.50 -15.09 19.99
N PHE D 40 46.52 -14.68 19.25
CA PHE D 40 46.38 -14.31 17.84
C PHE D 40 46.17 -15.57 17.01
N VAL D 41 45.08 -15.64 16.27
CA VAL D 41 44.84 -16.83 15.45
C VAL D 41 44.78 -16.53 13.97
N GLY D 42 45.06 -15.29 13.58
CA GLY D 42 45.16 -14.97 12.16
C GLY D 42 44.55 -13.63 11.78
N PHE D 43 44.50 -13.36 10.48
CA PHE D 43 44.06 -12.06 10.00
C PHE D 43 43.56 -12.16 8.58
N GLN D 44 42.79 -11.15 8.18
CA GLN D 44 42.29 -11.04 6.82
C GLN D 44 42.15 -9.56 6.50
N ASN D 45 43.07 -9.03 5.71
CA ASN D 45 43.09 -7.60 5.43
C ASN D 45 42.45 -7.30 4.07
N HIS D 46 41.57 -6.31 4.05
CA HIS D 46 40.79 -6.00 2.86
C HIS D 46 41.03 -4.58 2.38
N ILE D 47 40.91 -4.39 1.08
CA ILE D 47 40.77 -3.08 0.52
C ILE D 47 39.34 -3.03 -0.04
N GLN D 48 38.63 -1.92 0.20
CA GLN D 48 37.34 -1.75 -0.46
C GLN D 48 37.56 -1.43 -1.94
N ILE D 49 36.96 -2.19 -2.84
CA ILE D 49 37.13 -1.87 -4.25
C ILE D 49 35.92 -1.14 -4.79
N GLY D 50 34.80 -1.21 -4.07
CA GLY D 50 33.61 -0.50 -4.50
C GLY D 50 32.41 -0.65 -3.59
N ILE D 51 31.24 -0.34 -4.13
CA ILE D 51 30.00 -0.32 -3.37
C ILE D 51 28.90 -1.00 -4.20
N LEU D 52 28.09 -1.85 -3.57
CA LEU D 52 26.97 -2.47 -4.29
C LEU D 52 25.86 -1.45 -4.56
N PRO D 53 25.55 -1.17 -5.85
CA PRO D 53 24.63 -0.06 -6.13
C PRO D 53 23.13 -0.33 -5.89
N PHE D 54 22.72 -1.58 -5.71
CA PHE D 54 21.30 -1.90 -5.50
C PHE D 54 20.43 -1.37 -6.64
N GLY D 55 20.82 -1.68 -7.88
CA GLY D 55 20.15 -1.09 -9.02
C GLY D 55 20.69 0.30 -9.27
N ASN D 56 19.91 1.33 -8.95
CA ASN D 56 20.44 2.69 -8.97
C ASN D 56 20.09 3.43 -7.69
N ARG D 57 19.87 2.67 -6.62
CA ARG D 57 19.74 3.24 -5.28
C ARG D 57 21.00 4.04 -4.93
N TYR D 58 22.16 3.45 -5.17
CA TYR D 58 23.41 4.21 -5.16
C TYR D 58 23.93 4.25 -6.58
N GLY D 59 23.23 5.00 -7.42
CA GLY D 59 23.50 5.03 -8.85
C GLY D 59 24.85 5.62 -9.20
N GLY D 60 25.47 6.30 -8.23
CA GLY D 60 26.80 6.85 -8.45
C GLY D 60 27.89 5.84 -8.13
N ALA D 61 27.52 4.72 -7.53
CA ALA D 61 28.52 3.72 -7.14
C ALA D 61 28.61 2.60 -8.17
N LYS D 62 29.69 1.84 -8.13
CA LYS D 62 29.73 0.57 -8.83
C LYS D 62 30.63 -0.38 -8.04
N MET D 63 30.60 -1.66 -8.39
CA MET D 63 31.30 -2.67 -7.58
C MET D 63 32.81 -2.50 -7.60
N ASP D 64 33.35 -1.96 -8.69
CA ASP D 64 34.79 -1.66 -8.76
C ASP D 64 34.99 -0.20 -9.14
N MET D 65 35.32 0.62 -8.14
CA MET D 65 35.53 2.05 -8.35
C MET D 65 37.01 2.41 -8.23
N THR D 66 37.88 1.40 -8.25
CA THR D 66 39.30 1.60 -7.93
C THR D 66 40.02 2.53 -8.91
N LYS D 67 39.59 2.53 -10.17
CA LYS D 67 40.26 3.35 -11.18
C LYS D 67 39.87 4.82 -11.09
N GLU D 68 38.78 5.12 -10.41
CA GLU D 68 38.29 6.50 -10.36
C GLU D 68 38.36 7.11 -8.95
N SER D 69 38.42 6.28 -7.92
CA SER D 69 38.37 6.80 -6.56
C SER D 69 39.65 7.52 -6.15
N SER D 70 39.50 8.63 -5.43
CA SER D 70 40.65 9.38 -4.94
C SER D 70 41.16 8.81 -3.62
N THR D 71 40.38 7.92 -3.01
CA THR D 71 40.77 7.34 -1.73
C THR D 71 40.66 5.83 -1.76
N VAL D 72 41.27 5.18 -0.76
CA VAL D 72 41.10 3.75 -0.58
C VAL D 72 40.77 3.47 0.88
N ARG D 73 39.74 2.67 1.10
CA ARG D 73 39.36 2.30 2.45
C ARG D 73 39.92 0.91 2.76
N VAL D 74 40.54 0.77 3.93
CA VAL D 74 41.06 -0.54 4.33
C VAL D 74 40.26 -1.05 5.52
N LEU D 75 40.08 -2.36 5.58
CA LEU D 75 39.40 -3.00 6.69
C LEU D 75 40.18 -4.24 7.08
N GLN D 76 40.92 -4.11 8.18
CA GLN D 76 41.86 -5.13 8.56
C GLN D 76 41.34 -5.94 9.71
N TYR D 77 40.95 -7.18 9.41
CA TYR D 77 40.44 -8.09 10.43
C TYR D 77 41.59 -8.78 11.12
N THR D 78 41.62 -8.73 12.45
CA THR D 78 42.50 -9.63 13.19
C THR D 78 41.63 -10.50 14.07
N PHE D 79 41.98 -11.77 14.18
CA PHE D 79 41.18 -12.76 14.89
C PHE D 79 41.89 -13.21 16.18
N TRP D 80 41.11 -13.37 17.26
CA TRP D 80 41.62 -13.56 18.62
C TRP D 80 40.85 -14.62 19.39
N LYS D 81 41.56 -15.45 20.16
CA LYS D 81 40.88 -16.42 21.01
C LYS D 81 39.92 -15.73 21.97
N ASP D 82 40.39 -14.64 22.58
CA ASP D 82 39.61 -13.83 23.51
C ASP D 82 39.81 -12.40 23.05
N TRP D 83 38.76 -11.58 23.04
CA TRP D 83 38.93 -10.20 22.57
C TRP D 83 39.91 -9.44 23.46
N LYS D 84 40.04 -9.87 24.73
CA LYS D 84 40.99 -9.23 25.64
C LYS D 84 42.44 -9.45 25.20
N ASP D 85 42.68 -10.52 24.44
CA ASP D 85 44.01 -10.76 23.86
C ASP D 85 44.44 -9.63 22.95
N HIS D 86 43.49 -9.10 22.19
CA HIS D 86 43.77 -7.99 21.28
C HIS D 86 44.25 -6.77 22.06
N GLU D 87 43.55 -6.46 23.13
CA GLU D 87 43.88 -5.31 23.96
C GLU D 87 45.23 -5.48 24.64
N GLU D 88 45.46 -6.69 25.13
CA GLU D 88 46.72 -7.03 25.76
C GLU D 88 47.88 -6.95 24.77
N MET D 89 47.68 -7.50 23.58
CA MET D 89 48.71 -7.47 22.52
C MET D 89 49.13 -6.03 22.22
N HIS D 90 48.13 -5.16 22.04
CA HIS D 90 48.37 -3.75 21.75
C HIS D 90 49.22 -3.08 22.81
N ARG D 91 48.89 -3.34 24.07
CA ARG D 91 49.61 -2.71 25.18
C ARG D 91 51.01 -3.28 25.35
N GLN D 92 51.15 -4.60 25.25
CA GLN D 92 52.44 -5.26 25.40
C GLN D 92 53.44 -4.90 24.30
N ASN D 93 52.91 -4.56 23.12
CA ASN D 93 53.76 -4.27 21.98
C ASN D 93 53.56 -2.85 21.44
N TRP D 94 53.14 -1.96 22.33
CA TRP D 94 52.75 -0.61 21.95
C TRP D 94 53.87 0.16 21.26
N SER D 95 55.09 0.03 21.75
CA SER D 95 56.21 0.80 21.19
C SER D 95 56.38 0.46 19.72
N TYR D 96 56.20 -0.80 19.35
CA TYR D 96 56.29 -1.20 17.97
C TYR D 96 55.09 -0.75 17.15
N LEU D 97 53.88 -1.09 17.61
CA LEU D 97 52.66 -0.82 16.87
C LEU D 97 52.45 0.67 16.59
N PHE D 98 52.59 1.51 17.61
CA PHE D 98 52.36 2.93 17.41
C PHE D 98 53.33 3.52 16.39
N ARG D 99 54.60 3.14 16.48
CA ARG D 99 55.60 3.67 15.57
C ARG D 99 55.41 3.14 14.15
N LEU D 100 54.95 1.90 14.03
CA LEU D 100 54.65 1.33 12.72
C LEU D 100 53.45 2.02 12.08
N CYS D 101 52.35 2.11 12.84
CA CYS D 101 51.12 2.70 12.34
C CYS D 101 51.30 4.19 12.08
N GLY D 102 52.19 4.82 12.84
CA GLY D 102 52.48 6.23 12.70
C GLY D 102 53.05 6.61 11.34
N SER D 103 53.73 5.67 10.69
CA SER D 103 54.34 5.93 9.40
C SER D 103 53.31 6.01 8.26
N CYS D 104 52.06 5.70 8.59
CA CYS D 104 50.96 5.79 7.62
C CYS D 104 50.38 7.20 7.56
N ALA D 105 50.81 8.04 8.51
CA ALA D 105 50.23 9.37 8.74
C ALA D 105 50.10 10.20 7.46
N SER D 106 51.17 10.24 6.66
CA SER D 106 51.20 11.07 5.46
C SER D 106 50.13 10.71 4.42
N GLN D 107 49.56 9.51 4.53
CA GLN D 107 48.56 9.07 3.57
C GLN D 107 47.16 9.03 4.16
N MET D 108 47.04 9.25 5.48
CA MET D 108 45.77 9.08 6.17
C MET D 108 44.80 10.23 5.97
N ILE D 109 43.53 9.89 5.75
CA ILE D 109 42.46 10.89 5.64
C ILE D 109 41.45 10.74 6.79
N TRP D 110 41.19 9.50 7.20
CA TRP D 110 40.25 9.19 8.30
C TRP D 110 40.68 7.90 8.96
N GLY D 111 40.48 7.80 10.28
CA GLY D 111 40.87 6.62 11.02
C GLY D 111 42.18 6.79 11.81
N PRO D 112 42.66 5.71 12.44
CA PRO D 112 42.05 4.39 12.43
C PRO D 112 40.87 4.30 13.39
N TRP D 113 39.95 3.41 13.09
CA TRP D 113 38.79 3.18 13.94
C TRP D 113 38.64 1.67 14.07
N GLU D 114 38.67 1.16 15.29
CA GLU D 114 38.73 -0.30 15.42
C GLU D 114 37.68 -0.92 16.34
N PRO D 115 36.46 -1.12 15.80
CA PRO D 115 35.44 -1.85 16.55
C PRO D 115 35.86 -3.30 16.78
N ILE D 116 35.32 -3.91 17.82
CA ILE D 116 35.55 -5.29 18.16
C ILE D 116 34.24 -6.06 18.06
N TYR D 117 34.30 -7.28 17.55
CA TYR D 117 33.08 -8.05 17.29
C TYR D 117 33.10 -9.45 17.86
N GLU D 118 31.93 -9.94 18.22
CA GLU D 118 31.74 -11.36 18.46
C GLU D 118 31.11 -11.97 17.20
N ILE D 119 31.48 -13.21 16.91
CA ILE D 119 30.87 -13.93 15.80
C ILE D 119 29.68 -14.73 16.31
N ILE D 120 28.49 -14.44 15.82
CA ILE D 120 27.33 -15.16 16.33
C ILE D 120 26.88 -16.25 15.38
N TYR D 121 27.45 -16.26 14.18
CA TYR D 121 27.15 -17.28 13.19
C TYR D 121 28.30 -17.37 12.22
N ALA D 122 28.75 -18.58 11.90
CA ALA D 122 29.82 -18.71 10.91
C ALA D 122 29.67 -19.98 10.10
N ASN D 123 29.70 -19.79 8.79
CA ASN D 123 29.79 -20.88 7.85
C ASN D 123 30.95 -20.53 6.92
N MET D 124 32.18 -20.77 7.37
CA MET D 124 33.36 -20.32 6.63
C MET D 124 34.36 -21.48 6.46
N PRO D 125 34.73 -21.78 5.21
CA PRO D 125 35.64 -22.89 4.92
C PRO D 125 37.11 -22.48 5.09
N ILE D 126 38.00 -23.45 5.17
CA ILE D 126 39.43 -23.14 5.02
C ILE D 126 39.64 -22.65 3.57
N ASN D 127 40.65 -21.82 3.38
CA ASN D 127 41.05 -21.42 2.02
C ASN D 127 41.85 -22.52 1.37
N THR D 128 41.72 -22.66 0.05
CA THR D 128 42.58 -23.54 -0.73
C THR D 128 42.90 -22.87 -2.06
N GLU D 129 44.10 -23.09 -2.57
CA GLU D 129 44.43 -22.69 -3.93
C GLU D 129 43.90 -23.76 -4.89
N MET D 130 43.77 -23.43 -6.17
CA MET D 130 43.29 -24.40 -7.16
C MET D 130 44.20 -25.62 -7.27
N THR D 131 45.43 -25.48 -6.78
CA THR D 131 46.38 -26.58 -6.81
C THR D 131 46.10 -27.61 -5.71
N ASP D 132 45.33 -27.21 -4.69
CA ASP D 132 45.18 -28.01 -3.49
C ASP D 132 44.04 -29.04 -3.54
N PHE D 133 43.05 -28.82 -4.40
CA PHE D 133 41.76 -29.49 -4.22
C PHE D 133 41.84 -31.01 -4.40
N THR D 134 42.77 -31.47 -5.22
CA THR D 134 42.96 -32.91 -5.43
C THR D 134 43.32 -33.60 -4.11
N ALA D 135 44.27 -33.02 -3.40
CA ALA D 135 44.73 -33.57 -2.12
C ALA D 135 43.66 -33.50 -1.04
N VAL D 136 42.91 -32.40 -1.03
CA VAL D 136 41.82 -32.24 -0.08
C VAL D 136 40.75 -33.29 -0.33
N VAL D 137 40.35 -33.44 -1.59
CA VAL D 137 39.36 -34.46 -1.96
C VAL D 137 39.85 -35.85 -1.55
N GLY D 138 41.09 -36.17 -1.90
CA GLY D 138 41.67 -37.45 -1.54
C GLY D 138 41.61 -37.72 -0.03
N LYS D 139 41.99 -36.71 0.74
CA LYS D 139 42.02 -36.84 2.20
C LYS D 139 40.63 -37.09 2.79
N LYS D 140 39.64 -36.34 2.32
CA LYS D 140 38.30 -36.47 2.87
C LYS D 140 37.69 -37.82 2.53
N PHE D 141 37.91 -38.31 1.31
CA PHE D 141 37.40 -39.63 0.96
C PHE D 141 38.13 -40.72 1.75
N ALA D 142 39.43 -40.51 1.97
CA ALA D 142 40.20 -41.45 2.78
C ALA D 142 39.65 -41.52 4.20
N GLU D 143 39.18 -40.39 4.70
CA GLU D 143 38.63 -40.32 6.05
C GLU D 143 37.15 -40.67 6.10
N GLY D 144 36.56 -40.94 4.93
CA GLY D 144 35.14 -41.23 4.86
C GLY D 144 34.27 -40.03 5.18
N LYS D 145 34.74 -38.83 4.82
CA LYS D 145 33.99 -37.60 5.08
C LYS D 145 33.83 -36.70 3.85
N PRO D 146 33.23 -37.22 2.77
CA PRO D 146 33.11 -36.41 1.54
C PRO D 146 32.24 -35.16 1.72
N LEU D 147 31.38 -35.17 2.73
CA LEU D 147 30.57 -33.98 3.05
C LEU D 147 31.42 -32.85 3.62
N ASP D 148 32.63 -33.16 4.06
CA ASP D 148 33.52 -32.15 4.61
C ASP D 148 34.40 -31.56 3.51
N ILE D 149 34.13 -31.91 2.24
CA ILE D 149 34.86 -31.29 1.13
C ILE D 149 34.29 -29.89 0.88
N PRO D 150 35.13 -28.86 1.05
CA PRO D 150 34.62 -27.49 0.89
C PRO D 150 34.59 -27.00 -0.55
N VAL D 151 33.93 -25.87 -0.76
CA VAL D 151 34.14 -25.11 -1.98
C VAL D 151 35.60 -24.66 -2.03
N ILE D 152 36.06 -24.27 -3.22
CA ILE D 152 37.40 -23.75 -3.34
C ILE D 152 37.34 -22.23 -3.11
N SER D 153 37.80 -21.81 -1.93
CA SER D 153 37.84 -20.41 -1.57
C SER D 153 39.29 -19.95 -1.66
N GLN D 154 39.65 -19.31 -2.77
CA GLN D 154 41.05 -19.00 -3.05
C GLN D 154 41.55 -17.80 -2.26
N PRO D 155 42.73 -17.93 -1.64
CA PRO D 155 43.32 -16.86 -0.82
C PRO D 155 44.00 -15.76 -1.65
N TYR D 156 44.34 -14.66 -0.98
CA TYR D 156 45.23 -13.61 -1.53
C TYR D 156 44.65 -12.91 -2.76
N GLY D 157 43.48 -12.33 -2.60
CA GLY D 157 42.92 -11.46 -3.63
C GLY D 157 42.17 -12.18 -4.74
N LYS D 158 41.94 -13.48 -4.61
CA LYS D 158 41.36 -14.23 -5.72
C LYS D 158 39.89 -14.60 -5.45
N ARG D 159 39.24 -13.77 -4.65
CA ARG D 159 37.80 -13.87 -4.40
C ARG D 159 37.35 -12.48 -3.93
N VAL D 160 36.06 -12.28 -3.68
CA VAL D 160 35.59 -10.97 -3.24
C VAL D 160 34.66 -11.11 -2.04
N VAL D 161 34.49 -10.04 -1.28
CA VAL D 161 33.68 -10.06 -0.07
C VAL D 161 32.55 -9.03 -0.16
N ALA D 162 31.35 -9.42 0.23
CA ALA D 162 30.26 -8.48 0.48
C ALA D 162 30.26 -8.15 1.96
N PHE D 163 30.48 -6.88 2.27
CA PHE D 163 30.56 -6.41 3.66
C PHE D 163 29.29 -5.61 3.92
N ALA D 164 28.29 -6.24 4.53
CA ALA D 164 26.96 -5.63 4.64
C ALA D 164 26.74 -5.05 6.03
N GLU D 165 26.65 -3.72 6.10
CA GLU D 165 26.45 -3.04 7.37
C GLU D 165 24.97 -2.96 7.77
N HIS D 166 24.68 -3.29 9.04
CA HIS D 166 23.34 -3.22 9.59
C HIS D 166 23.37 -2.58 10.99
N SER D 167 22.39 -1.71 11.27
CA SER D 167 22.10 -1.33 12.67
C SER D 167 20.64 -1.66 12.93
N VAL D 168 20.35 -2.14 14.14
CA VAL D 168 19.06 -2.72 14.44
C VAL D 168 18.32 -1.92 15.52
N ILE D 169 17.02 -1.79 15.34
CA ILE D 169 16.14 -1.17 16.34
C ILE D 169 16.23 -1.86 17.71
N PRO D 170 16.46 -1.05 18.78
CA PRO D 170 16.54 -1.64 20.12
C PRO D 170 15.31 -2.48 20.47
N GLY D 171 15.52 -3.70 20.90
CA GLY D 171 14.42 -4.60 21.16
C GLY D 171 14.16 -5.57 20.01
N LYS D 172 14.80 -5.33 18.88
CA LYS D 172 14.60 -6.20 17.72
C LYS D 172 15.81 -7.06 17.37
N GLU D 173 16.80 -7.09 18.26
CA GLU D 173 18.03 -7.84 18.00
C GLU D 173 17.76 -9.34 17.81
N LYS D 174 16.89 -9.91 18.63
CA LYS D 174 16.57 -11.33 18.52
C LYS D 174 15.93 -11.66 17.17
N GLN D 175 15.00 -10.83 16.73
CA GLN D 175 14.39 -11.04 15.43
C GLN D 175 15.41 -10.93 14.33
N PHE D 176 16.29 -9.94 14.41
CA PHE D 176 17.34 -9.77 13.40
C PHE D 176 18.23 -11.01 13.32
N GLU D 177 18.70 -11.46 14.48
CA GLU D 177 19.66 -12.56 14.51
C GLU D 177 19.06 -13.86 14.00
N ASP D 178 17.82 -14.15 14.42
CA ASP D 178 17.12 -15.33 13.94
C ASP D 178 16.92 -15.26 12.43
N ALA D 179 16.44 -14.14 11.91
CA ALA D 179 16.13 -14.05 10.49
C ALA D 179 17.39 -14.04 9.62
N ILE D 180 18.47 -13.42 10.08
CA ILE D 180 19.66 -13.34 9.23
C ILE D 180 20.31 -14.71 9.14
N VAL D 181 20.20 -15.49 10.20
CA VAL D 181 20.75 -16.84 10.17
C VAL D 181 19.92 -17.71 9.22
N ARG D 182 18.59 -17.61 9.29
CA ARG D 182 17.74 -18.32 8.33
C ARG D 182 18.09 -17.90 6.90
N THR D 183 18.32 -16.60 6.72
CA THR D 183 18.67 -16.06 5.40
C THR D 183 19.98 -16.66 4.88
N LEU D 184 21.02 -16.65 5.71
CA LEU D 184 22.33 -17.15 5.28
C LEU D 184 22.33 -18.65 5.06
N GLU D 185 21.51 -19.37 5.82
CA GLU D 185 21.40 -20.81 5.63
C GLU D 185 20.79 -21.12 4.26
N MET D 186 19.90 -20.25 3.78
CA MET D 186 19.34 -20.42 2.44
C MET D 186 20.24 -19.85 1.34
N LEU D 187 20.97 -18.79 1.67
CA LEU D 187 21.81 -18.10 0.69
C LEU D 187 22.93 -18.98 0.15
N LYS D 188 23.33 -19.98 0.94
CA LYS D 188 24.50 -20.78 0.58
C LYS D 188 24.27 -21.63 -0.67
N LYS D 189 23.02 -21.69 -1.13
CA LYS D 189 22.68 -22.39 -2.37
C LYS D 189 23.10 -21.61 -3.62
N ALA D 190 23.36 -20.32 -3.48
CA ALA D 190 23.72 -19.51 -4.63
C ALA D 190 25.06 -19.96 -5.20
N PRO D 191 25.18 -19.97 -6.54
CA PRO D 191 26.44 -20.32 -7.19
C PRO D 191 27.55 -19.38 -6.76
N GLY D 192 28.73 -19.93 -6.48
CA GLY D 192 29.89 -19.13 -6.14
C GLY D 192 29.89 -18.62 -4.70
N PHE D 193 28.96 -19.10 -3.90
CA PHE D 193 28.92 -18.78 -2.49
C PHE D 193 30.11 -19.44 -1.80
N LEU D 194 30.92 -18.65 -1.10
CA LEU D 194 32.15 -19.16 -0.49
C LEU D 194 32.11 -19.10 1.04
N GLY D 195 30.98 -18.71 1.61
CA GLY D 195 30.89 -18.67 3.05
C GLY D 195 30.33 -17.39 3.60
N ALA D 196 29.87 -17.44 4.85
CA ALA D 196 29.32 -16.23 5.47
C ALA D 196 29.51 -16.27 6.97
N MET D 197 29.57 -15.09 7.58
CA MET D 197 29.55 -14.99 9.03
C MET D 197 28.85 -13.71 9.45
N VAL D 198 28.31 -13.71 10.66
CA VAL D 198 27.66 -12.52 11.19
C VAL D 198 28.45 -12.03 12.38
N LEU D 199 28.87 -10.77 12.31
CA LEU D 199 29.68 -10.13 13.35
C LEU D 199 28.80 -9.16 14.14
N LYS D 200 28.85 -9.26 15.46
CA LYS D 200 28.04 -8.40 16.33
C LYS D 200 28.98 -7.54 17.18
N GLU D 201 28.85 -6.22 17.06
CA GLU D 201 29.78 -5.35 17.76
C GLU D 201 29.66 -5.50 19.28
N ILE D 202 30.79 -5.64 19.95
CA ILE D 202 30.77 -5.71 21.41
C ILE D 202 31.40 -4.48 22.03
N GLY D 203 32.03 -3.67 21.20
CA GLY D 203 32.68 -2.46 21.67
C GLY D 203 33.69 -1.91 20.69
N VAL D 204 34.54 -0.99 21.15
CA VAL D 204 35.55 -0.36 20.32
C VAL D 204 36.87 -0.27 21.09
N SER D 205 37.96 -0.63 20.41
CA SER D 205 39.29 -0.50 21.01
C SER D 205 39.81 0.93 20.92
N GLY D 206 39.83 1.62 22.06
CA GLY D 206 40.37 2.97 22.10
C GLY D 206 41.81 3.02 21.64
N ILE D 207 42.63 2.08 22.12
CA ILE D 207 44.04 2.12 21.80
C ILE D 207 44.23 1.85 20.29
N GLY D 208 43.44 0.94 19.73
CA GLY D 208 43.52 0.63 18.31
C GLY D 208 42.97 1.76 17.45
N SER D 209 42.19 2.64 18.05
CA SER D 209 41.60 3.77 17.31
C SER D 209 42.36 5.07 17.53
N MET D 210 43.50 5.00 18.24
CA MET D 210 44.26 6.19 18.59
C MET D 210 43.39 7.23 19.30
N GLN D 211 42.46 6.74 20.12
CA GLN D 211 41.54 7.58 20.86
C GLN D 211 41.92 7.62 22.34
N PHE D 212 42.64 8.66 22.72
CA PHE D 212 43.13 8.79 24.08
C PHE D 212 42.40 9.91 24.79
N GLY D 213 42.73 10.09 26.06
CA GLY D 213 42.32 11.29 26.75
C GLY D 213 43.17 12.45 26.25
N ALA D 214 43.08 13.58 26.93
CA ALA D 214 43.81 14.79 26.54
C ALA D 214 45.32 14.58 26.38
N LYS D 215 45.96 13.90 27.34
CA LYS D 215 47.41 13.74 27.29
C LYS D 215 47.86 12.96 26.05
N GLY D 216 47.21 11.82 25.81
CA GLY D 216 47.54 11.00 24.66
C GLY D 216 47.22 11.68 23.35
N PHE D 217 46.12 12.43 23.31
CA PHE D 217 45.74 13.20 22.12
C PHE D 217 46.86 14.15 21.75
N HIS D 218 47.37 14.91 22.72
CA HIS D 218 48.48 15.82 22.44
C HIS D 218 49.75 15.07 22.02
N GLN D 219 50.03 13.93 22.67
CA GLN D 219 51.21 13.14 22.30
C GLN D 219 51.10 12.61 20.87
N VAL D 220 49.90 12.20 20.47
CA VAL D 220 49.69 11.74 19.11
C VAL D 220 49.97 12.88 18.14
N LEU D 221 49.35 14.03 18.38
CA LEU D 221 49.51 15.19 17.50
C LEU D 221 50.93 15.70 17.46
N GLU D 222 51.62 15.62 18.59
CA GLU D 222 52.96 16.20 18.72
C GLU D 222 54.10 15.24 18.36
N ASN D 223 53.74 14.00 18.04
CA ASN D 223 54.73 12.94 17.83
C ASN D 223 55.68 13.14 16.63
N PRO D 224 56.99 13.09 16.88
CA PRO D 224 57.96 13.14 15.77
C PRO D 224 58.03 11.80 15.03
N GLY D 225 57.44 10.77 15.60
CA GLY D 225 57.39 9.45 14.99
C GLY D 225 57.90 8.34 15.90
N SER D 226 58.74 8.69 16.87
CA SER D 226 59.42 7.68 17.67
C SER D 226 59.10 7.77 19.17
N LEU D 227 58.02 8.46 19.51
CA LEU D 227 57.64 8.59 20.91
C LEU D 227 56.17 8.22 21.10
N GLU D 228 55.93 7.02 21.62
CA GLU D 228 54.58 6.50 21.76
C GLU D 228 53.84 7.27 22.82
N PRO D 229 52.54 7.51 22.60
CA PRO D 229 51.69 8.01 23.67
C PRO D 229 51.57 7.00 24.79
N ASP D 230 51.20 7.50 25.95
CA ASP D 230 50.90 6.66 27.10
C ASP D 230 49.68 5.78 26.80
N PRO D 231 49.89 4.45 26.72
CA PRO D 231 48.74 3.58 26.40
C PRO D 231 47.71 3.56 27.53
N ASN D 232 48.12 4.00 28.72
CA ASN D 232 47.26 4.09 29.88
C ASN D 232 46.38 5.33 29.85
N ASN D 233 46.53 6.17 28.83
CA ASN D 233 45.67 7.35 28.74
C ASN D 233 44.42 7.08 27.89
N VAL D 234 44.19 5.81 27.56
CA VAL D 234 42.91 5.45 26.95
C VAL D 234 41.88 5.51 28.06
N MET D 235 40.80 6.27 27.83
CA MET D 235 39.89 6.62 28.92
C MET D 235 38.66 5.72 29.03
N TYR D 236 38.47 4.80 28.09
CA TYR D 236 37.31 3.90 28.13
C TYR D 236 37.69 2.47 27.80
N SER D 237 36.96 1.53 28.38
CA SER D 237 37.15 0.12 28.09
C SER D 237 36.39 -0.23 26.81
N VAL D 238 36.70 -1.39 26.23
CA VAL D 238 36.08 -1.80 24.98
C VAL D 238 34.54 -1.78 25.02
N PRO D 239 33.89 -2.43 26.02
CA PRO D 239 32.41 -2.44 26.02
C PRO D 239 31.75 -1.07 26.19
N GLU D 240 32.44 -0.12 26.80
CA GLU D 240 31.86 1.20 27.03
C GLU D 240 31.50 1.89 25.73
N ALA D 241 32.18 1.52 24.65
CA ALA D 241 31.96 2.21 23.40
C ALA D 241 30.99 1.47 22.50
N LYS D 242 30.45 0.35 22.97
CA LYS D 242 29.53 -0.43 22.16
C LYS D 242 28.32 0.42 21.81
N ASN D 243 27.96 0.43 20.54
CA ASN D 243 26.88 1.26 20.07
C ASN D 243 25.48 0.70 20.31
N THR D 244 24.57 1.59 20.65
CA THR D 244 23.12 1.33 20.53
C THR D 244 22.58 2.47 19.68
N PRO D 245 21.85 2.17 18.58
CA PRO D 245 21.45 0.87 18.02
C PRO D 245 22.60 -0.12 17.79
N GLN D 246 22.33 -1.39 18.08
CA GLN D 246 23.27 -2.48 17.89
C GLN D 246 23.73 -2.58 16.43
N GLN D 247 25.04 -2.63 16.23
CA GLN D 247 25.61 -2.76 14.88
C GLN D 247 26.01 -4.20 14.57
N TYR D 248 25.76 -4.60 13.32
CA TYR D 248 26.17 -5.90 12.82
C TYR D 248 26.87 -5.74 11.49
N ILE D 249 27.80 -6.67 11.20
CA ILE D 249 28.31 -6.87 9.86
C ILE D 249 27.88 -8.25 9.40
N VAL D 250 27.25 -8.31 8.23
CA VAL D 250 27.00 -9.57 7.57
C VAL D 250 28.05 -9.72 6.46
N HIS D 251 28.94 -10.67 6.66
CA HIS D 251 30.15 -10.83 5.84
C HIS D 251 29.98 -12.06 4.95
N VAL D 252 29.85 -11.85 3.65
CA VAL D 252 29.58 -12.95 2.73
C VAL D 252 30.64 -12.95 1.63
N GLU D 253 31.23 -14.11 1.37
CA GLU D 253 32.31 -14.21 0.40
C GLU D 253 31.82 -14.90 -0.89
N TRP D 254 32.39 -14.48 -2.01
CA TRP D 254 31.89 -14.87 -3.32
C TRP D 254 33.03 -15.14 -4.30
N ALA D 255 32.78 -16.01 -5.27
CA ALA D 255 33.77 -16.38 -6.28
C ALA D 255 34.25 -15.18 -7.11
N ASN D 256 33.35 -14.23 -7.35
CA ASN D 256 33.62 -13.07 -8.20
C ASN D 256 32.49 -12.05 -8.03
N THR D 257 32.65 -10.84 -8.57
CA THR D 257 31.66 -9.79 -8.30
C THR D 257 30.29 -10.02 -8.96
N ASP D 258 30.24 -10.75 -10.08
CA ASP D 258 28.93 -11.13 -10.64
C ASP D 258 28.20 -12.10 -9.69
N ALA D 259 28.91 -13.12 -9.21
CA ALA D 259 28.32 -14.06 -8.27
C ALA D 259 27.87 -13.32 -7.01
N LEU D 260 28.66 -12.32 -6.59
CA LEU D 260 28.27 -11.49 -5.46
C LEU D 260 26.97 -10.74 -5.75
N MET D 261 26.95 -10.02 -6.87
CA MET D 261 25.80 -9.19 -7.19
C MET D 261 24.51 -10.01 -7.27
N PHE D 262 24.51 -11.08 -8.04
CA PHE D 262 23.29 -11.85 -8.23
C PHE D 262 23.03 -12.82 -7.09
N GLY D 263 24.10 -13.24 -6.43
CA GLY D 263 23.97 -14.09 -5.25
C GLY D 263 23.34 -13.35 -4.09
N MET D 264 23.90 -12.18 -3.74
CA MET D 264 23.27 -11.34 -2.71
C MET D 264 21.85 -10.98 -3.16
N GLY D 265 21.68 -10.79 -4.47
CA GLY D 265 20.38 -10.46 -5.03
C GLY D 265 19.32 -11.55 -4.84
N ARG D 266 19.77 -12.76 -4.54
CA ARG D 266 18.86 -13.88 -4.31
C ARG D 266 17.86 -13.59 -3.19
N VAL D 267 18.27 -12.77 -2.21
CA VAL D 267 17.38 -12.44 -1.09
C VAL D 267 16.26 -11.50 -1.53
N LEU D 268 16.39 -10.94 -2.73
CA LEU D 268 15.37 -10.09 -3.32
C LEU D 268 14.64 -10.77 -4.47
N LEU D 269 15.32 -11.70 -5.16
CA LEU D 269 14.83 -12.23 -6.45
C LEU D 269 14.15 -13.58 -6.35
N TYR D 270 14.46 -14.32 -5.28
CA TYR D 270 13.89 -15.64 -5.03
C TYR D 270 12.80 -15.50 -3.98
N PRO D 271 11.51 -15.63 -4.38
CA PRO D 271 10.40 -15.31 -3.47
C PRO D 271 10.47 -15.98 -2.09
N GLU D 272 10.80 -17.26 -2.00
CA GLU D 272 10.88 -17.94 -0.71
C GLU D 272 11.94 -17.28 0.18
N LEU D 273 13.09 -16.93 -0.38
CA LEU D 273 14.15 -16.31 0.41
C LEU D 273 13.81 -14.85 0.73
N ARG D 274 13.14 -14.18 -0.20
CA ARG D 274 12.71 -12.79 0.00
C ARG D 274 11.78 -12.66 1.21
N GLN D 275 10.87 -13.60 1.37
CA GLN D 275 9.94 -13.58 2.50
C GLN D 275 10.69 -13.69 3.81
N VAL D 276 11.70 -14.55 3.81
CA VAL D 276 12.56 -14.75 4.99
C VAL D 276 13.39 -13.50 5.31
N HIS D 277 14.03 -12.94 4.29
CA HIS D 277 14.90 -11.78 4.46
C HIS D 277 14.12 -10.49 4.80
N ASP D 278 12.84 -10.45 4.44
CA ASP D 278 11.99 -9.32 4.83
C ASP D 278 11.89 -9.16 6.36
N GLU D 279 12.02 -10.28 7.07
CA GLU D 279 12.04 -10.24 8.54
C GLU D 279 13.30 -9.52 9.04
N VAL D 280 14.40 -9.63 8.30
CA VAL D 280 15.60 -8.88 8.63
C VAL D 280 15.34 -7.39 8.42
N LEU D 281 14.80 -7.04 7.25
CA LEU D 281 14.60 -5.65 6.86
C LEU D 281 13.71 -4.88 7.83
N ASP D 282 12.73 -5.57 8.39
CA ASP D 282 11.79 -4.92 9.32
C ASP D 282 12.43 -4.47 10.63
N THR D 283 13.64 -4.96 10.92
CA THR D 283 14.30 -4.66 12.19
C THR D 283 15.30 -3.51 12.16
N LEU D 284 15.53 -2.93 10.98
CA LEU D 284 16.72 -2.09 10.80
C LEU D 284 16.50 -0.61 11.10
N VAL D 285 17.50 -0.02 11.75
CA VAL D 285 17.63 1.43 11.79
C VAL D 285 18.41 1.93 10.57
N TYR D 286 19.51 1.25 10.26
CA TYR D 286 20.38 1.59 9.13
C TYR D 286 20.76 0.35 8.33
N GLY D 287 20.86 0.50 7.01
CA GLY D 287 21.32 -0.57 6.14
C GLY D 287 20.18 -1.28 5.43
N PRO D 288 20.49 -2.32 4.64
CA PRO D 288 21.87 -2.80 4.42
C PRO D 288 22.68 -1.87 3.52
N TYR D 289 23.90 -1.54 3.93
CA TYR D 289 24.85 -0.84 3.07
C TYR D 289 26.00 -1.79 2.80
N ILE D 290 26.28 -2.07 1.52
CA ILE D 290 27.17 -3.17 1.19
C ILE D 290 28.43 -2.70 0.46
N ARG D 291 29.56 -2.84 1.13
CA ARG D 291 30.87 -2.51 0.57
C ARG D 291 31.46 -3.75 -0.10
N ILE D 292 32.11 -3.55 -1.22
CA ILE D 292 32.72 -4.67 -1.94
C ILE D 292 34.20 -4.70 -1.58
N LEU D 293 34.65 -5.81 -0.99
CA LEU D 293 36.02 -5.89 -0.49
C LEU D 293 36.86 -6.94 -1.19
N ASN D 294 38.15 -6.61 -1.35
CA ASN D 294 39.12 -7.57 -1.85
C ASN D 294 40.02 -7.99 -0.70
N PRO D 295 39.95 -9.27 -0.30
CA PRO D 295 40.83 -9.77 0.77
C PRO D 295 42.23 -10.06 0.22
N MET D 296 43.15 -9.09 0.31
CA MET D 296 44.43 -9.27 -0.37
C MET D 296 45.48 -9.96 0.48
N MET D 297 45.74 -9.44 1.67
CA MET D 297 46.74 -10.00 2.56
C MET D 297 46.01 -10.75 3.67
N GLU D 298 46.35 -12.01 3.91
CA GLU D 298 45.66 -12.73 4.96
C GLU D 298 46.49 -13.85 5.55
N GLY D 299 46.17 -14.19 6.79
CA GLY D 299 46.73 -15.35 7.47
C GLY D 299 45.60 -16.36 7.58
N THR D 300 45.58 -17.28 6.63
CA THR D 300 44.42 -18.14 6.37
C THR D 300 44.16 -19.14 7.49
N PHE D 301 45.14 -19.32 8.36
CA PHE D 301 45.00 -20.28 9.43
C PHE D 301 43.94 -19.85 10.45
N TRP D 302 43.40 -18.63 10.37
CA TRP D 302 42.29 -18.27 11.25
C TRP D 302 41.08 -19.17 11.01
N ARG D 303 40.93 -19.64 9.77
CA ARG D 303 39.83 -20.53 9.46
C ARG D 303 40.07 -21.94 9.97
N GLU D 304 41.33 -22.31 10.17
CA GLU D 304 41.67 -23.60 10.77
C GLU D 304 41.27 -23.59 12.24
N TYR D 305 41.51 -22.47 12.90
CA TYR D 305 41.07 -22.30 14.29
C TYR D 305 39.56 -22.34 14.37
N LEU D 306 38.90 -21.61 13.48
CA LEU D 306 37.44 -21.57 13.44
C LEU D 306 36.84 -22.97 13.34
N ASN D 307 37.37 -23.76 12.41
CA ASN D 307 36.77 -25.05 12.09
C ASN D 307 37.32 -26.23 12.89
N GLU D 308 38.27 -25.98 13.79
CA GLU D 308 38.76 -27.08 14.62
C GLU D 308 37.75 -27.38 15.73
N PRO E 2 -5.29 22.77 17.46
CA PRO E 2 -5.31 24.24 17.43
C PRO E 2 -6.70 24.73 17.07
N LYS E 3 -6.92 26.03 17.17
CA LYS E 3 -8.19 26.62 16.77
C LYS E 3 -8.29 26.69 15.26
N PRO E 4 -9.34 26.08 14.70
CA PRO E 4 -9.57 26.24 13.26
C PRO E 4 -10.30 27.54 12.95
N TYR E 5 -10.32 27.93 11.67
CA TYR E 5 -11.23 28.98 11.23
C TYR E 5 -12.57 28.35 10.93
N VAL E 6 -13.61 29.18 10.91
CA VAL E 6 -14.97 28.70 10.70
C VAL E 6 -15.65 29.44 9.57
N ALA E 7 -16.19 28.70 8.60
CA ALA E 7 -17.08 29.27 7.61
C ALA E 7 -18.51 28.87 7.98
N ILE E 8 -19.43 29.83 7.98
CA ILE E 8 -20.82 29.49 8.31
C ILE E 8 -21.72 29.81 7.13
N ASN E 9 -22.19 28.77 6.46
CA ASN E 9 -23.10 28.97 5.35
C ASN E 9 -24.53 29.10 5.83
N MET E 10 -25.13 30.25 5.56
CA MET E 10 -26.47 30.57 6.06
C MET E 10 -27.46 30.65 4.91
N ALA E 11 -28.64 30.08 5.10
CA ALA E 11 -29.69 30.15 4.10
C ALA E 11 -31.05 29.97 4.75
N GLU E 12 -32.10 30.42 4.06
CA GLU E 12 -33.48 30.27 4.53
C GLU E 12 -34.26 29.58 3.43
N LEU E 13 -34.96 28.51 3.80
CA LEU E 13 -35.68 27.69 2.82
C LEU E 13 -37.10 27.44 3.30
N LYS E 14 -37.96 26.98 2.39
CA LYS E 14 -39.32 26.61 2.75
C LYS E 14 -39.32 25.49 3.77
N ASN E 15 -40.14 25.64 4.80
CA ASN E 15 -40.30 24.60 5.82
C ASN E 15 -41.32 23.55 5.39
N GLU E 16 -40.87 22.57 4.60
CA GLU E 16 -41.74 21.50 4.11
C GLU E 16 -40.92 20.22 3.91
N PRO E 17 -41.60 19.06 3.78
CA PRO E 17 -40.88 17.80 3.61
C PRO E 17 -39.85 17.79 2.47
N LYS E 18 -40.16 18.38 1.32
CA LYS E 18 -39.25 18.36 0.18
C LYS E 18 -37.88 18.94 0.50
N THR E 19 -37.87 19.96 1.35
CA THR E 19 -36.62 20.58 1.80
C THR E 19 -35.78 19.61 2.62
N PHE E 20 -36.41 18.89 3.54
CA PHE E 20 -35.67 18.00 4.43
C PHE E 20 -35.22 16.76 3.68
N GLU E 21 -35.97 16.42 2.64
CA GLU E 21 -35.58 15.30 1.79
C GLU E 21 -34.30 15.65 1.07
N MET E 22 -34.18 16.86 0.55
CA MET E 22 -32.95 17.19 -0.16
C MET E 22 -31.81 17.52 0.81
N PHE E 23 -32.13 17.89 2.05
CA PHE E 23 -31.10 17.93 3.09
C PHE E 23 -30.43 16.55 3.15
N ALA E 24 -31.26 15.52 3.10
CA ALA E 24 -30.79 14.14 3.25
C ALA E 24 -30.07 13.63 2.01
N SER E 25 -30.45 14.15 0.84
CA SER E 25 -29.86 13.72 -0.42
C SER E 25 -28.59 14.48 -0.76
N VAL E 26 -28.68 15.80 -0.73
CA VAL E 26 -27.59 16.68 -1.18
C VAL E 26 -26.57 16.96 -0.08
N GLY E 27 -27.07 17.12 1.15
CA GLY E 27 -26.21 17.43 2.28
C GLY E 27 -24.96 16.56 2.41
N PRO E 28 -25.13 15.23 2.47
CA PRO E 28 -23.98 14.34 2.55
C PRO E 28 -22.97 14.53 1.40
N LYS E 29 -23.49 14.77 0.20
CA LYS E 29 -22.62 14.97 -0.96
C LYS E 29 -21.73 16.21 -0.83
N VAL E 30 -22.34 17.33 -0.42
CA VAL E 30 -21.58 18.55 -0.22
C VAL E 30 -20.49 18.31 0.80
N CYS E 31 -20.84 17.66 1.91
CA CYS E 31 -19.86 17.35 2.95
C CYS E 31 -18.73 16.45 2.43
N MET E 32 -19.07 15.47 1.60
CA MET E 32 -18.06 14.58 1.06
C MET E 32 -17.11 15.33 0.13
N VAL E 33 -17.66 16.28 -0.64
CA VAL E 33 -16.84 17.11 -1.52
C VAL E 33 -15.92 18.03 -0.72
N THR E 34 -16.43 18.65 0.35
CA THR E 34 -15.60 19.56 1.12
C THR E 34 -14.42 18.81 1.72
N ALA E 35 -14.62 17.52 2.03
CA ALA E 35 -13.60 16.68 2.65
C ALA E 35 -12.47 16.29 1.70
N ARG E 36 -12.56 16.72 0.45
CA ARG E 36 -11.47 16.51 -0.52
C ARG E 36 -10.22 17.33 -0.19
N HIS E 37 -10.40 18.41 0.55
CA HIS E 37 -9.30 19.31 0.86
C HIS E 37 -8.64 18.95 2.19
N PRO E 38 -7.30 18.88 2.22
CA PRO E 38 -6.62 18.40 3.43
C PRO E 38 -6.70 19.38 4.62
N GLY E 39 -7.08 20.63 4.36
CA GLY E 39 -7.26 21.62 5.40
C GLY E 39 -8.63 21.56 6.06
N PHE E 40 -9.52 20.74 5.52
CA PHE E 40 -10.84 20.54 6.11
C PHE E 40 -10.71 19.75 7.39
N VAL E 41 -11.18 20.28 8.51
CA VAL E 41 -11.08 19.52 9.75
C VAL E 41 -12.43 19.14 10.35
N GLY E 42 -13.52 19.42 9.63
CA GLY E 42 -14.81 18.94 10.08
C GLY E 42 -15.95 19.93 9.90
N PHE E 43 -17.11 19.60 10.43
CA PHE E 43 -18.28 20.44 10.20
C PHE E 43 -19.34 20.24 11.27
N GLN E 44 -20.25 21.21 11.37
CA GLN E 44 -21.36 21.10 12.30
C GLN E 44 -22.52 21.86 11.68
N ASN E 45 -23.50 21.11 11.19
CA ASN E 45 -24.61 21.72 10.47
C ASN E 45 -25.82 21.82 11.36
N HIS E 46 -26.43 23.00 11.39
CA HIS E 46 -27.53 23.32 12.28
C HIS E 46 -28.78 23.69 11.51
N ILE E 47 -29.92 23.36 12.08
CA ILE E 47 -31.20 23.92 11.70
C ILE E 47 -31.66 24.80 12.85
N GLN E 48 -32.16 26.00 12.55
CA GLN E 48 -32.76 26.83 13.60
C GLN E 48 -34.13 26.29 14.00
N ILE E 49 -34.33 26.01 15.28
CA ILE E 49 -35.64 25.51 15.71
C ILE E 49 -36.47 26.63 16.33
N GLY E 50 -35.81 27.72 16.73
CA GLY E 50 -36.54 28.83 17.30
C GLY E 50 -35.66 30.00 17.71
N ILE E 51 -36.23 30.86 18.54
CA ILE E 51 -35.61 32.11 18.96
C ILE E 51 -35.83 32.28 20.46
N LEU E 52 -34.80 32.71 21.19
CA LEU E 52 -34.94 32.97 22.63
C LEU E 52 -35.74 34.25 22.85
N PRO E 53 -36.91 34.12 23.51
CA PRO E 53 -37.81 35.28 23.58
C PRO E 53 -37.41 36.36 24.60
N PHE E 54 -36.49 36.07 25.51
CA PHE E 54 -36.09 37.05 26.53
C PHE E 54 -37.26 37.56 27.36
N GLY E 55 -38.05 36.64 27.91
CA GLY E 55 -39.27 37.02 28.59
C GLY E 55 -40.33 37.24 27.53
N ASN E 56 -40.68 38.50 27.28
CA ASN E 56 -41.56 38.79 26.16
C ASN E 56 -41.03 39.94 25.28
N ARG E 57 -39.71 40.16 25.32
CA ARG E 57 -39.04 41.09 24.39
C ARG E 57 -39.30 40.69 22.94
N TYR E 58 -39.15 39.40 22.67
CA TYR E 58 -39.62 38.83 21.42
C TYR E 58 -40.77 37.91 21.77
N GLY E 59 -41.89 38.52 22.14
CA GLY E 59 -43.04 37.76 22.62
C GLY E 59 -43.72 36.89 21.59
N GLY E 60 -43.45 37.14 20.31
CA GLY E 60 -44.01 36.32 19.26
C GLY E 60 -43.17 35.08 18.99
N ALA E 61 -41.99 35.03 19.61
CA ALA E 61 -41.07 33.91 19.40
C ALA E 61 -41.17 32.90 20.52
N LYS E 62 -40.70 31.69 20.24
CA LYS E 62 -40.43 30.74 21.30
C LYS E 62 -39.29 29.84 20.89
N MET E 63 -38.77 29.07 21.82
CA MET E 63 -37.54 28.32 21.56
C MET E 63 -37.73 27.23 20.51
N ASP E 64 -38.93 26.69 20.39
CA ASP E 64 -39.24 25.73 19.34
C ASP E 64 -40.46 26.20 18.54
N MET E 65 -40.19 26.77 17.37
CA MET E 65 -41.21 27.28 16.48
C MET E 65 -41.35 26.38 15.24
N THR E 66 -40.78 25.18 15.30
CA THR E 66 -40.74 24.32 14.09
C THR E 66 -42.11 23.89 13.57
N LYS E 67 -43.07 23.69 14.47
CA LYS E 67 -44.38 23.23 14.02
C LYS E 67 -45.21 24.34 13.37
N GLU E 68 -44.82 25.59 13.59
CA GLU E 68 -45.61 26.71 13.09
C GLU E 68 -44.91 27.53 11.99
N SER E 69 -43.58 27.46 11.92
CA SER E 69 -42.84 28.31 10.99
C SER E 69 -42.99 27.85 9.53
N SER E 70 -43.12 28.82 8.63
CA SER E 70 -43.23 28.51 7.20
C SER E 70 -41.85 28.35 6.58
N THR E 71 -40.80 28.73 7.31
CA THR E 71 -39.43 28.63 6.78
C THR E 71 -38.52 27.90 7.75
N VAL E 72 -37.38 27.47 7.25
CA VAL E 72 -36.33 26.90 8.09
C VAL E 72 -34.99 27.55 7.73
N ARG E 73 -34.26 28.00 8.74
CA ARG E 73 -32.96 28.59 8.52
C ARG E 73 -31.88 27.55 8.82
N VAL E 74 -30.89 27.46 7.93
CA VAL E 74 -29.79 26.54 8.17
C VAL E 74 -28.53 27.36 8.40
N LEU E 75 -27.65 26.83 9.25
CA LEU E 75 -26.36 27.43 9.54
C LEU E 75 -25.36 26.30 9.55
N GLN E 76 -24.58 26.22 8.49
CA GLN E 76 -23.68 25.10 8.28
C GLN E 76 -22.26 25.52 8.52
N TYR E 77 -21.69 25.07 9.63
CA TYR E 77 -20.31 25.39 9.99
C TYR E 77 -19.38 24.43 9.29
N THR E 78 -18.37 24.94 8.60
CA THR E 78 -17.27 24.08 8.19
C THR E 78 -16.00 24.63 8.81
N PHE E 79 -15.13 23.74 9.26
CA PHE E 79 -13.93 24.15 10.01
C PHE E 79 -12.67 23.90 9.18
N TRP E 80 -11.70 24.82 9.26
CA TRP E 80 -10.55 24.85 8.36
C TRP E 80 -9.25 25.16 9.09
N LYS E 81 -8.18 24.47 8.72
CA LYS E 81 -6.87 24.78 9.31
C LYS E 81 -6.51 26.25 9.08
N ASP E 82 -6.73 26.69 7.84
CA ASP E 82 -6.49 28.08 7.41
C ASP E 82 -7.74 28.51 6.63
N TRP E 83 -8.22 29.73 6.82
CA TRP E 83 -9.46 30.14 6.12
C TRP E 83 -9.27 30.12 4.60
N LYS E 84 -8.03 30.29 4.14
CA LYS E 84 -7.77 30.23 2.71
C LYS E 84 -8.04 28.83 2.15
N ASP E 85 -7.96 27.80 2.99
CA ASP E 85 -8.33 26.44 2.58
C ASP E 85 -9.77 26.34 2.12
N HIS E 86 -10.65 27.08 2.79
CA HIS E 86 -12.06 27.08 2.42
C HIS E 86 -12.25 27.62 1.01
N GLU E 87 -11.58 28.72 0.73
CA GLU E 87 -11.67 29.39 -0.56
C GLU E 87 -11.08 28.51 -1.65
N GLU E 88 -9.95 27.90 -1.32
CA GLU E 88 -9.24 27.00 -2.23
C GLU E 88 -10.12 25.79 -2.55
N MET E 89 -10.74 25.23 -1.52
CA MET E 89 -11.62 24.08 -1.66
C MET E 89 -12.76 24.39 -2.63
N HIS E 90 -13.40 25.54 -2.40
CA HIS E 90 -14.52 25.95 -3.25
C HIS E 90 -14.12 26.06 -4.72
N ARG E 91 -12.98 26.68 -4.97
CA ARG E 91 -12.53 26.87 -6.35
CA ARG E 91 -12.50 26.87 -6.33
C ARG E 91 -12.08 25.56 -6.97
N GLN E 92 -11.39 24.72 -6.21
CA GLN E 92 -10.92 23.42 -6.73
C GLN E 92 -12.06 22.47 -7.05
N ASN E 93 -13.17 22.61 -6.33
CA ASN E 93 -14.29 21.69 -6.47
C ASN E 93 -15.57 22.38 -6.94
N TRP E 94 -15.39 23.50 -7.64
CA TRP E 94 -16.50 24.36 -8.01
C TRP E 94 -17.58 23.64 -8.83
N SER E 95 -17.15 22.80 -9.77
CA SER E 95 -18.10 22.12 -10.66
C SER E 95 -19.08 21.24 -9.86
N TYR E 96 -18.59 20.54 -8.85
CA TYR E 96 -19.45 19.72 -8.01
C TYR E 96 -20.30 20.58 -7.09
N LEU E 97 -19.65 21.48 -6.34
CA LEU E 97 -20.32 22.28 -5.32
C LEU E 97 -21.45 23.12 -5.88
N PHE E 98 -21.20 23.83 -6.97
CA PHE E 98 -22.23 24.68 -7.52
C PHE E 98 -23.45 23.88 -7.98
N ARG E 99 -23.22 22.74 -8.62
CA ARG E 99 -24.33 21.93 -9.11
C ARG E 99 -25.09 21.28 -7.96
N LEU E 100 -24.36 20.94 -6.90
CA LEU E 100 -25.00 20.38 -5.71
C LEU E 100 -25.86 21.44 -5.03
N CYS E 101 -25.26 22.60 -4.75
CA CYS E 101 -25.96 23.68 -4.07
C CYS E 101 -27.05 24.27 -4.96
N GLY E 102 -26.83 24.22 -6.27
CA GLY E 102 -27.81 24.70 -7.22
C GLY E 102 -29.13 23.95 -7.17
N SER E 103 -29.07 22.67 -6.80
CA SER E 103 -30.27 21.84 -6.76
C SER E 103 -31.20 22.19 -5.58
N CYS E 104 -30.75 23.09 -4.71
CA CYS E 104 -31.56 23.55 -3.58
C CYS E 104 -32.48 24.69 -4.01
N ALA E 105 -32.27 25.16 -5.24
CA ALA E 105 -32.91 26.37 -5.75
C ALA E 105 -34.42 26.41 -5.51
N SER E 106 -35.12 25.31 -5.80
CA SER E 106 -36.58 25.28 -5.71
C SER E 106 -37.09 25.54 -4.28
N GLN E 107 -36.22 25.40 -3.28
CA GLN E 107 -36.65 25.57 -1.90
C GLN E 107 -36.12 26.85 -1.26
N MET E 108 -35.24 27.56 -1.97
CA MET E 108 -34.54 28.69 -1.39
C MET E 108 -35.36 29.98 -1.30
N ILE E 109 -35.28 30.66 -0.16
CA ILE E 109 -35.92 31.98 -0.02
C ILE E 109 -34.90 33.09 0.16
N TRP E 110 -33.79 32.79 0.84
CA TRP E 110 -32.72 33.74 1.04
C TRP E 110 -31.40 33.00 1.21
N GLY E 111 -30.30 33.58 0.73
CA GLY E 111 -29.01 32.94 0.84
C GLY E 111 -28.56 32.32 -0.48
N PRO E 112 -27.40 31.64 -0.46
CA PRO E 112 -26.55 31.44 0.70
C PRO E 112 -25.72 32.67 1.01
N TRP E 113 -25.34 32.80 2.27
CA TRP E 113 -24.49 33.89 2.72
C TRP E 113 -23.45 33.25 3.62
N GLU E 114 -22.17 33.40 3.31
CA GLU E 114 -21.17 32.65 4.05
C GLU E 114 -20.03 33.51 4.62
N PRO E 115 -20.28 34.15 5.77
CA PRO E 115 -19.20 34.83 6.49
C PRO E 115 -18.14 33.84 6.99
N ILE E 116 -16.92 34.34 7.17
CA ILE E 116 -15.81 33.56 7.70
C ILE E 116 -15.38 34.13 9.05
N TYR E 117 -15.02 33.27 9.99
CA TYR E 117 -14.71 33.69 11.35
C TYR E 117 -13.40 33.14 11.86
N GLU E 118 -12.75 33.90 12.72
CA GLU E 118 -11.69 33.37 13.55
C GLU E 118 -12.28 33.06 14.92
N ILE E 119 -11.76 32.00 15.55
CA ILE E 119 -12.17 31.66 16.91
C ILE E 119 -11.24 32.39 17.88
N ILE E 120 -11.77 33.27 18.71
CA ILE E 120 -10.92 34.01 19.66
C ILE E 120 -10.96 33.44 21.06
N TYR E 121 -11.89 32.52 21.29
CA TYR E 121 -12.02 31.81 22.57
C TYR E 121 -12.76 30.52 22.33
N ALA E 122 -12.28 29.43 22.91
CA ALA E 122 -12.97 28.16 22.77
C ALA E 122 -12.84 27.30 24.02
N ASN E 123 -13.98 26.86 24.52
CA ASN E 123 -14.07 25.86 25.57
C ASN E 123 -15.06 24.80 25.10
N MET E 124 -14.59 23.91 24.23
CA MET E 124 -15.47 22.97 23.55
C MET E 124 -14.92 21.56 23.64
N PRO E 125 -15.71 20.64 24.22
CA PRO E 125 -15.25 19.26 24.42
C PRO E 125 -15.44 18.42 23.16
N ILE E 126 -14.79 17.27 23.13
CA ILE E 126 -15.13 16.29 22.12
C ILE E 126 -16.55 15.82 22.41
N ASN E 127 -17.26 15.42 21.35
CA ASN E 127 -18.58 14.81 21.51
C ASN E 127 -18.43 13.37 21.96
N THR E 128 -19.37 12.91 22.78
CA THR E 128 -19.47 11.49 23.12
C THR E 128 -20.92 11.07 23.21
N GLU E 129 -21.22 9.83 22.82
CA GLU E 129 -22.54 9.27 23.06
C GLU E 129 -22.58 8.77 24.49
N MET E 130 -23.79 8.54 25.01
CA MET E 130 -23.96 8.02 26.37
C MET E 130 -23.30 6.64 26.53
N THR E 131 -23.04 5.97 25.41
CA THR E 131 -22.36 4.67 25.45
C THR E 131 -20.85 4.79 25.67
N ASP E 132 -20.31 5.97 25.43
CA ASP E 132 -18.86 6.15 25.40
C ASP E 132 -18.20 6.48 26.74
N PHE E 133 -18.96 7.02 27.69
CA PHE E 133 -18.34 7.70 28.83
C PHE E 133 -17.54 6.78 29.75
N THR E 134 -17.94 5.51 29.82
CA THR E 134 -17.23 4.54 30.64
C THR E 134 -15.78 4.39 30.19
N ALA E 135 -15.60 4.28 28.88
CA ALA E 135 -14.27 4.15 28.30
C ALA E 135 -13.46 5.44 28.44
N VAL E 136 -14.13 6.58 28.28
CA VAL E 136 -13.45 7.86 28.43
C VAL E 136 -12.91 8.02 29.86
N VAL E 137 -13.76 7.76 30.83
CA VAL E 137 -13.38 7.83 32.24
C VAL E 137 -12.20 6.89 32.52
N GLY E 138 -12.33 5.65 32.07
CA GLY E 138 -11.26 4.67 32.26
C GLY E 138 -9.93 5.15 31.70
N LYS E 139 -9.97 5.68 30.48
CA LYS E 139 -8.76 6.14 29.81
C LYS E 139 -8.12 7.32 30.54
N LYS E 140 -8.93 8.28 30.97
CA LYS E 140 -8.40 9.48 31.62
C LYS E 140 -7.78 9.16 32.97
N PHE E 141 -8.40 8.27 33.74
CA PHE E 141 -7.82 7.86 35.01
C PHE E 141 -6.55 7.07 34.77
N ALA E 142 -6.52 6.26 33.71
CA ALA E 142 -5.32 5.50 33.37
C ALA E 142 -4.15 6.44 33.07
N GLU E 143 -4.46 7.57 32.46
CA GLU E 143 -3.44 8.54 32.08
C GLU E 143 -3.15 9.51 33.21
N GLY E 144 -3.84 9.35 34.33
CA GLY E 144 -3.68 10.24 35.46
C GLY E 144 -4.20 11.65 35.20
N LYS E 145 -5.23 11.76 34.36
CA LYS E 145 -5.78 13.08 34.03
C LYS E 145 -7.31 13.15 34.19
N PRO E 146 -7.80 12.90 35.42
CA PRO E 146 -9.25 12.91 35.66
C PRO E 146 -9.88 14.28 35.41
N LEU E 147 -9.09 15.35 35.46
CA LEU E 147 -9.58 16.69 35.14
C LEU E 147 -9.89 16.87 33.67
N ASP E 148 -9.39 15.96 32.84
CA ASP E 148 -9.64 16.06 31.40
C ASP E 148 -10.88 15.28 31.01
N ILE E 149 -11.61 14.77 32.01
CA ILE E 149 -12.87 14.09 31.72
C ILE E 149 -13.93 15.13 31.40
N PRO E 150 -14.44 15.13 30.16
CA PRO E 150 -15.41 16.17 29.81
C PRO E 150 -16.84 15.86 30.23
N VAL E 151 -17.71 16.84 30.13
CA VAL E 151 -19.15 16.58 30.17
C VAL E 151 -19.54 15.70 28.98
N ILE E 152 -20.72 15.10 29.04
CA ILE E 152 -21.19 14.29 27.93
C ILE E 152 -21.95 15.17 26.95
N SER E 153 -21.30 15.51 25.84
CA SER E 153 -21.91 16.34 24.81
C SER E 153 -22.30 15.46 23.64
N GLN E 154 -23.58 15.09 23.58
CA GLN E 154 -24.02 14.08 22.60
C GLN E 154 -24.17 14.64 21.20
N PRO E 155 -23.64 13.93 20.19
CA PRO E 155 -23.71 14.36 18.79
C PRO E 155 -25.06 14.07 18.13
N TYR E 156 -25.25 14.64 16.92
CA TYR E 156 -26.35 14.28 16.01
C TYR E 156 -27.73 14.59 16.58
N GLY E 157 -27.94 15.85 16.92
CA GLY E 157 -29.26 16.33 17.29
C GLY E 157 -29.67 16.09 18.73
N LYS E 158 -28.73 15.66 19.57
CA LYS E 158 -29.09 15.28 20.94
C LYS E 158 -28.60 16.30 21.98
N ARG E 159 -28.48 17.55 21.54
CA ARG E 159 -28.20 18.68 22.42
C ARG E 159 -28.69 19.92 21.68
N VAL E 160 -28.58 21.10 22.29
CA VAL E 160 -29.04 22.30 21.60
C VAL E 160 -27.97 23.41 21.68
N VAL E 161 -28.06 24.37 20.77
CA VAL E 161 -27.12 25.46 20.69
C VAL E 161 -27.80 26.82 20.84
N ALA E 162 -27.22 27.70 21.66
CA ALA E 162 -27.58 29.10 21.67
C ALA E 162 -26.61 29.88 20.77
N PHE E 163 -27.15 30.49 19.73
CA PHE E 163 -26.38 31.19 18.72
C PHE E 163 -26.65 32.68 18.92
N ALA E 164 -25.74 33.36 19.63
CA ALA E 164 -25.98 34.74 20.04
C ALA E 164 -25.22 35.73 19.16
N GLU E 165 -25.97 36.50 18.38
CA GLU E 165 -25.40 37.49 17.48
C GLU E 165 -25.12 38.80 18.22
N HIS E 166 -23.93 39.35 17.99
CA HIS E 166 -23.48 40.63 18.53
C HIS E 166 -22.78 41.46 17.46
N SER E 167 -23.04 42.77 17.42
CA SER E 167 -22.15 43.67 16.71
C SER E 167 -21.72 44.74 17.69
N VAL E 168 -20.45 45.16 17.57
CA VAL E 168 -19.81 45.93 18.60
C VAL E 168 -19.46 47.33 18.09
N ILE E 169 -19.67 48.31 18.96
CA ILE E 169 -19.28 49.68 18.68
C ILE E 169 -17.79 49.80 18.32
N PRO E 170 -17.47 50.43 17.19
CA PRO E 170 -16.06 50.58 16.82
C PRO E 170 -15.21 51.20 17.94
N GLY E 171 -14.12 50.54 18.29
CA GLY E 171 -13.28 50.99 19.39
C GLY E 171 -13.55 50.24 20.69
N LYS E 172 -14.62 49.46 20.73
CA LYS E 172 -14.97 48.72 21.94
C LYS E 172 -14.73 47.21 21.80
N GLU E 173 -14.06 46.81 20.73
CA GLU E 173 -13.81 45.39 20.48
C GLU E 173 -13.03 44.71 21.63
N LYS E 174 -11.99 45.37 22.13
CA LYS E 174 -11.20 44.79 23.21
C LYS E 174 -12.04 44.62 24.48
N GLN E 175 -12.85 45.62 24.82
CA GLN E 175 -13.73 45.50 25.97
C GLN E 175 -14.72 44.37 25.78
N PHE E 176 -15.31 44.26 24.59
CA PHE E 176 -16.25 43.17 24.33
C PHE E 176 -15.58 41.83 24.55
N GLU E 177 -14.41 41.65 23.94
CA GLU E 177 -13.71 40.37 23.95
C GLU E 177 -13.26 39.98 25.34
N ASP E 178 -12.70 40.93 26.09
CA ASP E 178 -12.29 40.65 27.46
C ASP E 178 -13.50 40.27 28.31
N ALA E 179 -14.59 41.02 28.19
CA ALA E 179 -15.77 40.80 29.02
C ALA E 179 -16.52 39.52 28.66
N ILE E 180 -16.58 39.17 27.37
CA ILE E 180 -17.36 37.99 27.00
C ILE E 180 -16.62 36.74 27.44
N VAL E 181 -15.29 36.78 27.40
CA VAL E 181 -14.50 35.64 27.87
C VAL E 181 -14.67 35.45 29.37
N ARG E 182 -14.62 36.56 30.12
CA ARG E 182 -14.88 36.51 31.56
C ARG E 182 -16.26 35.94 31.81
N THR E 183 -17.22 36.38 31.01
CA THR E 183 -18.60 35.89 31.13
C THR E 183 -18.68 34.39 30.93
N LEU E 184 -18.10 33.90 29.84
CA LEU E 184 -18.21 32.48 29.52
C LEU E 184 -17.46 31.58 30.50
N GLU E 185 -16.38 32.11 31.07
CA GLU E 185 -15.60 31.36 32.07
C GLU E 185 -16.43 31.13 33.32
N MET E 186 -17.30 32.09 33.63
CA MET E 186 -18.21 31.95 34.75
C MET E 186 -19.48 31.15 34.39
N LEU E 187 -19.91 31.27 33.13
CA LEU E 187 -21.14 30.64 32.68
C LEU E 187 -21.04 29.12 32.70
N LYS E 188 -19.82 28.61 32.65
CA LYS E 188 -19.66 27.16 32.54
C LYS E 188 -20.08 26.44 33.82
N LYS E 189 -20.34 27.19 34.89
CA LYS E 189 -20.85 26.60 36.12
C LYS E 189 -22.32 26.20 36.03
N ALA E 190 -23.03 26.74 35.06
CA ALA E 190 -24.46 26.45 34.91
C ALA E 190 -24.67 24.97 34.58
N PRO E 191 -25.72 24.37 35.17
CA PRO E 191 -26.06 22.97 34.86
C PRO E 191 -26.33 22.77 33.39
N GLY E 192 -25.81 21.67 32.82
CA GLY E 192 -26.11 21.35 31.44
C GLY E 192 -25.30 22.14 30.43
N PHE E 193 -24.33 22.90 30.92
CA PHE E 193 -23.42 23.62 30.05
C PHE E 193 -22.52 22.64 29.30
N LEU E 194 -22.49 22.71 27.98
CA LEU E 194 -21.73 21.74 27.18
C LEU E 194 -20.58 22.38 26.39
N GLY E 195 -20.34 23.67 26.60
CA GLY E 195 -19.25 24.34 25.93
C GLY E 195 -19.61 25.68 25.32
N ALA E 196 -18.60 26.47 25.01
CA ALA E 196 -18.80 27.77 24.37
C ALA E 196 -17.61 28.17 23.54
N MET E 197 -17.88 28.95 22.50
CA MET E 197 -16.81 29.55 21.76
C MET E 197 -17.26 30.88 21.22
N VAL E 198 -16.29 31.77 20.99
CA VAL E 198 -16.59 33.08 20.44
C VAL E 198 -15.95 33.21 19.07
N LEU E 199 -16.80 33.51 18.08
CA LEU E 199 -16.40 33.65 16.69
C LEU E 199 -16.38 35.12 16.32
N LYS E 200 -15.29 35.55 15.69
CA LYS E 200 -15.11 36.95 15.29
C LYS E 200 -15.01 37.00 13.77
N GLU E 201 -15.92 37.70 13.12
CA GLU E 201 -15.93 37.72 11.64
C GLU E 201 -14.63 38.33 11.06
N ILE E 202 -14.05 37.66 10.06
CA ILE E 202 -12.87 38.22 9.39
C ILE E 202 -13.17 38.60 7.93
N GLY E 203 -14.34 38.22 7.46
CA GLY E 203 -14.75 38.57 6.11
C GLY E 203 -15.87 37.69 5.62
N VAL E 204 -16.13 37.73 4.33
CA VAL E 204 -17.20 36.93 3.75
C VAL E 204 -16.69 36.26 2.48
N SER E 205 -17.03 34.99 2.31
CA SER E 205 -16.69 34.26 1.09
C SER E 205 -17.66 34.59 -0.05
N GLY E 206 -17.19 35.38 -1.02
CA GLY E 206 -18.00 35.70 -2.17
C GLY E 206 -18.44 34.45 -2.92
N ILE E 207 -17.51 33.51 -3.11
CA ILE E 207 -17.83 32.31 -3.87
C ILE E 207 -18.86 31.45 -3.11
N GLY E 208 -18.73 31.33 -1.80
CA GLY E 208 -19.69 30.56 -1.03
C GLY E 208 -21.04 31.24 -0.94
N SER E 209 -21.07 32.54 -1.21
CA SER E 209 -22.32 33.31 -1.11
C SER E 209 -22.97 33.50 -2.48
N MET E 210 -22.38 32.86 -3.48
CA MET E 210 -22.81 33.03 -4.87
C MET E 210 -22.89 34.50 -5.24
N GLN E 211 -21.93 35.28 -4.76
CA GLN E 211 -21.87 36.70 -5.04
C GLN E 211 -20.75 36.99 -6.03
N PHE E 212 -21.14 37.13 -7.29
CA PHE E 212 -20.21 37.39 -8.37
C PHE E 212 -20.38 38.81 -8.89
N GLY E 213 -19.54 39.19 -9.84
CA GLY E 213 -19.76 40.37 -10.63
C GLY E 213 -20.87 40.10 -11.63
N ALA E 214 -21.04 41.02 -12.58
CA ALA E 214 -22.09 40.92 -13.59
C ALA E 214 -22.05 39.60 -14.36
N LYS E 215 -20.87 39.18 -14.79
CA LYS E 215 -20.76 37.96 -15.58
C LYS E 215 -21.31 36.76 -14.83
N GLY E 216 -20.82 36.56 -13.61
CA GLY E 216 -21.24 35.43 -12.80
C GLY E 216 -22.70 35.51 -12.37
N PHE E 217 -23.16 36.73 -12.10
CA PHE E 217 -24.56 36.96 -11.75
C PHE E 217 -25.50 36.45 -12.84
N HIS E 218 -25.24 36.86 -14.08
CA HIS E 218 -26.05 36.39 -15.20
C HIS E 218 -25.95 34.87 -15.37
N GLN E 219 -24.76 34.31 -15.15
CA GLN E 219 -24.57 32.85 -15.26
C GLN E 219 -25.39 32.10 -14.21
N VAL E 220 -25.43 32.62 -12.99
CA VAL E 220 -26.24 32.04 -11.93
C VAL E 220 -27.73 32.08 -12.29
N LEU E 221 -28.21 33.26 -12.70
CA LEU E 221 -29.62 33.42 -13.02
C LEU E 221 -30.06 32.58 -14.22
N GLU E 222 -29.15 32.42 -15.17
CA GLU E 222 -29.48 31.76 -16.43
C GLU E 222 -29.22 30.26 -16.41
N ASN E 223 -28.62 29.78 -15.33
CA ASN E 223 -28.16 28.40 -15.24
C ASN E 223 -29.27 27.34 -15.34
N PRO E 224 -29.12 26.38 -16.27
CA PRO E 224 -30.04 25.24 -16.32
C PRO E 224 -29.77 24.23 -15.20
N GLY E 225 -28.64 24.38 -14.50
CA GLY E 225 -28.33 23.50 -13.38
C GLY E 225 -26.98 22.81 -13.47
N SER E 226 -26.47 22.69 -14.70
CA SER E 226 -25.26 21.92 -14.97
C SER E 226 -24.14 22.76 -15.60
N LEU E 227 -24.22 24.08 -15.48
CA LEU E 227 -23.21 24.97 -16.03
C LEU E 227 -22.76 25.98 -14.98
N GLU E 228 -21.59 25.77 -14.39
CA GLU E 228 -21.13 26.63 -13.30
C GLU E 228 -20.79 28.03 -13.79
N PRO E 229 -21.08 29.03 -12.96
CA PRO E 229 -20.61 30.39 -13.22
C PRO E 229 -19.08 30.42 -13.15
N ASP E 230 -18.47 31.43 -13.74
CA ASP E 230 -17.03 31.63 -13.65
C ASP E 230 -16.61 31.94 -12.20
N PRO E 231 -15.89 31.01 -11.57
CA PRO E 231 -15.52 31.22 -10.16
C PRO E 231 -14.53 32.36 -9.97
N ASN E 232 -13.86 32.77 -11.04
CA ASN E 232 -12.94 33.91 -11.01
C ASN E 232 -13.65 35.25 -11.10
N ASN E 233 -14.98 35.23 -11.22
CA ASN E 233 -15.73 36.48 -11.32
C ASN E 233 -16.18 36.99 -9.94
N VAL E 234 -15.63 36.42 -8.87
CA VAL E 234 -15.83 37.01 -7.55
C VAL E 234 -15.00 38.28 -7.47
N MET E 235 -15.64 39.39 -7.11
CA MET E 235 -15.03 40.70 -7.25
C MET E 235 -14.33 41.19 -5.98
N TYR E 236 -14.49 40.45 -4.88
CA TYR E 236 -13.84 40.85 -3.62
C TYR E 236 -13.19 39.69 -2.89
N SER E 237 -12.12 39.98 -2.17
CA SER E 237 -11.46 39.00 -1.34
C SER E 237 -12.23 38.87 -0.02
N VAL E 238 -11.96 37.82 0.73
CA VAL E 238 -12.67 37.61 2.00
C VAL E 238 -12.57 38.80 2.96
N PRO E 239 -11.34 39.30 3.24
CA PRO E 239 -11.25 40.44 4.18
C PRO E 239 -11.92 41.72 3.71
N GLU E 240 -12.04 41.93 2.40
CA GLU E 240 -12.71 43.12 1.88
C GLU E 240 -14.16 43.28 2.29
N ALA E 241 -14.81 42.16 2.63
CA ALA E 241 -16.22 42.18 3.01
C ALA E 241 -16.43 42.17 4.52
N LYS E 242 -15.35 42.20 5.30
CA LYS E 242 -15.49 42.21 6.75
C LYS E 242 -16.27 43.43 7.21
N ASN E 243 -17.27 43.21 8.05
CA ASN E 243 -18.14 44.28 8.48
C ASN E 243 -17.54 45.12 9.59
N THR E 244 -17.78 46.43 9.49
CA THR E 244 -17.64 47.34 10.62
C THR E 244 -19.00 48.04 10.73
N PRO E 245 -19.65 48.02 11.92
CA PRO E 245 -19.29 47.44 13.21
C PRO E 245 -18.91 45.95 13.16
N GLN E 246 -17.89 45.59 13.95
CA GLN E 246 -17.42 44.23 14.09
C GLN E 246 -18.51 43.27 14.56
N GLN E 247 -18.67 42.17 13.84
CA GLN E 247 -19.63 41.14 14.19
C GLN E 247 -18.97 39.98 14.91
N TYR E 248 -19.67 39.48 15.91
CA TYR E 248 -19.29 38.29 16.66
C TYR E 248 -20.45 37.31 16.76
N ILE E 249 -20.13 36.03 16.86
CA ILE E 249 -21.10 35.03 17.31
C ILE E 249 -20.62 34.46 18.64
N VAL E 250 -21.50 34.47 19.63
CA VAL E 250 -21.27 33.73 20.85
C VAL E 250 -22.09 32.45 20.80
N HIS E 251 -21.37 31.34 20.70
CA HIS E 251 -21.93 30.02 20.44
C HIS E 251 -21.83 29.19 21.71
N VAL E 252 -22.97 28.90 22.33
CA VAL E 252 -22.98 28.18 23.59
C VAL E 252 -23.86 26.96 23.49
N GLU E 253 -23.34 25.81 23.92
CA GLU E 253 -24.06 24.56 23.78
C GLU E 253 -24.62 24.06 25.12
N TRP E 254 -25.78 23.41 25.06
CA TRP E 254 -26.54 23.05 26.26
C TRP E 254 -27.21 21.68 26.15
N ALA E 255 -27.40 21.03 27.30
CA ALA E 255 -28.01 19.69 27.33
C ALA E 255 -29.42 19.66 26.75
N ASN E 256 -30.17 20.74 26.92
CA ASN E 256 -31.57 20.80 26.49
C ASN E 256 -32.04 22.26 26.55
N THR E 257 -33.24 22.55 26.05
CA THR E 257 -33.68 23.93 25.92
C THR E 257 -33.98 24.61 27.27
N ASP E 258 -34.37 23.85 28.29
CA ASP E 258 -34.52 24.41 29.64
C ASP E 258 -33.17 24.84 30.20
N ALA E 259 -32.18 23.97 30.11
CA ALA E 259 -30.83 24.32 30.56
C ALA E 259 -30.30 25.53 29.78
N LEU E 260 -30.65 25.60 28.50
CA LEU E 260 -30.29 26.77 27.68
C LEU E 260 -30.95 28.04 28.21
N MET E 261 -32.27 28.02 28.36
CA MET E 261 -32.97 29.21 28.78
C MET E 261 -32.49 29.74 30.14
N PHE E 262 -32.46 28.87 31.14
CA PHE E 262 -32.10 29.30 32.49
C PHE E 262 -30.60 29.43 32.67
N GLY E 263 -29.86 28.66 31.88
CA GLY E 263 -28.41 28.74 31.89
C GLY E 263 -27.90 30.02 31.28
N MET E 264 -28.36 30.35 30.07
CA MET E 264 -28.05 31.65 29.48
C MET E 264 -28.57 32.75 30.39
N GLY E 265 -29.72 32.49 31.00
CA GLY E 265 -30.32 33.44 31.91
C GLY E 265 -29.46 33.77 33.13
N ARG E 266 -28.49 32.92 33.41
CA ARG E 266 -27.58 33.14 34.55
C ARG E 266 -26.87 34.48 34.45
N VAL E 267 -26.67 34.98 33.22
CA VAL E 267 -26.00 36.27 33.06
C VAL E 267 -26.94 37.42 33.43
N LEU E 268 -28.24 37.13 33.62
CA LEU E 268 -29.18 38.13 34.09
C LEU E 268 -29.59 37.89 35.53
N LEU E 269 -29.52 36.63 35.98
CA LEU E 269 -30.16 36.24 37.24
C LEU E 269 -29.21 36.10 38.43
N TYR E 270 -27.93 35.90 38.14
CA TYR E 270 -26.90 35.75 39.15
C TYR E 270 -26.12 37.06 39.25
N PRO E 271 -26.31 37.81 40.37
CA PRO E 271 -25.78 39.18 40.47
C PRO E 271 -24.30 39.33 40.09
N GLU E 272 -23.44 38.43 40.57
CA GLU E 272 -22.02 38.53 40.26
C GLU E 272 -21.76 38.41 38.76
N LEU E 273 -22.44 37.47 38.10
CA LEU E 273 -22.24 37.27 36.67
C LEU E 273 -22.91 38.40 35.89
N ARG E 274 -24.03 38.89 36.40
CA ARG E 274 -24.73 40.00 35.77
C ARG E 274 -23.85 41.25 35.67
N GLN E 275 -23.06 41.53 36.71
CA GLN E 275 -22.15 42.68 36.72
C GLN E 275 -21.07 42.50 35.63
N VAL E 276 -20.57 41.29 35.49
CA VAL E 276 -19.55 40.98 34.47
C VAL E 276 -20.14 41.11 33.07
N HIS E 277 -21.30 40.53 32.85
CA HIS E 277 -21.91 40.53 31.53
C HIS E 277 -22.40 41.93 31.13
N ASP E 278 -22.70 42.79 32.11
CA ASP E 278 -23.08 44.17 31.81
C ASP E 278 -21.99 44.89 31.02
N GLU E 279 -20.72 44.52 31.23
CA GLU E 279 -19.62 45.09 30.48
C GLU E 279 -19.67 44.69 28.99
N VAL E 280 -20.20 43.52 28.70
CA VAL E 280 -20.44 43.12 27.32
C VAL E 280 -21.52 44.00 26.70
N LEU E 281 -22.63 44.14 27.43
CA LEU E 281 -23.79 44.85 26.92
C LEU E 281 -23.48 46.29 26.57
N ASP E 282 -22.57 46.91 27.32
CA ASP E 282 -22.24 48.31 27.07
C ASP E 282 -21.57 48.54 25.72
N THR E 283 -21.07 47.48 25.08
CA THR E 283 -20.28 47.64 23.87
C THR E 283 -21.06 47.47 22.58
N LEU E 284 -22.35 47.16 22.69
CA LEU E 284 -23.08 46.64 21.55
C LEU E 284 -23.75 47.71 20.71
N VAL E 285 -23.63 47.54 19.39
CA VAL E 285 -24.47 48.24 18.44
C VAL E 285 -25.76 47.43 18.23
N TYR E 286 -25.60 46.13 18.05
CA TYR E 286 -26.71 45.22 17.83
C TYR E 286 -26.59 44.00 18.72
N GLY E 287 -27.74 43.52 19.22
CA GLY E 287 -27.80 42.27 19.97
C GLY E 287 -27.86 42.48 21.47
N PRO E 288 -27.86 41.38 22.25
CA PRO E 288 -27.79 40.00 21.74
C PRO E 288 -29.11 39.51 21.13
N TYR E 289 -29.02 38.90 19.95
CA TYR E 289 -30.16 38.21 19.36
C TYR E 289 -29.79 36.72 19.32
N ILE E 290 -30.61 35.89 19.95
CA ILE E 290 -30.21 34.50 20.18
C ILE E 290 -31.11 33.51 19.47
N ARG E 291 -30.54 32.83 18.48
CA ARG E 291 -31.22 31.79 17.75
C ARG E 291 -30.99 30.46 18.44
N ILE E 292 -32.02 29.63 18.46
CA ILE E 292 -31.93 28.29 19.06
C ILE E 292 -31.68 27.29 17.93
N LEU E 293 -30.55 26.58 17.98
CA LEU E 293 -30.16 25.69 16.88
C LEU E 293 -30.07 24.24 17.30
N ASN E 294 -30.43 23.36 16.37
CA ASN E 294 -30.23 21.93 16.53
C ASN E 294 -29.08 21.47 15.62
N PRO E 295 -27.97 20.99 16.21
CA PRO E 295 -26.85 20.47 15.43
C PRO E 295 -27.13 19.04 14.96
N MET E 296 -27.71 18.89 13.77
CA MET E 296 -28.16 17.56 13.37
C MET E 296 -27.07 16.78 12.65
N MET E 297 -26.49 17.36 11.60
CA MET E 297 -25.47 16.66 10.84
C MET E 297 -24.11 17.24 11.19
N GLU E 298 -23.16 16.40 11.62
CA GLU E 298 -21.87 16.96 11.99
C GLU E 298 -20.72 15.98 11.82
N GLY E 299 -19.52 16.55 11.64
CA GLY E 299 -18.29 15.80 11.61
C GLY E 299 -17.57 16.12 12.90
N THR E 300 -17.74 15.29 13.91
CA THR E 300 -17.38 15.61 15.30
C THR E 300 -15.87 15.72 15.50
N PHE E 301 -15.11 15.24 14.53
CA PHE E 301 -13.66 15.24 14.63
C PHE E 301 -13.08 16.67 14.59
N TRP E 302 -13.89 17.68 14.28
CA TRP E 302 -13.38 19.03 14.34
C TRP E 302 -12.95 19.38 15.77
N ARG E 303 -13.62 18.77 16.75
CA ARG E 303 -13.28 19.03 18.15
C ARG E 303 -12.00 18.30 18.55
N GLU E 304 -11.66 17.23 17.83
CA GLU E 304 -10.38 16.56 18.06
C GLU E 304 -9.23 17.45 17.59
N TYR E 305 -9.40 18.09 16.44
CA TYR E 305 -8.41 19.04 15.96
C TYR E 305 -8.30 20.20 16.94
N LEU E 306 -9.45 20.70 17.38
CA LEU E 306 -9.47 21.81 18.32
C LEU E 306 -8.69 21.51 19.59
N ASN E 307 -8.94 20.34 20.18
CA ASN E 307 -8.39 20.03 21.48
C ASN E 307 -7.06 19.27 21.47
N GLU E 308 -6.53 19.00 20.27
CA GLU E 308 -5.22 18.36 20.20
C GLU E 308 -4.11 19.38 20.45
N PRO F 2 -24.46 -16.42 -35.22
CA PRO F 2 -23.55 -17.00 -34.22
C PRO F 2 -24.04 -16.70 -32.81
N LYS F 3 -23.45 -17.35 -31.80
CA LYS F 3 -23.80 -17.07 -30.42
C LYS F 3 -23.20 -15.75 -29.96
N PRO F 4 -24.05 -14.82 -29.50
CA PRO F 4 -23.50 -13.57 -28.94
C PRO F 4 -23.04 -13.78 -27.49
N TYR F 5 -22.30 -12.83 -26.94
CA TYR F 5 -22.05 -12.79 -25.50
C TYR F 5 -23.19 -12.01 -24.87
N VAL F 6 -23.43 -12.21 -23.58
CA VAL F 6 -24.55 -11.56 -22.90
C VAL F 6 -24.08 -10.81 -21.69
N ALA F 7 -24.41 -9.52 -21.61
CA ALA F 7 -24.23 -8.76 -20.37
C ALA F 7 -25.57 -8.65 -19.68
N ILE F 8 -25.63 -8.93 -18.38
CA ILE F 8 -26.90 -8.80 -17.68
C ILE F 8 -26.77 -7.78 -16.55
N ASN F 9 -27.40 -6.64 -16.76
CA ASN F 9 -27.43 -5.58 -15.76
C ASN F 9 -28.54 -5.85 -14.77
N MET F 10 -28.17 -6.02 -13.51
CA MET F 10 -29.10 -6.37 -12.44
C MET F 10 -29.23 -5.23 -11.44
N ALA F 11 -30.45 -4.96 -10.99
CA ALA F 11 -30.66 -3.93 -9.98
C ALA F 11 -31.97 -4.19 -9.26
N GLU F 12 -32.11 -3.58 -8.09
CA GLU F 12 -33.32 -3.68 -7.29
C GLU F 12 -33.76 -2.25 -7.00
N LEU F 13 -35.03 -1.94 -7.28
CA LEU F 13 -35.56 -0.59 -7.14
C LEU F 13 -36.89 -0.61 -6.42
N LYS F 14 -37.35 0.55 -5.96
CA LYS F 14 -38.64 0.63 -5.32
C LYS F 14 -39.76 0.24 -6.27
N ASN F 15 -40.69 -0.59 -5.78
CA ASN F 15 -41.85 -0.98 -6.57
C ASN F 15 -42.94 0.07 -6.48
N GLU F 16 -42.84 1.11 -7.30
CA GLU F 16 -43.83 2.17 -7.29
C GLU F 16 -43.93 2.79 -8.69
N PRO F 17 -45.01 3.56 -8.96
CA PRO F 17 -45.19 4.18 -10.27
C PRO F 17 -43.99 5.01 -10.74
N LYS F 18 -43.37 5.78 -9.85
CA LYS F 18 -42.25 6.62 -10.25
C LYS F 18 -41.11 5.82 -10.89
N THR F 19 -40.90 4.61 -10.39
CA THR F 19 -39.88 3.71 -10.93
C THR F 19 -40.22 3.32 -12.37
N PHE F 20 -41.47 2.97 -12.61
CA PHE F 20 -41.90 2.52 -13.93
C PHE F 20 -41.99 3.69 -14.91
N GLU F 21 -42.23 4.88 -14.39
CA GLU F 21 -42.25 6.07 -15.23
C GLU F 21 -40.86 6.33 -15.79
N MET F 22 -39.84 6.19 -14.96
CA MET F 22 -38.50 6.45 -15.47
C MET F 22 -37.98 5.29 -16.31
N PHE F 23 -38.54 4.10 -16.13
CA PHE F 23 -38.29 3.00 -17.06
C PHE F 23 -38.68 3.43 -18.48
N ALA F 24 -39.81 4.12 -18.59
CA ALA F 24 -40.34 4.51 -19.89
C ALA F 24 -39.54 5.66 -20.51
N SER F 25 -38.98 6.50 -19.65
CA SER F 25 -38.23 7.67 -20.08
C SER F 25 -36.76 7.36 -20.35
N VAL F 26 -36.12 6.70 -19.38
CA VAL F 26 -34.69 6.46 -19.41
C VAL F 26 -34.30 5.20 -20.19
N GLY F 27 -35.10 4.14 -20.03
CA GLY F 27 -34.83 2.88 -20.68
C GLY F 27 -34.54 2.98 -22.17
N PRO F 28 -35.46 3.59 -22.94
CA PRO F 28 -35.22 3.77 -24.38
C PRO F 28 -33.94 4.53 -24.67
N LYS F 29 -33.64 5.56 -23.87
CA LYS F 29 -32.42 6.34 -24.09
C LYS F 29 -31.18 5.48 -23.94
N VAL F 30 -31.11 4.70 -22.87
CA VAL F 30 -29.97 3.82 -22.66
C VAL F 30 -29.82 2.86 -23.83
N CYS F 31 -30.92 2.25 -24.26
CA CYS F 31 -30.88 1.31 -25.38
C CYS F 31 -30.39 1.98 -26.67
N MET F 32 -30.83 3.21 -26.91
CA MET F 32 -30.42 3.93 -28.12
C MET F 32 -28.91 4.24 -28.10
N VAL F 33 -28.40 4.56 -26.90
CA VAL F 33 -26.98 4.81 -26.74
C VAL F 33 -26.17 3.51 -26.96
N THR F 34 -26.62 2.39 -26.40
CA THR F 34 -25.87 1.14 -26.59
C THR F 34 -25.81 0.75 -28.06
N ALA F 35 -26.86 1.12 -28.80
CA ALA F 35 -26.94 0.79 -30.21
C ALA F 35 -25.98 1.61 -31.06
N ARG F 36 -25.22 2.50 -30.44
CA ARG F 36 -24.18 3.23 -31.15
C ARG F 36 -23.00 2.34 -31.56
N HIS F 37 -22.81 1.25 -30.84
CA HIS F 37 -21.66 0.37 -31.06
C HIS F 37 -22.02 -0.71 -32.06
N PRO F 38 -21.17 -0.92 -33.08
CA PRO F 38 -21.55 -1.86 -34.15
C PRO F 38 -21.57 -3.32 -33.67
N GLY F 39 -21.00 -3.60 -32.51
CA GLY F 39 -21.03 -4.94 -31.93
C GLY F 39 -22.32 -5.27 -31.18
N PHE F 40 -23.18 -4.28 -31.01
CA PHE F 40 -24.48 -4.48 -30.35
C PHE F 40 -25.43 -5.25 -31.26
N VAL F 41 -25.95 -6.39 -30.80
CA VAL F 41 -26.89 -7.10 -31.66
C VAL F 41 -28.29 -7.21 -31.07
N GLY F 42 -28.54 -6.56 -29.94
CA GLY F 42 -29.87 -6.49 -29.40
C GLY F 42 -29.96 -6.59 -27.89
N PHE F 43 -31.18 -6.69 -27.38
CA PHE F 43 -31.38 -6.66 -25.93
C PHE F 43 -32.71 -7.31 -25.54
N GLN F 44 -32.80 -7.71 -24.28
CA GLN F 44 -34.02 -8.28 -23.73
C GLN F 44 -34.06 -7.88 -22.26
N ASN F 45 -34.94 -6.94 -21.93
CA ASN F 45 -34.99 -6.39 -20.59
C ASN F 45 -36.14 -6.99 -19.80
N HIS F 46 -35.85 -7.44 -18.58
CA HIS F 46 -36.82 -8.16 -17.78
C HIS F 46 -37.13 -7.45 -16.48
N ILE F 47 -38.36 -7.64 -16.03
CA ILE F 47 -38.70 -7.37 -14.65
C ILE F 47 -38.99 -8.72 -13.99
N GLN F 48 -38.47 -8.95 -12.80
CA GLN F 48 -38.85 -10.14 -12.06
C GLN F 48 -40.28 -9.97 -11.53
N ILE F 49 -41.16 -10.91 -11.82
CA ILE F 49 -42.53 -10.81 -11.31
C ILE F 49 -42.76 -11.69 -10.08
N GLY F 50 -41.89 -12.66 -9.89
CA GLY F 50 -41.98 -13.54 -8.74
C GLY F 50 -40.87 -14.59 -8.68
N ILE F 51 -41.12 -15.62 -7.88
CA ILE F 51 -40.14 -16.67 -7.59
C ILE F 51 -40.87 -18.00 -7.66
N LEU F 52 -40.25 -19.00 -8.27
CA LEU F 52 -40.86 -20.34 -8.29
C LEU F 52 -40.78 -20.97 -6.91
N PRO F 53 -41.94 -21.28 -6.31
CA PRO F 53 -41.90 -21.73 -4.91
C PRO F 53 -41.43 -23.18 -4.70
N PHE F 54 -41.39 -24.00 -5.74
CA PHE F 54 -40.98 -25.42 -5.60
C PHE F 54 -41.83 -26.17 -4.59
N GLY F 55 -43.15 -26.10 -4.74
CA GLY F 55 -44.06 -26.64 -3.76
C GLY F 55 -44.19 -25.63 -2.64
N ASN F 56 -43.59 -25.92 -1.49
CA ASN F 56 -43.49 -24.90 -0.46
C ASN F 56 -42.07 -24.80 0.07
N ARG F 57 -41.10 -25.18 -0.74
CA ARG F 57 -39.70 -24.95 -0.43
C ARG F 57 -39.47 -23.45 -0.17
N TYR F 58 -40.00 -22.62 -1.06
CA TYR F 58 -40.09 -21.19 -0.81
C TYR F 58 -41.55 -20.84 -0.67
N GLY F 59 -42.14 -21.28 0.45
CA GLY F 59 -43.58 -21.15 0.66
C GLY F 59 -44.05 -19.71 0.81
N GLY F 60 -43.12 -18.80 1.03
CA GLY F 60 -43.45 -17.39 1.11
C GLY F 60 -43.52 -16.76 -0.28
N ALA F 61 -43.10 -17.50 -1.28
CA ALA F 61 -43.06 -16.95 -2.64
C ALA F 61 -44.27 -17.39 -3.45
N LYS F 62 -44.52 -16.67 -4.54
CA LYS F 62 -45.39 -17.16 -5.60
C LYS F 62 -44.88 -16.61 -6.92
N MET F 63 -45.40 -17.14 -8.02
CA MET F 63 -44.85 -16.79 -9.33
C MET F 63 -45.12 -15.35 -9.69
N ASP F 64 -46.21 -14.78 -9.17
CA ASP F 64 -46.48 -13.38 -9.38
C ASP F 64 -46.69 -12.69 -8.04
N MET F 65 -45.66 -11.98 -7.61
CA MET F 65 -45.65 -11.26 -6.35
C MET F 65 -45.71 -9.75 -6.55
N THR F 66 -46.03 -9.31 -7.78
CA THR F 66 -45.91 -7.89 -8.14
C THR F 66 -46.84 -6.96 -7.37
N LYS F 67 -48.00 -7.46 -7.01
CA LYS F 67 -49.00 -6.65 -6.30
C LYS F 67 -48.66 -6.47 -4.82
N GLU F 68 -47.79 -7.32 -4.29
CA GLU F 68 -47.47 -7.29 -2.87
C GLU F 68 -46.03 -6.84 -2.60
N SER F 69 -45.16 -6.97 -3.59
CA SER F 69 -43.75 -6.66 -3.33
C SER F 69 -43.44 -5.17 -3.20
N SER F 70 -42.54 -4.84 -2.27
CA SER F 70 -42.11 -3.46 -2.06
C SER F 70 -40.99 -3.08 -3.04
N THR F 71 -40.42 -4.07 -3.72
CA THR F 71 -39.33 -3.80 -4.65
C THR F 71 -39.56 -4.43 -6.01
N VAL F 72 -38.79 -4.00 -7.00
CA VAL F 72 -38.80 -4.66 -8.29
C VAL F 72 -37.38 -4.89 -8.75
N ARG F 73 -37.09 -6.12 -9.18
CA ARG F 73 -35.77 -6.44 -9.67
C ARG F 73 -35.79 -6.42 -11.19
N VAL F 74 -34.79 -5.79 -11.79
CA VAL F 74 -34.66 -5.77 -13.24
C VAL F 74 -33.42 -6.56 -13.64
N LEU F 75 -33.49 -7.22 -14.79
CA LEU F 75 -32.35 -7.96 -15.31
C LEU F 75 -32.33 -7.63 -16.77
N GLN F 76 -31.39 -6.76 -17.15
CA GLN F 76 -31.40 -6.24 -18.51
C GLN F 76 -30.31 -6.88 -19.32
N TYR F 77 -30.72 -7.73 -20.25
CA TYR F 77 -29.78 -8.44 -21.13
C TYR F 77 -29.39 -7.56 -22.30
N THR F 78 -28.10 -7.42 -22.54
CA THR F 78 -27.65 -6.86 -23.81
C THR F 78 -26.74 -7.88 -24.49
N PHE F 79 -26.88 -7.97 -25.80
CA PHE F 79 -26.17 -8.99 -26.59
C PHE F 79 -25.10 -8.40 -27.47
N TRP F 80 -23.96 -9.08 -27.54
CA TRP F 80 -22.76 -8.52 -28.14
C TRP F 80 -22.03 -9.55 -28.98
N LYS F 81 -21.52 -9.12 -30.12
CA LYS F 81 -20.70 -9.99 -30.96
C LYS F 81 -19.47 -10.50 -30.19
N ASP F 82 -18.82 -9.58 -29.48
CA ASP F 82 -17.66 -9.89 -28.64
C ASP F 82 -17.92 -9.14 -27.32
N TRP F 83 -17.66 -9.78 -26.18
CA TRP F 83 -17.96 -9.14 -24.90
C TRP F 83 -17.14 -7.86 -24.73
N LYS F 84 -16.01 -7.80 -25.41
CA LYS F 84 -15.17 -6.59 -25.36
C LYS F 84 -15.90 -5.41 -26.01
N ASP F 85 -16.83 -5.68 -26.92
CA ASP F 85 -17.68 -4.63 -27.49
C ASP F 85 -18.48 -3.91 -26.40
N HIS F 86 -18.97 -4.69 -25.45
CA HIS F 86 -19.76 -4.14 -24.35
C HIS F 86 -18.92 -3.16 -23.53
N GLU F 87 -17.70 -3.57 -23.23
CA GLU F 87 -16.79 -2.76 -22.43
C GLU F 87 -16.41 -1.48 -23.17
N GLU F 88 -16.15 -1.63 -24.47
CA GLU F 88 -15.80 -0.47 -25.30
C GLU F 88 -16.98 0.50 -25.44
N MET F 89 -18.18 -0.04 -25.64
CA MET F 89 -19.38 0.77 -25.77
C MET F 89 -19.54 1.67 -24.54
N HIS F 90 -19.40 1.07 -23.36
CA HIS F 90 -19.54 1.81 -22.10
C HIS F 90 -18.54 2.96 -22.00
N ARG F 91 -17.30 2.68 -22.36
CA ARG F 91 -16.25 3.69 -22.26
C ARG F 91 -16.43 4.77 -23.31
N GLN F 92 -16.75 4.37 -24.54
CA GLN F 92 -16.94 5.36 -25.61
C GLN F 92 -18.14 6.27 -25.40
N ASN F 93 -19.15 5.80 -24.69
CA ASN F 93 -20.38 6.55 -24.52
C ASN F 93 -20.67 6.87 -23.07
N TRP F 94 -19.59 6.94 -22.29
CA TRP F 94 -19.67 7.05 -20.84
C TRP F 94 -20.43 8.28 -20.37
N SER F 95 -20.22 9.43 -21.01
CA SER F 95 -20.87 10.67 -20.56
C SER F 95 -22.39 10.54 -20.65
N TYR F 96 -22.88 9.88 -21.69
CA TYR F 96 -24.33 9.65 -21.83
C TYR F 96 -24.83 8.60 -20.84
N LEU F 97 -24.22 7.41 -20.87
CA LEU F 97 -24.67 6.28 -20.06
C LEU F 97 -24.67 6.56 -18.56
N PHE F 98 -23.58 7.11 -18.06
CA PHE F 98 -23.53 7.36 -16.62
C PHE F 98 -24.61 8.36 -16.19
N ARG F 99 -24.80 9.43 -16.96
CA ARG F 99 -25.78 10.44 -16.59
C ARG F 99 -27.19 9.89 -16.73
N LEU F 100 -27.41 9.01 -17.70
CA LEU F 100 -28.71 8.38 -17.85
C LEU F 100 -29.02 7.45 -16.68
N CYS F 101 -28.10 6.53 -16.39
CA CYS F 101 -28.28 5.57 -15.32
C CYS F 101 -28.27 6.24 -13.96
N GLY F 102 -27.56 7.35 -13.87
CA GLY F 102 -27.52 8.14 -12.64
C GLY F 102 -28.88 8.68 -12.23
N SER F 103 -29.75 8.93 -13.21
CA SER F 103 -31.06 9.49 -12.93
C SER F 103 -32.01 8.49 -12.26
N CYS F 104 -31.57 7.24 -12.17
CA CYS F 104 -32.35 6.18 -11.53
C CYS F 104 -32.14 6.16 -10.02
N ALA F 105 -31.15 6.93 -9.58
CA ALA F 105 -30.64 6.86 -8.21
C ALA F 105 -31.72 6.93 -7.15
N SER F 106 -32.66 7.86 -7.31
CA SER F 106 -33.71 8.09 -6.30
C SER F 106 -34.58 6.85 -6.06
N GLN F 107 -34.53 5.87 -6.96
CA GLN F 107 -35.36 4.67 -6.85
C GLN F 107 -34.54 3.42 -6.49
N MET F 108 -33.22 3.54 -6.50
CA MET F 108 -32.33 2.39 -6.37
C MET F 108 -32.15 1.90 -4.95
N ILE F 109 -32.20 0.58 -4.77
CA ILE F 109 -31.94 -0.04 -3.46
C ILE F 109 -30.66 -0.90 -3.49
N TRP F 110 -30.41 -1.56 -4.62
CA TRP F 110 -29.21 -2.37 -4.80
C TRP F 110 -28.83 -2.40 -6.28
N GLY F 111 -27.53 -2.44 -6.55
CA GLY F 111 -27.04 -2.46 -7.92
C GLY F 111 -26.51 -1.11 -8.37
N PRO F 112 -26.12 -1.00 -9.65
CA PRO F 112 -26.18 -2.08 -10.64
C PRO F 112 -25.04 -3.08 -10.48
N TRP F 113 -25.28 -4.31 -10.92
CA TRP F 113 -24.29 -5.37 -10.91
C TRP F 113 -24.39 -6.06 -12.25
N GLU F 114 -23.28 -6.11 -13.01
CA GLU F 114 -23.41 -6.57 -14.39
C GLU F 114 -22.40 -7.67 -14.77
N PRO F 115 -22.71 -8.92 -14.43
CA PRO F 115 -21.92 -10.07 -14.87
C PRO F 115 -22.00 -10.21 -16.39
N ILE F 116 -20.98 -10.84 -16.97
CA ILE F 116 -20.93 -11.11 -18.40
C ILE F 116 -20.91 -12.62 -18.62
N TYR F 117 -21.61 -13.09 -19.64
CA TYR F 117 -21.76 -14.52 -19.87
C TYR F 117 -21.42 -14.93 -21.29
N GLU F 118 -20.92 -16.16 -21.42
CA GLU F 118 -20.89 -16.81 -22.72
C GLU F 118 -22.08 -17.75 -22.81
N ILE F 119 -22.63 -17.89 -24.00
CA ILE F 119 -23.71 -18.84 -24.25
C ILE F 119 -23.10 -20.18 -24.64
N ILE F 120 -23.31 -21.23 -23.85
CA ILE F 120 -22.70 -22.51 -24.18
C ILE F 120 -23.71 -23.46 -24.81
N TYR F 121 -24.97 -23.07 -24.78
CA TYR F 121 -26.03 -23.82 -25.44
C TYR F 121 -27.19 -22.89 -25.72
N ALA F 122 -27.74 -22.97 -26.92
CA ALA F 122 -28.90 -22.14 -27.23
C ALA F 122 -29.85 -22.85 -28.16
N ASN F 123 -31.11 -22.91 -27.73
CA ASN F 123 -32.21 -23.36 -28.57
C ASN F 123 -33.28 -22.30 -28.46
N MET F 124 -33.11 -21.21 -29.21
CA MET F 124 -33.95 -20.03 -29.06
C MET F 124 -34.44 -19.55 -30.42
N PRO F 125 -35.76 -19.46 -30.60
CA PRO F 125 -36.33 -19.04 -31.88
C PRO F 125 -36.38 -17.53 -32.02
N ILE F 126 -36.58 -17.04 -33.25
CA ILE F 126 -36.94 -15.64 -33.44
C ILE F 126 -38.31 -15.41 -32.80
N ASN F 127 -38.57 -14.18 -32.33
CA ASN F 127 -39.91 -13.82 -31.84
C ASN F 127 -40.86 -13.56 -32.99
N THR F 128 -42.12 -13.91 -32.80
CA THR F 128 -43.17 -13.54 -33.74
C THR F 128 -44.44 -13.18 -32.98
N GLU F 129 -45.18 -12.22 -33.50
CA GLU F 129 -46.52 -11.92 -32.98
C GLU F 129 -47.50 -12.90 -33.58
N MET F 130 -48.68 -13.04 -32.96
CA MET F 130 -49.71 -13.94 -33.49
C MET F 130 -50.15 -13.55 -34.91
N THR F 131 -49.87 -12.33 -35.33
CA THR F 131 -50.21 -11.88 -36.66
C THR F 131 -49.24 -12.41 -37.73
N ASP F 132 -48.08 -12.84 -37.29
CA ASP F 132 -46.99 -13.15 -38.22
C ASP F 132 -47.02 -14.56 -38.75
N PHE F 133 -47.67 -15.50 -38.04
CA PHE F 133 -47.37 -16.92 -38.26
C PHE F 133 -47.81 -17.41 -39.65
N THR F 134 -48.86 -16.81 -40.20
CA THR F 134 -49.32 -17.20 -41.54
C THR F 134 -48.24 -16.97 -42.59
N ALA F 135 -47.60 -15.79 -42.55
CA ALA F 135 -46.53 -15.45 -43.51
C ALA F 135 -45.29 -16.31 -43.28
N VAL F 136 -44.98 -16.57 -42.02
CA VAL F 136 -43.85 -17.43 -41.68
C VAL F 136 -44.06 -18.84 -42.23
N VAL F 137 -45.23 -19.41 -41.97
CA VAL F 137 -45.54 -20.72 -42.51
C VAL F 137 -45.43 -20.74 -44.04
N GLY F 138 -46.04 -19.75 -44.70
CA GLY F 138 -46.00 -19.65 -46.15
C GLY F 138 -44.59 -19.59 -46.73
N LYS F 139 -43.77 -18.73 -46.11
CA LYS F 139 -42.39 -18.53 -46.54
C LYS F 139 -41.56 -19.81 -46.37
N LYS F 140 -41.69 -20.47 -45.21
CA LYS F 140 -40.90 -21.70 -44.97
C LYS F 140 -41.31 -22.86 -45.87
N PHE F 141 -42.60 -23.03 -46.11
CA PHE F 141 -43.01 -24.09 -47.05
C PHE F 141 -42.58 -23.76 -48.49
N ALA F 142 -42.63 -22.48 -48.85
CA ALA F 142 -42.20 -22.06 -50.19
C ALA F 142 -40.72 -22.38 -50.42
N GLU F 143 -39.93 -22.30 -49.35
CA GLU F 143 -38.49 -22.57 -49.44
C GLU F 143 -38.16 -24.04 -49.23
N GLY F 144 -39.18 -24.86 -48.99
CA GLY F 144 -39.00 -26.27 -48.68
C GLY F 144 -38.37 -26.53 -47.33
N LYS F 145 -38.64 -25.67 -46.35
CA LYS F 145 -38.04 -25.83 -45.02
C LYS F 145 -39.06 -25.80 -43.87
N PRO F 146 -40.04 -26.73 -43.88
CA PRO F 146 -41.06 -26.72 -42.83
C PRO F 146 -40.48 -27.00 -41.44
N LEU F 147 -39.31 -27.63 -41.37
CA LEU F 147 -38.67 -27.88 -40.08
C LEU F 147 -38.18 -26.58 -39.44
N ASP F 148 -38.09 -25.52 -40.24
CA ASP F 148 -37.66 -24.24 -39.71
C ASP F 148 -38.83 -23.36 -39.23
N ILE F 149 -40.04 -23.90 -39.20
CA ILE F 149 -41.17 -23.15 -38.65
C ILE F 149 -41.10 -23.23 -37.13
N PRO F 150 -40.93 -22.08 -36.45
CA PRO F 150 -40.80 -22.10 -34.99
C PRO F 150 -42.12 -22.13 -34.24
N VAL F 151 -42.07 -22.38 -32.94
CA VAL F 151 -43.19 -22.06 -32.07
C VAL F 151 -43.41 -20.56 -32.16
N ILE F 152 -44.57 -20.11 -31.70
CA ILE F 152 -44.89 -18.69 -31.65
C ILE F 152 -44.41 -18.11 -30.32
N SER F 153 -43.28 -17.41 -30.35
CA SER F 153 -42.74 -16.79 -29.14
C SER F 153 -42.99 -15.28 -29.16
N GLN F 154 -44.05 -14.84 -28.48
CA GLN F 154 -44.51 -13.45 -28.60
C GLN F 154 -43.64 -12.47 -27.80
N PRO F 155 -43.25 -11.38 -28.46
CA PRO F 155 -42.38 -10.37 -27.84
C PRO F 155 -43.15 -9.44 -26.93
N TYR F 156 -42.43 -8.63 -26.17
CA TYR F 156 -42.98 -7.47 -25.44
C TYR F 156 -43.99 -7.88 -24.38
N GLY F 157 -43.55 -8.73 -23.45
CA GLY F 157 -44.32 -9.01 -22.27
C GLY F 157 -45.40 -10.07 -22.43
N LYS F 158 -45.40 -10.80 -23.55
CA LYS F 158 -46.47 -11.75 -23.81
C LYS F 158 -46.01 -13.21 -23.70
N ARG F 159 -44.98 -13.42 -22.90
CA ARG F 159 -44.52 -14.76 -22.53
C ARG F 159 -43.78 -14.58 -21.22
N VAL F 160 -43.27 -15.65 -20.64
CA VAL F 160 -42.56 -15.52 -19.37
C VAL F 160 -41.26 -16.32 -19.40
N VAL F 161 -40.34 -15.97 -18.50
CA VAL F 161 -39.03 -16.60 -18.46
C VAL F 161 -38.78 -17.25 -17.10
N ALA F 162 -38.26 -18.47 -17.12
CA ALA F 162 -37.71 -19.09 -15.93
C ALA F 162 -36.20 -18.82 -15.91
N PHE F 163 -35.73 -18.10 -14.90
CA PHE F 163 -34.33 -17.71 -14.78
C PHE F 163 -33.72 -18.54 -13.64
N ALA F 164 -33.05 -19.63 -13.99
CA ALA F 164 -32.60 -20.59 -12.97
C ALA F 164 -31.11 -20.43 -12.68
N GLU F 165 -30.82 -19.97 -11.46
CA GLU F 165 -29.45 -19.75 -11.00
C GLU F 165 -28.82 -21.04 -10.48
N HIS F 166 -27.59 -21.30 -10.92
CA HIS F 166 -26.79 -22.46 -10.51
C HIS F 166 -25.36 -22.04 -10.23
N SER F 167 -24.77 -22.58 -9.17
CA SER F 167 -23.32 -22.55 -9.01
C SER F 167 -22.79 -23.99 -8.84
N VAL F 168 -21.64 -24.26 -9.43
CA VAL F 168 -21.21 -25.64 -9.58
C VAL F 168 -19.91 -25.91 -8.82
N ILE F 169 -19.85 -27.07 -8.18
CA ILE F 169 -18.67 -27.54 -7.47
C ILE F 169 -17.46 -27.54 -8.40
N PRO F 170 -16.37 -26.88 -8.00
CA PRO F 170 -15.16 -26.86 -8.84
C PRO F 170 -14.73 -28.26 -9.20
N GLY F 171 -14.53 -28.51 -10.49
CA GLY F 171 -14.20 -29.83 -10.98
C GLY F 171 -15.40 -30.56 -11.56
N LYS F 172 -16.60 -30.03 -11.38
CA LYS F 172 -17.78 -30.72 -11.88
C LYS F 172 -18.47 -29.97 -13.03
N GLU F 173 -17.79 -28.96 -13.55
CA GLU F 173 -18.36 -28.13 -14.62
C GLU F 173 -18.74 -28.94 -15.86
N LYS F 174 -17.85 -29.85 -16.27
CA LYS F 174 -18.12 -30.69 -17.44
C LYS F 174 -19.35 -31.57 -17.21
N GLN F 175 -19.46 -32.18 -16.02
CA GLN F 175 -20.64 -32.98 -15.69
C GLN F 175 -21.90 -32.11 -15.72
N PHE F 176 -21.80 -30.91 -15.18
CA PHE F 176 -22.95 -30.00 -15.20
C PHE F 176 -23.39 -29.67 -16.62
N GLU F 177 -22.43 -29.27 -17.45
CA GLU F 177 -22.76 -28.79 -18.79
C GLU F 177 -23.33 -29.90 -19.66
N ASP F 178 -22.75 -31.10 -19.57
CA ASP F 178 -23.28 -32.24 -20.34
C ASP F 178 -24.70 -32.58 -19.91
N ALA F 179 -24.93 -32.64 -18.60
CA ALA F 179 -26.22 -33.06 -18.07
C ALA F 179 -27.30 -32.00 -18.31
N ILE F 180 -26.95 -30.72 -18.23
CA ILE F 180 -27.97 -29.68 -18.38
C ILE F 180 -28.37 -29.60 -19.85
N VAL F 181 -27.42 -29.85 -20.75
CA VAL F 181 -27.78 -29.84 -22.16
C VAL F 181 -28.70 -31.03 -22.50
N ARG F 182 -28.37 -32.20 -21.95
CA ARG F 182 -29.25 -33.36 -22.11
C ARG F 182 -30.64 -33.06 -21.55
N THR F 183 -30.68 -32.41 -20.39
CA THR F 183 -31.95 -32.05 -19.77
C THR F 183 -32.79 -31.14 -20.66
N LEU F 184 -32.18 -30.07 -21.17
CA LEU F 184 -32.91 -29.11 -21.99
C LEU F 184 -33.35 -29.69 -23.31
N GLU F 185 -32.57 -30.63 -23.84
CA GLU F 185 -32.94 -31.30 -25.09
C GLU F 185 -34.20 -32.14 -24.89
N MET F 186 -34.36 -32.68 -23.68
CA MET F 186 -35.57 -33.43 -23.37
C MET F 186 -36.71 -32.50 -22.95
N LEU F 187 -36.36 -31.38 -22.33
CA LEU F 187 -37.37 -30.47 -21.80
C LEU F 187 -38.19 -29.80 -22.90
N LYS F 188 -37.65 -29.75 -24.11
CA LYS F 188 -38.31 -29.01 -25.17
C LYS F 188 -39.62 -29.65 -25.62
N LYS F 189 -39.88 -30.89 -25.17
CA LYS F 189 -41.15 -31.57 -25.42
C LYS F 189 -42.34 -31.03 -24.60
N ALA F 190 -42.06 -30.31 -23.51
CA ALA F 190 -43.14 -29.81 -22.66
C ALA F 190 -43.99 -28.83 -23.44
N PRO F 191 -45.32 -28.88 -23.24
CA PRO F 191 -46.21 -27.92 -23.88
C PRO F 191 -45.82 -26.49 -23.51
N GLY F 192 -45.85 -25.58 -24.48
CA GLY F 192 -45.61 -24.16 -24.21
C GLY F 192 -44.16 -23.78 -24.04
N PHE F 193 -43.25 -24.73 -24.31
CA PHE F 193 -41.81 -24.47 -24.30
C PHE F 193 -41.44 -23.57 -25.49
N LEU F 194 -40.78 -22.46 -25.19
CA LEU F 194 -40.49 -21.46 -26.22
C LEU F 194 -39.00 -21.28 -26.47
N GLY F 195 -38.18 -22.11 -25.84
CA GLY F 195 -36.75 -22.02 -26.04
C GLY F 195 -35.97 -22.04 -24.75
N ALA F 196 -34.69 -22.36 -24.84
CA ALA F 196 -33.81 -22.35 -23.68
C ALA F 196 -32.38 -22.03 -24.08
N MET F 197 -31.64 -21.44 -23.17
CA MET F 197 -30.20 -21.28 -23.35
C MET F 197 -29.49 -21.37 -22.01
N VAL F 198 -28.22 -21.75 -22.05
CA VAL F 198 -27.41 -21.85 -20.86
C VAL F 198 -26.31 -20.81 -20.93
N LEU F 199 -26.27 -19.96 -19.91
CA LEU F 199 -25.30 -18.89 -19.81
C LEU F 199 -24.25 -19.24 -18.77
N LYS F 200 -22.98 -19.07 -19.14
CA LYS F 200 -21.86 -19.37 -18.26
C LYS F 200 -21.06 -18.09 -17.98
N GLU F 201 -20.95 -17.71 -16.71
CA GLU F 201 -20.29 -16.46 -16.37
C GLU F 201 -18.81 -16.47 -16.79
N ILE F 202 -18.37 -15.38 -17.43
CA ILE F 202 -16.97 -15.26 -17.79
C ILE F 202 -16.31 -14.13 -17.00
N GLY F 203 -17.13 -13.34 -16.31
CA GLY F 203 -16.61 -12.26 -15.52
C GLY F 203 -17.66 -11.24 -15.16
N VAL F 204 -17.20 -10.07 -14.73
CA VAL F 204 -18.10 -8.97 -14.34
C VAL F 204 -17.57 -7.65 -14.88
N SER F 205 -18.47 -6.85 -15.44
CA SER F 205 -18.10 -5.52 -15.91
C SER F 205 -18.03 -4.51 -14.76
N GLY F 206 -16.81 -4.11 -14.40
CA GLY F 206 -16.61 -3.11 -13.36
C GLY F 206 -17.31 -1.81 -13.71
N ILE F 207 -17.14 -1.36 -14.95
CA ILE F 207 -17.73 -0.08 -15.34
C ILE F 207 -19.27 -0.15 -15.36
N GLY F 208 -19.83 -1.26 -15.82
CA GLY F 208 -21.27 -1.43 -15.85
C GLY F 208 -21.86 -1.62 -14.46
N SER F 209 -21.01 -1.97 -13.50
CA SER F 209 -21.44 -2.18 -12.11
C SER F 209 -21.13 -0.98 -11.23
N MET F 210 -20.64 0.11 -11.84
CA MET F 210 -20.21 1.29 -11.09
C MET F 210 -19.24 0.93 -9.98
N GLN F 211 -18.35 -0.01 -10.28
CA GLN F 211 -17.34 -0.45 -9.31
C GLN F 211 -15.97 0.07 -9.73
N PHE F 212 -15.59 1.20 -9.15
CA PHE F 212 -14.34 1.86 -9.47
C PHE F 212 -13.35 1.73 -8.33
N GLY F 213 -12.14 2.26 -8.53
CA GLY F 213 -11.21 2.43 -7.43
C GLY F 213 -11.71 3.57 -6.56
N ALA F 214 -10.87 3.99 -5.61
CA ALA F 214 -11.26 5.06 -4.68
C ALA F 214 -11.75 6.31 -5.40
N LYS F 215 -11.01 6.71 -6.43
CA LYS F 215 -11.32 7.97 -7.11
C LYS F 215 -12.72 7.94 -7.71
N GLY F 216 -13.02 6.89 -8.47
CA GLY F 216 -14.34 6.77 -9.08
C GLY F 216 -15.45 6.60 -8.05
N PHE F 217 -15.16 5.89 -6.97
CA PHE F 217 -16.13 5.70 -5.89
C PHE F 217 -16.58 7.05 -5.33
N HIS F 218 -15.63 7.92 -5.01
CA HIS F 218 -15.99 9.26 -4.51
C HIS F 218 -16.75 10.07 -5.55
N GLN F 219 -16.36 9.95 -6.81
CA GLN F 219 -17.06 10.67 -7.88
C GLN F 219 -18.51 10.20 -8.02
N VAL F 220 -18.73 8.90 -7.86
CA VAL F 220 -20.08 8.37 -7.88
C VAL F 220 -20.94 8.92 -6.72
N LEU F 221 -20.41 8.85 -5.50
CA LEU F 221 -21.16 9.30 -4.32
C LEU F 221 -21.40 10.80 -4.34
N GLU F 222 -20.43 11.54 -4.87
CA GLU F 222 -20.49 13.00 -4.79
C GLU F 222 -21.20 13.62 -6.00
N ASN F 223 -21.59 12.79 -6.97
CA ASN F 223 -22.11 13.28 -8.24
C ASN F 223 -23.42 14.08 -8.13
N PRO F 224 -23.43 15.30 -8.69
CA PRO F 224 -24.69 16.06 -8.76
C PRO F 224 -25.64 15.55 -9.84
N GLY F 225 -25.14 14.70 -10.74
CA GLY F 225 -25.97 14.11 -11.77
C GLY F 225 -25.40 14.32 -13.17
N SER F 226 -24.56 15.34 -13.33
CA SER F 226 -24.06 15.69 -14.65
C SER F 226 -22.52 15.63 -14.74
N LEU F 227 -21.89 14.93 -13.81
CA LEU F 227 -20.43 14.78 -13.81
C LEU F 227 -20.00 13.33 -13.68
N GLU F 228 -19.55 12.74 -14.79
CA GLU F 228 -19.18 11.33 -14.79
C GLU F 228 -17.91 11.04 -14.00
N PRO F 229 -17.86 9.89 -13.32
CA PRO F 229 -16.61 9.41 -12.73
C PRO F 229 -15.59 9.11 -13.83
N ASP F 230 -14.31 9.07 -13.47
CA ASP F 230 -13.25 8.69 -14.41
C ASP F 230 -13.43 7.23 -14.83
N PRO F 231 -13.80 7.00 -16.11
CA PRO F 231 -14.07 5.65 -16.60
C PRO F 231 -12.81 4.79 -16.65
N ASN F 232 -11.64 5.43 -16.57
CA ASN F 232 -10.35 4.74 -16.55
C ASN F 232 -9.99 4.23 -15.14
N ASN F 233 -10.83 4.53 -14.17
CA ASN F 233 -10.55 4.14 -12.78
C ASN F 233 -11.15 2.77 -12.40
N VAL F 234 -11.53 1.96 -13.38
CA VAL F 234 -11.91 0.59 -13.05
C VAL F 234 -10.66 -0.26 -12.81
N MET F 235 -10.59 -0.94 -11.68
CA MET F 235 -9.34 -1.57 -11.24
C MET F 235 -9.19 -3.05 -11.63
N TYR F 236 -10.22 -3.64 -12.23
CA TYR F 236 -10.14 -5.03 -12.62
C TYR F 236 -10.73 -5.28 -13.99
N SER F 237 -10.20 -6.28 -14.68
CA SER F 237 -10.74 -6.72 -15.96
C SER F 237 -11.96 -7.61 -15.76
N VAL F 238 -12.74 -7.80 -16.80
CA VAL F 238 -13.93 -8.65 -16.72
C VAL F 238 -13.56 -10.06 -16.21
N PRO F 239 -12.55 -10.75 -16.83
CA PRO F 239 -12.24 -12.09 -16.33
C PRO F 239 -11.69 -12.15 -14.88
N GLU F 240 -11.04 -11.11 -14.39
CA GLU F 240 -10.55 -11.11 -13.01
C GLU F 240 -11.68 -11.23 -11.98
N ALA F 241 -12.90 -10.86 -12.37
CA ALA F 241 -14.00 -10.91 -11.41
C ALA F 241 -14.84 -12.17 -11.54
N LYS F 242 -14.47 -13.06 -12.46
CA LYS F 242 -15.23 -14.29 -12.65
C LYS F 242 -15.25 -15.13 -11.38
N ASN F 243 -16.44 -15.57 -10.99
CA ASN F 243 -16.58 -16.31 -9.76
C ASN F 243 -16.18 -17.78 -9.88
N THR F 244 -15.53 -18.26 -8.83
CA THR F 244 -15.43 -19.69 -8.53
C THR F 244 -15.99 -19.85 -7.12
N PRO F 245 -16.97 -20.76 -6.92
CA PRO F 245 -17.64 -21.68 -7.85
C PRO F 245 -18.23 -21.00 -9.09
N GLN F 246 -18.09 -21.69 -10.21
CA GLN F 246 -18.60 -21.27 -11.50
C GLN F 246 -20.10 -21.04 -11.47
N GLN F 247 -20.54 -19.89 -11.95
CA GLN F 247 -21.96 -19.56 -12.00
C GLN F 247 -22.54 -19.80 -13.40
N TYR F 248 -23.76 -20.34 -13.42
CA TYR F 248 -24.52 -20.52 -14.65
C TYR F 248 -25.92 -19.96 -14.49
N ILE F 249 -26.48 -19.48 -15.59
CA ILE F 249 -27.92 -19.21 -15.66
C ILE F 249 -28.52 -20.19 -16.66
N VAL F 250 -29.54 -20.92 -16.22
CA VAL F 250 -30.35 -21.68 -17.17
C VAL F 250 -31.62 -20.89 -17.43
N HIS F 251 -31.73 -20.39 -18.66
CA HIS F 251 -32.79 -19.47 -19.08
C HIS F 251 -33.77 -20.21 -19.97
N VAL F 252 -35.00 -20.41 -19.49
CA VAL F 252 -36.00 -21.17 -20.24
C VAL F 252 -37.26 -20.32 -20.39
N GLU F 253 -37.79 -20.25 -21.61
CA GLU F 253 -38.95 -19.42 -21.90
C GLU F 253 -40.21 -20.26 -22.10
N TRP F 254 -41.35 -19.71 -21.70
CA TRP F 254 -42.60 -20.44 -21.64
C TRP F 254 -43.80 -19.59 -22.07
N ALA F 255 -44.83 -20.25 -22.58
CA ALA F 255 -46.05 -19.56 -23.04
C ALA F 255 -46.74 -18.78 -21.94
N ASN F 256 -46.67 -19.30 -20.72
CA ASN F 256 -47.38 -18.71 -19.58
C ASN F 256 -46.86 -19.31 -18.29
N THR F 257 -47.28 -18.77 -17.14
CA THR F 257 -46.70 -19.25 -15.88
C THR F 257 -47.13 -20.66 -15.51
N ASP F 258 -48.31 -21.11 -15.93
CA ASP F 258 -48.66 -22.52 -15.70
C ASP F 258 -47.76 -23.45 -16.52
N ALA F 259 -47.57 -23.13 -17.79
CA ALA F 259 -46.69 -23.95 -18.63
C ALA F 259 -45.27 -23.96 -18.06
N LEU F 260 -44.85 -22.82 -17.51
CA LEU F 260 -43.55 -22.72 -16.82
C LEU F 260 -43.49 -23.66 -15.61
N MET F 261 -44.48 -23.53 -14.71
CA MET F 261 -44.46 -24.33 -13.48
C MET F 261 -44.41 -25.83 -13.76
N PHE F 262 -45.34 -26.30 -14.59
CA PHE F 262 -45.42 -27.74 -14.85
C PHE F 262 -44.38 -28.19 -15.88
N GLY F 263 -43.98 -27.30 -16.77
CA GLY F 263 -42.94 -27.62 -17.74
C GLY F 263 -41.58 -27.77 -17.09
N MET F 264 -41.16 -26.77 -16.31
CA MET F 264 -39.94 -26.92 -15.53
C MET F 264 -40.08 -28.12 -14.60
N GLY F 265 -41.30 -28.35 -14.12
CA GLY F 265 -41.60 -29.45 -13.23
C GLY F 265 -41.38 -30.82 -13.85
N ARG F 266 -41.35 -30.87 -15.18
CA ARG F 266 -41.13 -32.13 -15.90
C ARG F 266 -39.82 -32.81 -15.47
N VAL F 267 -38.85 -32.01 -15.05
CA VAL F 267 -37.57 -32.58 -14.62
C VAL F 267 -37.69 -33.26 -13.25
N LEU F 268 -38.81 -33.06 -12.57
CA LEU F 268 -39.06 -33.75 -11.31
C LEU F 268 -40.13 -34.84 -11.48
N LEU F 269 -41.01 -34.65 -12.46
CA LEU F 269 -42.24 -35.43 -12.54
C LEU F 269 -42.22 -36.56 -13.57
N TYR F 270 -41.37 -36.45 -14.58
CA TYR F 270 -41.23 -37.46 -15.63
C TYR F 270 -39.99 -38.31 -15.34
N PRO F 271 -40.19 -39.57 -14.90
CA PRO F 271 -39.05 -40.35 -14.37
C PRO F 271 -37.82 -40.36 -15.27
N GLU F 272 -38.01 -40.52 -16.57
CA GLU F 272 -36.87 -40.60 -17.50
C GLU F 272 -36.05 -39.31 -17.43
N LEU F 273 -36.73 -38.17 -17.40
CA LEU F 273 -36.04 -36.87 -17.35
C LEU F 273 -35.48 -36.59 -15.97
N ARG F 274 -36.20 -37.03 -14.94
CA ARG F 274 -35.74 -36.86 -13.56
C ARG F 274 -34.37 -37.53 -13.39
N GLN F 275 -34.19 -38.70 -14.01
CA GLN F 275 -32.92 -39.40 -13.92
C GLN F 275 -31.79 -38.60 -14.56
N VAL F 276 -32.08 -37.99 -15.70
CA VAL F 276 -31.08 -37.17 -16.39
C VAL F 276 -30.74 -35.93 -15.58
N HIS F 277 -31.78 -35.26 -15.09
CA HIS F 277 -31.58 -34.01 -14.37
C HIS F 277 -30.93 -34.23 -13.00
N ASP F 278 -31.08 -35.43 -12.44
CA ASP F 278 -30.38 -35.72 -11.18
C ASP F 278 -28.87 -35.56 -11.33
N GLU F 279 -28.36 -35.80 -12.54
CA GLU F 279 -26.93 -35.60 -12.79
C GLU F 279 -26.54 -34.13 -12.67
N VAL F 280 -27.46 -33.22 -13.00
CA VAL F 280 -27.21 -31.80 -12.79
C VAL F 280 -27.15 -31.52 -11.28
N LEU F 281 -28.14 -32.02 -10.56
CA LEU F 281 -28.29 -31.70 -9.14
C LEU F 281 -27.07 -32.12 -8.33
N ASP F 282 -26.43 -33.22 -8.73
CA ASP F 282 -25.27 -33.72 -8.02
C ASP F 282 -24.05 -32.81 -8.09
N THR F 283 -24.06 -31.86 -9.02
CA THR F 283 -22.90 -31.00 -9.24
C THR F 283 -22.96 -29.63 -8.51
N LEU F 284 -24.06 -29.33 -7.83
CA LEU F 284 -24.32 -27.93 -7.44
C LEU F 284 -23.76 -27.54 -6.07
N VAL F 285 -23.20 -26.35 -6.00
CA VAL F 285 -22.93 -25.70 -4.72
C VAL F 285 -24.18 -24.92 -4.29
N TYR F 286 -24.76 -24.21 -5.26
CA TYR F 286 -25.97 -23.42 -5.01
C TYR F 286 -27.04 -23.64 -6.07
N GLY F 287 -28.30 -23.66 -5.64
CA GLY F 287 -29.39 -23.72 -6.59
C GLY F 287 -29.97 -25.10 -6.74
N PRO F 288 -30.94 -25.27 -7.66
CA PRO F 288 -31.45 -24.19 -8.52
C PRO F 288 -32.36 -23.19 -7.80
N TYR F 289 -32.12 -21.90 -8.03
CA TYR F 289 -33.03 -20.88 -7.56
C TYR F 289 -33.64 -20.22 -8.79
N ILE F 290 -34.98 -20.24 -8.87
CA ILE F 290 -35.64 -19.86 -10.11
C ILE F 290 -36.52 -18.61 -9.95
N ARG F 291 -36.09 -17.54 -10.62
CA ARG F 291 -36.82 -16.28 -10.68
C ARG F 291 -37.77 -16.30 -11.87
N ILE F 292 -38.96 -15.74 -11.70
CA ILE F 292 -39.93 -15.66 -12.79
C ILE F 292 -39.83 -14.27 -13.41
N LEU F 293 -39.49 -14.20 -14.70
CA LEU F 293 -39.25 -12.91 -15.36
C LEU F 293 -40.22 -12.61 -16.49
N ASN F 294 -40.56 -11.33 -16.61
CA ASN F 294 -41.34 -10.86 -17.74
C ASN F 294 -40.44 -10.04 -18.68
N PRO F 295 -40.23 -10.55 -19.91
CA PRO F 295 -39.43 -9.81 -20.90
C PRO F 295 -40.27 -8.70 -21.54
N MET F 296 -40.18 -7.49 -21.00
CA MET F 296 -41.08 -6.43 -21.43
C MET F 296 -40.55 -5.62 -22.58
N MET F 297 -39.34 -5.08 -22.42
CA MET F 297 -38.75 -4.26 -23.47
C MET F 297 -37.64 -5.06 -24.14
N GLU F 298 -37.69 -5.18 -25.46
CA GLU F 298 -36.65 -5.98 -26.11
C GLU F 298 -36.41 -5.58 -27.55
N GLY F 299 -35.19 -5.86 -28.00
CA GLY F 299 -34.80 -5.70 -29.39
C GLY F 299 -34.65 -7.11 -29.92
N THR F 300 -35.70 -7.60 -30.56
CA THR F 300 -35.84 -9.03 -30.83
C THR F 300 -34.83 -9.52 -31.87
N PHE F 301 -34.19 -8.59 -32.56
CA PHE F 301 -33.25 -8.94 -33.63
C PHE F 301 -31.99 -9.65 -33.09
N TRP F 302 -31.82 -9.71 -31.76
CA TRP F 302 -30.69 -10.49 -31.23
C TRP F 302 -30.84 -11.97 -31.62
N ARG F 303 -32.07 -12.44 -31.74
CA ARG F 303 -32.31 -13.81 -32.13
C ARG F 303 -32.06 -14.02 -33.62
N GLU F 304 -32.16 -12.96 -34.40
CA GLU F 304 -31.82 -13.04 -35.83
C GLU F 304 -30.32 -13.24 -35.98
N TYR F 305 -29.53 -12.52 -35.18
CA TYR F 305 -28.08 -12.70 -35.16
C TYR F 305 -27.73 -14.12 -34.72
N LEU F 306 -28.40 -14.58 -33.67
CA LEU F 306 -28.19 -15.94 -33.13
C LEU F 306 -28.42 -17.03 -34.16
N ASN F 307 -29.55 -16.96 -34.84
CA ASN F 307 -29.99 -18.06 -35.71
C ASN F 307 -29.59 -17.88 -37.16
N GLU F 308 -28.96 -16.75 -37.46
CA GLU F 308 -28.47 -16.45 -38.80
C GLU F 308 -29.56 -16.54 -39.87
FE FE G . 14.65 16.05 6.24
FE FE H . -25.68 -23.61 10.76
FE FE I . 6.78 -10.34 -19.13
FE FE J . 44.10 -3.75 16.69
FE FE K . -18.34 27.22 1.97
FE FE L . -23.67 -2.77 -19.59
#